data_6KZV
# 
_entry.id   6KZV 
# 
_audit_conform.dict_name       mmcif_pdbx.dic 
_audit_conform.dict_version    5.380 
_audit_conform.dict_location   http://mmcif.pdb.org/dictionaries/ascii/mmcif_pdbx.dic 
# 
loop_
_database_2.database_id 
_database_2.database_code 
_database_2.pdbx_database_accession 
_database_2.pdbx_DOI 
PDB   6KZV         pdb_00006kzv 10.2210/pdb6kzv/pdb 
WWPDB D_1300013598 ?            ?                   
# 
_pdbx_database_status.status_code                     REL 
_pdbx_database_status.status_code_sf                  REL 
_pdbx_database_status.status_code_mr                  ? 
_pdbx_database_status.entry_id                        6KZV 
_pdbx_database_status.recvd_initial_deposition_date   2019-09-25 
_pdbx_database_status.SG_entry                        N 
_pdbx_database_status.deposit_site                    PDBJ 
_pdbx_database_status.process_site                    PDBJ 
_pdbx_database_status.status_code_cs                  ? 
_pdbx_database_status.methods_development_category    ? 
_pdbx_database_status.pdb_format_compatible           Y 
_pdbx_database_status.status_code_nmr_data            ? 
# 
loop_
_audit_author.name 
_audit_author.pdbx_ordinal 
_audit_author.identifier_ORCID 
'Mima, M.'     1 0000-0003-2336-9129 
'Ushiyama, F.' 2 0000-0003-3122-8625 
# 
_citation.abstract                  ? 
_citation.abstract_id_CAS           ? 
_citation.book_id_ISBN              ? 
_citation.book_publisher            ? 
_citation.book_publisher_city       ? 
_citation.book_title                ? 
_citation.coordinate_linkage        ? 
_citation.country                   US 
_citation.database_id_Medline       ? 
_citation.details                   ? 
_citation.id                        primary 
_citation.journal_abbrev            'Acs Omega' 
_citation.journal_id_ASTM           ? 
_citation.journal_id_CSD            ? 
_citation.journal_id_ISSN           2470-1343 
_citation.journal_full              ? 
_citation.journal_issue             ? 
_citation.journal_volume            5 
_citation.language                  ? 
_citation.page_first                10145 
_citation.page_last                 10159 
_citation.title                     
;Lead Identification of 8-(Methylamino)-2-oxo-1,2-dihydroquinoline Derivatives as DNA Gyrase Inhibitors: Hit-to-Lead Generation Involving Thermodynamic Evaluation.
;
_citation.year                      2020 
_citation.database_id_CSD           ? 
_citation.pdbx_database_id_DOI      10.1021/acsomega.0c00865 
_citation.pdbx_database_id_PubMed   32391502 
_citation.unpublished_flag          ? 
# 
loop_
_citation_author.citation_id 
_citation_author.name 
_citation_author.ordinal 
_citation_author.identifier_ORCID 
primary 'Ushiyama, F.'        1  ? 
primary 'Amada, H.'           2  ? 
primary 'Takeuchi, T.'        3  ? 
primary 'Tanaka-Yamamoto, N.' 4  ? 
primary 'Kanazawa, H.'        5  ? 
primary 'Nakano, K.'          6  ? 
primary 'Mima, M.'            7  ? 
primary 'Masuko, A.'          8  ? 
primary 'Takata, I.'          9  ? 
primary 'Hitaka, K.'          10 ? 
primary 'Iwamoto, K.'         11 ? 
primary 'Sugiyama, H.'        12 ? 
primary 'Ohtake, N.'          13 ? 
# 
_cell.angle_alpha                  90.00 
_cell.angle_alpha_esd              ? 
_cell.angle_beta                   90.00 
_cell.angle_beta_esd               ? 
_cell.angle_gamma                  90.00 
_cell.angle_gamma_esd              ? 
_cell.entry_id                     6KZV 
_cell.details                      ? 
_cell.formula_units_Z              ? 
_cell.length_a                     53.444 
_cell.length_a_esd                 ? 
_cell.length_b                     53.444 
_cell.length_b_esd                 ? 
_cell.length_c                     67.884 
_cell.length_c_esd                 ? 
_cell.volume                       ? 
_cell.volume_esd                   ? 
_cell.Z_PDB                        4 
_cell.reciprocal_angle_alpha       ? 
_cell.reciprocal_angle_beta        ? 
_cell.reciprocal_angle_gamma       ? 
_cell.reciprocal_angle_alpha_esd   ? 
_cell.reciprocal_angle_beta_esd    ? 
_cell.reciprocal_angle_gamma_esd   ? 
_cell.reciprocal_length_a          ? 
_cell.reciprocal_length_b          ? 
_cell.reciprocal_length_c          ? 
_cell.reciprocal_length_a_esd      ? 
_cell.reciprocal_length_b_esd      ? 
_cell.reciprocal_length_c_esd      ? 
_cell.pdbx_unique_axis             ? 
# 
_symmetry.entry_id                         6KZV 
_symmetry.cell_setting                     ? 
_symmetry.Int_Tables_number                76 
_symmetry.space_group_name_Hall            ? 
_symmetry.space_group_name_H-M             'P 41' 
_symmetry.pdbx_full_space_group_name_H-M   ? 
# 
loop_
_entity.id 
_entity.type 
_entity.src_method 
_entity.pdbx_description 
_entity.formula_weight 
_entity.pdbx_number_of_molecules 
_entity.pdbx_ec 
_entity.pdbx_mutation 
_entity.pdbx_fragment 
_entity.details 
1 polymer     man 'DNA gyrase subunit B'                                                                           24191.182 1  
5.6.2.2 ? ? ? 
2 non-polymer syn '~{N}-[2-[[cyclohexyl(methyl)amino]methyl]phenyl]-2-oxidanylidene-1~{H}-quinoline-3-carboxamide' 389.490   1  ? 
? ? ? 
3 water       nat water                                                                                            18.015    21 ? 
? ? ? 
# 
_entity_poly.entity_id                      1 
_entity_poly.type                           'polypeptide(L)' 
_entity_poly.nstd_linkage                   no 
_entity_poly.nstd_monomer                   no 
_entity_poly.pdbx_seq_one_letter_code       
;MSNSYDSSSIKVLKGLDAVRKRPGMYIGDTDDGTGLHHMVFEVVDNAIDEALAGHCKEIIVTIHADNSVSVQDDGRGIPT
GIHPEEGVSAAEVIMTVLHAGGKFDDNSYKVSGGLHGVGVSVVNALSQKLELVIQREGKIHRQIYEHGVPQAPLAVTGET
EKTGTMVRFWPSLETFTNVTEFEYEILAKRLRELSFLNSGVSIRLRDKRDGKEDHFHYEG
;
_entity_poly.pdbx_seq_one_letter_code_can   
;MSNSYDSSSIKVLKGLDAVRKRPGMYIGDTDDGTGLHHMVFEVVDNAIDEALAGHCKEIIVTIHADNSVSVQDDGRGIPT
GIHPEEGVSAAEVIMTVLHAGGKFDDNSYKVSGGLHGVGVSVVNALSQKLELVIQREGKIHRQIYEHGVPQAPLAVTGET
EKTGTMVRFWPSLETFTNVTEFEYEILAKRLRELSFLNSGVSIRLRDKRDGKEDHFHYEG
;
_entity_poly.pdbx_strand_id                 A 
_entity_poly.pdbx_target_identifier         ? 
# 
loop_
_entity_poly_seq.entity_id 
_entity_poly_seq.num 
_entity_poly_seq.mon_id 
_entity_poly_seq.hetero 
1 1   MET n 
1 2   SER n 
1 3   ASN n 
1 4   SER n 
1 5   TYR n 
1 6   ASP n 
1 7   SER n 
1 8   SER n 
1 9   SER n 
1 10  ILE n 
1 11  LYS n 
1 12  VAL n 
1 13  LEU n 
1 14  LYS n 
1 15  GLY n 
1 16  LEU n 
1 17  ASP n 
1 18  ALA n 
1 19  VAL n 
1 20  ARG n 
1 21  LYS n 
1 22  ARG n 
1 23  PRO n 
1 24  GLY n 
1 25  MET n 
1 26  TYR n 
1 27  ILE n 
1 28  GLY n 
1 29  ASP n 
1 30  THR n 
1 31  ASP n 
1 32  ASP n 
1 33  GLY n 
1 34  THR n 
1 35  GLY n 
1 36  LEU n 
1 37  HIS n 
1 38  HIS n 
1 39  MET n 
1 40  VAL n 
1 41  PHE n 
1 42  GLU n 
1 43  VAL n 
1 44  VAL n 
1 45  ASP n 
1 46  ASN n 
1 47  ALA n 
1 48  ILE n 
1 49  ASP n 
1 50  GLU n 
1 51  ALA n 
1 52  LEU n 
1 53  ALA n 
1 54  GLY n 
1 55  HIS n 
1 56  CYS n 
1 57  LYS n 
1 58  GLU n 
1 59  ILE n 
1 60  ILE n 
1 61  VAL n 
1 62  THR n 
1 63  ILE n 
1 64  HIS n 
1 65  ALA n 
1 66  ASP n 
1 67  ASN n 
1 68  SER n 
1 69  VAL n 
1 70  SER n 
1 71  VAL n 
1 72  GLN n 
1 73  ASP n 
1 74  ASP n 
1 75  GLY n 
1 76  ARG n 
1 77  GLY n 
1 78  ILE n 
1 79  PRO n 
1 80  THR n 
1 81  GLY n 
1 82  ILE n 
1 83  HIS n 
1 84  PRO n 
1 85  GLU n 
1 86  GLU n 
1 87  GLY n 
1 88  VAL n 
1 89  SER n 
1 90  ALA n 
1 91  ALA n 
1 92  GLU n 
1 93  VAL n 
1 94  ILE n 
1 95  MET n 
1 96  THR n 
1 97  VAL n 
1 98  LEU n 
1 99  HIS n 
1 100 ALA n 
1 101 GLY n 
1 102 GLY n 
1 103 LYS n 
1 104 PHE n 
1 105 ASP n 
1 106 ASP n 
1 107 ASN n 
1 108 SER n 
1 109 TYR n 
1 110 LYS n 
1 111 VAL n 
1 112 SER n 
1 113 GLY n 
1 114 GLY n 
1 115 LEU n 
1 116 HIS n 
1 117 GLY n 
1 118 VAL n 
1 119 GLY n 
1 120 VAL n 
1 121 SER n 
1 122 VAL n 
1 123 VAL n 
1 124 ASN n 
1 125 ALA n 
1 126 LEU n 
1 127 SER n 
1 128 GLN n 
1 129 LYS n 
1 130 LEU n 
1 131 GLU n 
1 132 LEU n 
1 133 VAL n 
1 134 ILE n 
1 135 GLN n 
1 136 ARG n 
1 137 GLU n 
1 138 GLY n 
1 139 LYS n 
1 140 ILE n 
1 141 HIS n 
1 142 ARG n 
1 143 GLN n 
1 144 ILE n 
1 145 TYR n 
1 146 GLU n 
1 147 HIS n 
1 148 GLY n 
1 149 VAL n 
1 150 PRO n 
1 151 GLN n 
1 152 ALA n 
1 153 PRO n 
1 154 LEU n 
1 155 ALA n 
1 156 VAL n 
1 157 THR n 
1 158 GLY n 
1 159 GLU n 
1 160 THR n 
1 161 GLU n 
1 162 LYS n 
1 163 THR n 
1 164 GLY n 
1 165 THR n 
1 166 MET n 
1 167 VAL n 
1 168 ARG n 
1 169 PHE n 
1 170 TRP n 
1 171 PRO n 
1 172 SER n 
1 173 LEU n 
1 174 GLU n 
1 175 THR n 
1 176 PHE n 
1 177 THR n 
1 178 ASN n 
1 179 VAL n 
1 180 THR n 
1 181 GLU n 
1 182 PHE n 
1 183 GLU n 
1 184 TYR n 
1 185 GLU n 
1 186 ILE n 
1 187 LEU n 
1 188 ALA n 
1 189 LYS n 
1 190 ARG n 
1 191 LEU n 
1 192 ARG n 
1 193 GLU n 
1 194 LEU n 
1 195 SER n 
1 196 PHE n 
1 197 LEU n 
1 198 ASN n 
1 199 SER n 
1 200 GLY n 
1 201 VAL n 
1 202 SER n 
1 203 ILE n 
1 204 ARG n 
1 205 LEU n 
1 206 ARG n 
1 207 ASP n 
1 208 LYS n 
1 209 ARG n 
1 210 ASP n 
1 211 GLY n 
1 212 LYS n 
1 213 GLU n 
1 214 ASP n 
1 215 HIS n 
1 216 PHE n 
1 217 HIS n 
1 218 TYR n 
1 219 GLU n 
1 220 GLY n 
# 
_entity_src_gen.entity_id                          1 
_entity_src_gen.pdbx_src_id                        1 
_entity_src_gen.pdbx_alt_source_flag               sample 
_entity_src_gen.pdbx_seq_type                      'Biological sequence' 
_entity_src_gen.pdbx_beg_seq_num                   1 
_entity_src_gen.pdbx_end_seq_num                   220 
_entity_src_gen.gene_src_common_name               ? 
_entity_src_gen.gene_src_genus                     ? 
_entity_src_gen.pdbx_gene_src_gene                 'gyrB, C9Z04_12785' 
_entity_src_gen.gene_src_species                   ? 
_entity_src_gen.gene_src_strain                    ? 
_entity_src_gen.gene_src_tissue                    ? 
_entity_src_gen.gene_src_tissue_fraction           ? 
_entity_src_gen.gene_src_details                   ? 
_entity_src_gen.pdbx_gene_src_fragment             ? 
_entity_src_gen.pdbx_gene_src_scientific_name      'Escherichia coli' 
_entity_src_gen.pdbx_gene_src_ncbi_taxonomy_id     562 
_entity_src_gen.pdbx_gene_src_variant              ? 
_entity_src_gen.pdbx_gene_src_cell_line            ? 
_entity_src_gen.pdbx_gene_src_atcc                 ? 
_entity_src_gen.pdbx_gene_src_organ                ? 
_entity_src_gen.pdbx_gene_src_organelle            ? 
_entity_src_gen.pdbx_gene_src_cell                 ? 
_entity_src_gen.pdbx_gene_src_cellular_location    ? 
_entity_src_gen.host_org_common_name               ? 
_entity_src_gen.pdbx_host_org_scientific_name      'Escherichia coli' 
_entity_src_gen.pdbx_host_org_ncbi_taxonomy_id     562 
_entity_src_gen.host_org_genus                     ? 
_entity_src_gen.pdbx_host_org_gene                 ? 
_entity_src_gen.pdbx_host_org_organ                ? 
_entity_src_gen.host_org_species                   ? 
_entity_src_gen.pdbx_host_org_tissue               ? 
_entity_src_gen.pdbx_host_org_tissue_fraction      ? 
_entity_src_gen.pdbx_host_org_strain               ? 
_entity_src_gen.pdbx_host_org_variant              ? 
_entity_src_gen.pdbx_host_org_cell_line            ? 
_entity_src_gen.pdbx_host_org_atcc                 ? 
_entity_src_gen.pdbx_host_org_culture_collection   ? 
_entity_src_gen.pdbx_host_org_cell                 ? 
_entity_src_gen.pdbx_host_org_organelle            ? 
_entity_src_gen.pdbx_host_org_cellular_location    ? 
_entity_src_gen.pdbx_host_org_vector_type          ? 
_entity_src_gen.pdbx_host_org_vector               ? 
_entity_src_gen.host_org_details                   ? 
_entity_src_gen.expression_system_id               ? 
_entity_src_gen.plasmid_name                       ? 
_entity_src_gen.plasmid_details                    ? 
_entity_src_gen.pdbx_description                   ? 
# 
_struct_ref.id                         1 
_struct_ref.db_name                    UNP 
_struct_ref.db_code                    A0A4V5JMQ9_ECOLX 
_struct_ref.pdbx_db_accession          A0A4V5JMQ9 
_struct_ref.pdbx_db_isoform            ? 
_struct_ref.entity_id                  1 
_struct_ref.pdbx_seq_one_letter_code   
;MSNSYDSSSIKVLKGLDAVRKRPGMYIGDTDDGTGLHHMVFEVVDNAIDEALAGHCKEIIVTIHADNSVSVQDDGRGIPT
GIHPEEGVSAAEVIMTVLHAGGKFDDNSYKVSGGLHGVGVSVVNALSQKLELVIQREGKIHRQIYEHGVPQAPLAVTGET
EKTGTMVRFWPSLETFTNVTEFEYEILAKRLRELSFLNSGVSIRLRDKRDGKEDHFHYEG
;
_struct_ref.pdbx_align_begin           1 
# 
_struct_ref_seq.align_id                      1 
_struct_ref_seq.ref_id                        1 
_struct_ref_seq.pdbx_PDB_id_code              6KZV 
_struct_ref_seq.pdbx_strand_id                A 
_struct_ref_seq.seq_align_beg                 1 
_struct_ref_seq.pdbx_seq_align_beg_ins_code   ? 
_struct_ref_seq.seq_align_end                 220 
_struct_ref_seq.pdbx_seq_align_end_ins_code   ? 
_struct_ref_seq.pdbx_db_accession             A0A4V5JMQ9 
_struct_ref_seq.db_align_beg                  1 
_struct_ref_seq.pdbx_db_align_beg_ins_code    ? 
_struct_ref_seq.db_align_end                  220 
_struct_ref_seq.pdbx_db_align_end_ins_code    ? 
_struct_ref_seq.pdbx_auth_seq_align_beg       1 
_struct_ref_seq.pdbx_auth_seq_align_end       220 
# 
loop_
_chem_comp.id 
_chem_comp.type 
_chem_comp.mon_nstd_flag 
_chem_comp.name 
_chem_comp.pdbx_synonyms 
_chem_comp.formula 
_chem_comp.formula_weight 
ALA 'L-peptide linking' y ALANINE                                                                                          ? 
'C3 H7 N O2'     89.093  
ARG 'L-peptide linking' y ARGININE                                                                                         ? 
'C6 H15 N4 O2 1' 175.209 
ASN 'L-peptide linking' y ASPARAGINE                                                                                       ? 
'C4 H8 N2 O3'    132.118 
ASP 'L-peptide linking' y 'ASPARTIC ACID'                                                                                  ? 
'C4 H7 N O4'     133.103 
CYS 'L-peptide linking' y CYSTEINE                                                                                         ? 
'C3 H7 N O2 S'   121.158 
E0F non-polymer         . '~{N}-[2-[[cyclohexyl(methyl)amino]methyl]phenyl]-2-oxidanylidene-1~{H}-quinoline-3-carboxamide' 
'N-(2-{[cyclohexyl(methyl)amino]methyl}phenyl)-2-oxo-1,2-dihydroquinoline-3-carboxamide' 'C24 H27 N3 O2'  389.490 
GLN 'L-peptide linking' y GLUTAMINE                                                                                        ? 
'C5 H10 N2 O3'   146.144 
GLU 'L-peptide linking' y 'GLUTAMIC ACID'                                                                                  ? 
'C5 H9 N O4'     147.129 
GLY 'peptide linking'   y GLYCINE                                                                                          ? 
'C2 H5 N O2'     75.067  
HIS 'L-peptide linking' y HISTIDINE                                                                                        ? 
'C6 H10 N3 O2 1' 156.162 
HOH non-polymer         . WATER                                                                                            ? 
'H2 O'           18.015  
ILE 'L-peptide linking' y ISOLEUCINE                                                                                       ? 
'C6 H13 N O2'    131.173 
LEU 'L-peptide linking' y LEUCINE                                                                                          ? 
'C6 H13 N O2'    131.173 
LYS 'L-peptide linking' y LYSINE                                                                                           ? 
'C6 H15 N2 O2 1' 147.195 
MET 'L-peptide linking' y METHIONINE                                                                                       ? 
'C5 H11 N O2 S'  149.211 
PHE 'L-peptide linking' y PHENYLALANINE                                                                                    ? 
'C9 H11 N O2'    165.189 
PRO 'L-peptide linking' y PROLINE                                                                                          ? 
'C5 H9 N O2'     115.130 
SER 'L-peptide linking' y SERINE                                                                                           ? 
'C3 H7 N O3'     105.093 
THR 'L-peptide linking' y THREONINE                                                                                        ? 
'C4 H9 N O3'     119.119 
TRP 'L-peptide linking' y TRYPTOPHAN                                                                                       ? 
'C11 H12 N2 O2'  204.225 
TYR 'L-peptide linking' y TYROSINE                                                                                         ? 
'C9 H11 N O3'    181.189 
VAL 'L-peptide linking' y VALINE                                                                                           ? 
'C5 H11 N O2'    117.146 
# 
_exptl.absorpt_coefficient_mu     ? 
_exptl.absorpt_correction_T_max   ? 
_exptl.absorpt_correction_T_min   ? 
_exptl.absorpt_correction_type    ? 
_exptl.absorpt_process_details    ? 
_exptl.entry_id                   6KZV 
_exptl.crystals_number            1 
_exptl.details                    ? 
_exptl.method                     'X-RAY DIFFRACTION' 
_exptl.method_details             ? 
# 
_exptl_crystal.colour                      ? 
_exptl_crystal.density_diffrn              ? 
_exptl_crystal.density_Matthews            2.00 
_exptl_crystal.density_method              ? 
_exptl_crystal.density_percent_sol         38.62 
_exptl_crystal.description                 ? 
_exptl_crystal.F_000                       ? 
_exptl_crystal.id                          1 
_exptl_crystal.preparation                 ? 
_exptl_crystal.size_max                    ? 
_exptl_crystal.size_mid                    ? 
_exptl_crystal.size_min                    ? 
_exptl_crystal.size_rad                    ? 
_exptl_crystal.colour_lustre               ? 
_exptl_crystal.colour_modifier             ? 
_exptl_crystal.colour_primary              ? 
_exptl_crystal.density_meas                ? 
_exptl_crystal.density_meas_esd            ? 
_exptl_crystal.density_meas_gt             ? 
_exptl_crystal.density_meas_lt             ? 
_exptl_crystal.density_meas_temp           ? 
_exptl_crystal.density_meas_temp_esd       ? 
_exptl_crystal.density_meas_temp_gt        ? 
_exptl_crystal.density_meas_temp_lt        ? 
_exptl_crystal.pdbx_crystal_image_url      ? 
_exptl_crystal.pdbx_crystal_image_format   ? 
_exptl_crystal.pdbx_mosaicity              ? 
_exptl_crystal.pdbx_mosaicity_esd          ? 
# 
_exptl_crystal_grow.apparatus       ? 
_exptl_crystal_grow.atmosphere      ? 
_exptl_crystal_grow.crystal_id      1 
_exptl_crystal_grow.details         ? 
_exptl_crystal_grow.method          'VAPOR DIFFUSION' 
_exptl_crystal_grow.method_ref      ? 
_exptl_crystal_grow.pH              ? 
_exptl_crystal_grow.pressure        ? 
_exptl_crystal_grow.pressure_esd    ? 
_exptl_crystal_grow.seeding         ? 
_exptl_crystal_grow.seeding_ref     ? 
_exptl_crystal_grow.temp            293 
_exptl_crystal_grow.temp_details    ? 
_exptl_crystal_grow.temp_esd        ? 
_exptl_crystal_grow.time            ? 
_exptl_crystal_grow.pdbx_details    'MES, Magnesium chloride, PEG4000' 
_exptl_crystal_grow.pdbx_pH_range   ? 
# 
_diffrn.ambient_environment              ? 
_diffrn.ambient_temp                     100 
_diffrn.ambient_temp_details             ? 
_diffrn.ambient_temp_esd                 ? 
_diffrn.crystal_id                       1 
_diffrn.crystal_support                  ? 
_diffrn.crystal_treatment                ? 
_diffrn.details                          ? 
_diffrn.id                               1 
_diffrn.ambient_pressure                 ? 
_diffrn.ambient_pressure_esd             ? 
_diffrn.ambient_pressure_gt              ? 
_diffrn.ambient_pressure_lt              ? 
_diffrn.ambient_temp_gt                  ? 
_diffrn.ambient_temp_lt                  ? 
_diffrn.pdbx_serial_crystal_experiment   N 
# 
_diffrn_detector.details                      ? 
_diffrn_detector.detector                     'IMAGE PLATE' 
_diffrn_detector.diffrn_id                    1 
_diffrn_detector.type                         'RIGAKU RAXIS VII' 
_diffrn_detector.area_resol_mean              ? 
_diffrn_detector.dtime                        ? 
_diffrn_detector.pdbx_frames_total            ? 
_diffrn_detector.pdbx_collection_time_total   ? 
_diffrn_detector.pdbx_collection_date         2014-01-29 
_diffrn_detector.pdbx_frequency               ? 
# 
_diffrn_radiation.collimation                      ? 
_diffrn_radiation.diffrn_id                        1 
_diffrn_radiation.filter_edge                      ? 
_diffrn_radiation.inhomogeneity                    ? 
_diffrn_radiation.monochromator                    ? 
_diffrn_radiation.polarisn_norm                    ? 
_diffrn_radiation.polarisn_ratio                   ? 
_diffrn_radiation.probe                            ? 
_diffrn_radiation.type                             ? 
_diffrn_radiation.xray_symbol                      ? 
_diffrn_radiation.wavelength_id                    1 
_diffrn_radiation.pdbx_monochromatic_or_laue_m_l   M 
_diffrn_radiation.pdbx_wavelength_list             ? 
_diffrn_radiation.pdbx_wavelength                  ? 
_diffrn_radiation.pdbx_diffrn_protocol             'SINGLE WAVELENGTH' 
_diffrn_radiation.pdbx_analyzer                    ? 
_diffrn_radiation.pdbx_scattering_type             x-ray 
# 
_diffrn_radiation_wavelength.id           1 
_diffrn_radiation_wavelength.wavelength   1.5418 
_diffrn_radiation_wavelength.wt           1.0 
# 
_diffrn_source.current                     ? 
_diffrn_source.details                     ? 
_diffrn_source.diffrn_id                   1 
_diffrn_source.power                       ? 
_diffrn_source.size                        ? 
_diffrn_source.source                      'ROTATING ANODE' 
_diffrn_source.target                      ? 
_diffrn_source.type                        'RIGAKU MICROMAX-007 HF' 
_diffrn_source.voltage                     ? 
_diffrn_source.take-off_angle              ? 
_diffrn_source.pdbx_wavelength_list        1.5418 
_diffrn_source.pdbx_wavelength             ? 
_diffrn_source.pdbx_synchrotron_beamline   ? 
_diffrn_source.pdbx_synchrotron_site       ? 
# 
_reflns.B_iso_Wilson_estimate            ? 
_reflns.entry_id                         6KZV 
_reflns.data_reduction_details           ? 
_reflns.data_reduction_method            ? 
_reflns.d_resolution_high                2.40 
_reflns.d_resolution_low                 18.90 
_reflns.details                          ? 
_reflns.limit_h_max                      ? 
_reflns.limit_h_min                      ? 
_reflns.limit_k_max                      ? 
_reflns.limit_k_min                      ? 
_reflns.limit_l_max                      ? 
_reflns.limit_l_min                      ? 
_reflns.number_all                       ? 
_reflns.number_obs                       7467 
_reflns.observed_criterion               ? 
_reflns.observed_criterion_F_max         ? 
_reflns.observed_criterion_F_min         ? 
_reflns.observed_criterion_I_max         ? 
_reflns.observed_criterion_I_min         ? 
_reflns.observed_criterion_sigma_F       ? 
_reflns.observed_criterion_sigma_I       ? 
_reflns.percent_possible_obs             99.3 
_reflns.R_free_details                   ? 
_reflns.Rmerge_F_all                     ? 
_reflns.Rmerge_F_obs                     ? 
_reflns.Friedel_coverage                 ? 
_reflns.number_gt                        ? 
_reflns.threshold_expression             ? 
_reflns.pdbx_redundancy                  4.90 
_reflns.pdbx_Rmerge_I_obs                0.081 
_reflns.pdbx_Rmerge_I_all                ? 
_reflns.pdbx_Rsym_value                  ? 
_reflns.pdbx_netI_over_av_sigmaI         ? 
_reflns.pdbx_netI_over_sigmaI            12.6 
_reflns.pdbx_res_netI_over_av_sigmaI_2   ? 
_reflns.pdbx_res_netI_over_sigmaI_2      ? 
_reflns.pdbx_chi_squared                 ? 
_reflns.pdbx_scaling_rejects             ? 
_reflns.pdbx_d_res_high_opt              ? 
_reflns.pdbx_d_res_low_opt               ? 
_reflns.pdbx_d_res_opt_method            ? 
_reflns.phase_calculation_details        ? 
_reflns.pdbx_Rrim_I_all                  ? 
_reflns.pdbx_Rpim_I_all                  ? 
_reflns.pdbx_d_opt                       ? 
_reflns.pdbx_number_measured_all         ? 
_reflns.pdbx_diffrn_id                   1 
_reflns.pdbx_ordinal                     1 
_reflns.pdbx_CC_half                     ? 
_reflns.pdbx_R_split                     ? 
# 
_reflns_shell.d_res_high                  2.40 
_reflns_shell.d_res_low                   2.49 
_reflns_shell.meanI_over_sigI_all         ? 
_reflns_shell.meanI_over_sigI_obs         ? 
_reflns_shell.number_measured_all         ? 
_reflns_shell.number_measured_obs         ? 
_reflns_shell.number_possible             ? 
_reflns_shell.number_unique_all           ? 
_reflns_shell.number_unique_obs           733 
_reflns_shell.percent_possible_all        ? 
_reflns_shell.percent_possible_obs        ? 
_reflns_shell.Rmerge_F_all                ? 
_reflns_shell.Rmerge_F_obs                ? 
_reflns_shell.Rmerge_I_all                ? 
_reflns_shell.Rmerge_I_obs                0.348 
_reflns_shell.meanI_over_sigI_gt          ? 
_reflns_shell.meanI_over_uI_all           ? 
_reflns_shell.meanI_over_uI_gt            ? 
_reflns_shell.number_measured_gt          ? 
_reflns_shell.number_unique_gt            ? 
_reflns_shell.percent_possible_gt         ? 
_reflns_shell.Rmerge_F_gt                 ? 
_reflns_shell.Rmerge_I_gt                 ? 
_reflns_shell.pdbx_redundancy             ? 
_reflns_shell.pdbx_Rsym_value             ? 
_reflns_shell.pdbx_chi_squared            ? 
_reflns_shell.pdbx_netI_over_sigmaI_all   ? 
_reflns_shell.pdbx_netI_over_sigmaI_obs   ? 
_reflns_shell.pdbx_Rrim_I_all             ? 
_reflns_shell.pdbx_Rpim_I_all             ? 
_reflns_shell.pdbx_rejects                ? 
_reflns_shell.pdbx_ordinal                1 
_reflns_shell.pdbx_diffrn_id              1 
_reflns_shell.pdbx_CC_half                ? 
_reflns_shell.pdbx_R_split                ? 
# 
_refine.aniso_B[1][1]                            ? 
_refine.aniso_B[1][2]                            ? 
_refine.aniso_B[1][3]                            ? 
_refine.aniso_B[2][2]                            ? 
_refine.aniso_B[2][3]                            ? 
_refine.aniso_B[3][3]                            ? 
_refine.B_iso_max                                ? 
_refine.B_iso_mean                               ? 
_refine.B_iso_min                                ? 
_refine.correlation_coeff_Fo_to_Fc               ? 
_refine.correlation_coeff_Fo_to_Fc_free          ? 
_refine.details                                  ? 
_refine.diff_density_max                         ? 
_refine.diff_density_max_esd                     ? 
_refine.diff_density_min                         ? 
_refine.diff_density_min_esd                     ? 
_refine.diff_density_rms                         ? 
_refine.diff_density_rms_esd                     ? 
_refine.entry_id                                 6KZV 
_refine.pdbx_refine_id                           'X-RAY DIFFRACTION' 
_refine.ls_abs_structure_details                 ? 
_refine.ls_abs_structure_Flack                   ? 
_refine.ls_abs_structure_Flack_esd               ? 
_refine.ls_abs_structure_Rogers                  ? 
_refine.ls_abs_structure_Rogers_esd              ? 
_refine.ls_d_res_high                            2.40 
_refine.ls_d_res_low                             18.90 
_refine.ls_extinction_coef                       ? 
_refine.ls_extinction_coef_esd                   ? 
_refine.ls_extinction_expression                 ? 
_refine.ls_extinction_method                     ? 
_refine.ls_goodness_of_fit_all                   ? 
_refine.ls_goodness_of_fit_all_esd               ? 
_refine.ls_goodness_of_fit_obs                   ? 
_refine.ls_goodness_of_fit_obs_esd               ? 
_refine.ls_hydrogen_treatment                    ? 
_refine.ls_matrix_type                           ? 
_refine.ls_number_constraints                    ? 
_refine.ls_number_parameters                     ? 
_refine.ls_number_reflns_all                     ? 
_refine.ls_number_reflns_obs                     7120 
_refine.ls_number_reflns_R_free                  343 
_refine.ls_number_reflns_R_work                  ? 
_refine.ls_number_restraints                     ? 
_refine.ls_percent_reflns_obs                    99.02 
_refine.ls_percent_reflns_R_free                 ? 
_refine.ls_R_factor_all                          ? 
_refine.ls_R_factor_obs                          0.19859 
_refine.ls_R_factor_R_free                       0.26032 
_refine.ls_R_factor_R_free_error                 ? 
_refine.ls_R_factor_R_free_error_details         ? 
_refine.ls_R_factor_R_work                       0.19550 
_refine.ls_R_Fsqd_factor_obs                     ? 
_refine.ls_R_I_factor_obs                        ? 
_refine.ls_redundancy_reflns_all                 ? 
_refine.ls_redundancy_reflns_obs                 ? 
_refine.ls_restrained_S_all                      ? 
_refine.ls_restrained_S_obs                      ? 
_refine.ls_shift_over_esd_max                    ? 
_refine.ls_shift_over_esd_mean                   ? 
_refine.ls_structure_factor_coef                 ? 
_refine.ls_weighting_details                     ? 
_refine.ls_weighting_scheme                      ? 
_refine.ls_wR_factor_all                         ? 
_refine.ls_wR_factor_obs                         ? 
_refine.ls_wR_factor_R_free                      ? 
_refine.ls_wR_factor_R_work                      ? 
_refine.occupancy_max                            ? 
_refine.occupancy_min                            ? 
_refine.solvent_model_details                    ? 
_refine.solvent_model_param_bsol                 ? 
_refine.solvent_model_param_ksol                 ? 
_refine.ls_R_factor_gt                           ? 
_refine.ls_goodness_of_fit_gt                    ? 
_refine.ls_goodness_of_fit_ref                   ? 
_refine.ls_shift_over_su_max                     ? 
_refine.ls_shift_over_su_max_lt                  ? 
_refine.ls_shift_over_su_mean                    ? 
_refine.ls_shift_over_su_mean_lt                 ? 
_refine.pdbx_ls_sigma_I                          ? 
_refine.pdbx_ls_sigma_F                          ? 
_refine.pdbx_ls_sigma_Fsqd                       ? 
_refine.pdbx_data_cutoff_high_absF               ? 
_refine.pdbx_data_cutoff_high_rms_absF           ? 
_refine.pdbx_data_cutoff_low_absF                ? 
_refine.pdbx_isotropic_thermal_model             ? 
_refine.pdbx_ls_cross_valid_method               'FREE R-VALUE' 
_refine.pdbx_method_to_determine_struct          'MOLECULAR REPLACEMENT' 
_refine.pdbx_starting_model                      1AJ6 
_refine.pdbx_stereochemistry_target_values       ? 
_refine.pdbx_R_Free_selection_details            ? 
_refine.pdbx_stereochem_target_val_spec_case     ? 
_refine.pdbx_overall_ESU_R                       ? 
_refine.pdbx_overall_ESU_R_Free                  ? 
_refine.pdbx_solvent_vdw_probe_radii             ? 
_refine.pdbx_solvent_ion_probe_radii             ? 
_refine.pdbx_solvent_shrinkage_radii             ? 
_refine.pdbx_real_space_R                        ? 
_refine.pdbx_density_correlation                 ? 
_refine.pdbx_pd_number_of_powder_patterns        ? 
_refine.pdbx_pd_number_of_points                 ? 
_refine.pdbx_pd_meas_number_of_points            ? 
_refine.pdbx_pd_proc_ls_prof_R_factor            ? 
_refine.pdbx_pd_proc_ls_prof_wR_factor           ? 
_refine.pdbx_pd_Marquardt_correlation_coeff      ? 
_refine.pdbx_pd_Fsqrd_R_factor                   ? 
_refine.pdbx_pd_ls_matrix_band_width             ? 
_refine.pdbx_overall_phase_error                 ? 
_refine.pdbx_overall_SU_R_free_Cruickshank_DPI   ? 
_refine.pdbx_overall_SU_R_free_Blow_DPI          ? 
_refine.pdbx_overall_SU_R_Blow_DPI               ? 
_refine.pdbx_TLS_residual_ADP_flag               ? 
_refine.pdbx_diffrn_id                           1 
_refine.overall_SU_B                             ? 
_refine.overall_SU_ML                            ? 
_refine.overall_SU_R_Cruickshank_DPI             ? 
_refine.overall_SU_R_free                        ? 
_refine.overall_FOM_free_R_set                   ? 
_refine.overall_FOM_work_R_set                   ? 
_refine.pdbx_average_fsc_overall                 ? 
_refine.pdbx_average_fsc_work                    ? 
_refine.pdbx_average_fsc_free                    ? 
# 
_refine_hist.pdbx_refine_id                   'X-RAY DIFFRACTION' 
_refine_hist.cycle_id                         LAST 
_refine_hist.pdbx_number_atoms_protein        1537 
_refine_hist.pdbx_number_atoms_nucleic_acid   0 
_refine_hist.pdbx_number_atoms_ligand         29 
_refine_hist.number_atoms_solvent             21 
_refine_hist.number_atoms_total               1587 
_refine_hist.d_res_high                       2.40 
_refine_hist.d_res_low                        18.90 
# 
_refine_ls_shell.R_factor_R_free                  0.417 
_refine_ls_shell.R_factor_R_free_error            ? 
_refine_ls_shell.R_factor_R_work                  0.233 
_refine_ls_shell.R_factor_all                     ? 
_refine_ls_shell.R_factor_obs                     ? 
_refine_ls_shell.d_res_high                       2.400 
_refine_ls_shell.d_res_low                        2.463 
_refine_ls_shell.number_reflns_R_free             ? 
_refine_ls_shell.number_reflns_R_work             ? 
_refine_ls_shell.number_reflns_all                ? 
_refine_ls_shell.number_reflns_obs                ? 
_refine_ls_shell.pdbx_fsc_free                    ? 
_refine_ls_shell.pdbx_fsc_work                    ? 
_refine_ls_shell.pdbx_phase_error                 ? 
_refine_ls_shell.pdbx_refine_id                   'X-RAY DIFFRACTION' 
_refine_ls_shell.pdbx_total_number_of_bins_used   ? 
_refine_ls_shell.percent_reflns_R_free            ? 
_refine_ls_shell.percent_reflns_obs               ? 
_refine_ls_shell.redundancy_reflns_all            ? 
_refine_ls_shell.redundancy_reflns_obs            ? 
_refine_ls_shell.wR_factor_R_free                 ? 
_refine_ls_shell.wR_factor_R_work                 ? 
_refine_ls_shell.wR_factor_all                    ? 
_refine_ls_shell.wR_factor_obs                    ? 
# 
_struct.entry_id                     6KZV 
_struct.title                        
'Crystal structure of E.coli DNA gyrase B in complex with 2-oxo-1,2-dihydroquinoline derivative' 
_struct.pdbx_model_details           ? 
_struct.pdbx_formula_weight          ? 
_struct.pdbx_formula_weight_method   ? 
_struct.pdbx_model_type_details      ? 
_struct.pdbx_CASP_flag               N 
# 
_struct_keywords.entry_id        6KZV 
_struct_keywords.text            'Inhibitor, Complex, Topoisomerase, Escherichia coli, ISOMERASE' 
_struct_keywords.pdbx_keywords   ISOMERASE 
# 
loop_
_struct_asym.id 
_struct_asym.pdbx_blank_PDB_chainid_flag 
_struct_asym.pdbx_modified 
_struct_asym.entity_id 
_struct_asym.details 
A N N 1 ? 
B N N 2 ? 
C N N 3 ? 
# 
loop_
_struct_conf.conf_type_id 
_struct_conf.id 
_struct_conf.pdbx_PDB_helix_id 
_struct_conf.beg_label_comp_id 
_struct_conf.beg_label_asym_id 
_struct_conf.beg_label_seq_id 
_struct_conf.pdbx_beg_PDB_ins_code 
_struct_conf.end_label_comp_id 
_struct_conf.end_label_asym_id 
_struct_conf.end_label_seq_id 
_struct_conf.pdbx_end_PDB_ins_code 
_struct_conf.beg_auth_comp_id 
_struct_conf.beg_auth_asym_id 
_struct_conf.beg_auth_seq_id 
_struct_conf.end_auth_comp_id 
_struct_conf.end_auth_asym_id 
_struct_conf.end_auth_seq_id 
_struct_conf.pdbx_PDB_helix_class 
_struct_conf.details 
_struct_conf.pdbx_PDB_helix_length 
HELX_P HELX_P1 AA1 SER A 7   ? ARG A 22  ? SER A 7   ARG A 22  1 ? 16 
HELX_P HELX_P2 AA2 PRO A 23  ? GLY A 28  ? PRO A 23  GLY A 28  1 ? 6  
HELX_P HELX_P3 AA3 GLY A 33  ? ALA A 53  ? GLY A 33  ALA A 53  1 ? 21 
HELX_P HELX_P4 AA4 SER A 89  ? VAL A 97  ? SER A 89  VAL A 97  1 ? 9  
HELX_P HELX_P5 AA5 GLY A 119 ? LEU A 126 ? GLY A 119 LEU A 126 1 ? 8  
HELX_P HELX_P6 AA6 GLU A 183 ? ASN A 198 ? GLU A 183 ASN A 198 1 ? 16 
# 
_struct_conf_type.id          HELX_P 
_struct_conf_type.criteria    ? 
_struct_conf_type.reference   ? 
# 
loop_
_struct_sheet.id 
_struct_sheet.type 
_struct_sheet.number_strands 
_struct_sheet.details 
AA1 ? 3 ? 
AA2 ? 8 ? 
# 
loop_
_struct_sheet_order.sheet_id 
_struct_sheet_order.range_id_1 
_struct_sheet_order.range_id_2 
_struct_sheet_order.offset 
_struct_sheet_order.sense 
AA1 1 2 ? anti-parallel 
AA1 2 3 ? anti-parallel 
AA2 1 2 ? anti-parallel 
AA2 2 3 ? anti-parallel 
AA2 3 4 ? anti-parallel 
AA2 4 5 ? anti-parallel 
AA2 5 6 ? anti-parallel 
AA2 6 7 ? parallel      
AA2 7 8 ? anti-parallel 
# 
loop_
_struct_sheet_range.sheet_id 
_struct_sheet_range.id 
_struct_sheet_range.beg_label_comp_id 
_struct_sheet_range.beg_label_asym_id 
_struct_sheet_range.beg_label_seq_id 
_struct_sheet_range.pdbx_beg_PDB_ins_code 
_struct_sheet_range.end_label_comp_id 
_struct_sheet_range.end_label_asym_id 
_struct_sheet_range.end_label_seq_id 
_struct_sheet_range.pdbx_end_PDB_ins_code 
_struct_sheet_range.beg_auth_comp_id 
_struct_sheet_range.beg_auth_asym_id 
_struct_sheet_range.beg_auth_seq_id 
_struct_sheet_range.end_auth_comp_id 
_struct_sheet_range.end_auth_asym_id 
_struct_sheet_range.end_auth_seq_id 
AA1 1 VAL A 149 ? PRO A 150 ? VAL A 149 PRO A 150 
AA1 2 LYS A 139 ? GLU A 146 ? LYS A 139 GLU A 146 
AA1 3 ALA A 155 ? GLU A 159 ? ALA A 155 GLU A 159 
AA2 1 VAL A 149 ? PRO A 150 ? VAL A 149 PRO A 150 
AA2 2 LYS A 139 ? GLU A 146 ? LYS A 139 GLU A 146 
AA2 3 SER A 127 ? ARG A 136 ? SER A 127 ARG A 136 
AA2 4 GLY A 164 ? PRO A 171 ? GLY A 164 PRO A 171 
AA2 5 VAL A 69  ? ASP A 73  ? VAL A 69  ASP A 73  
AA2 6 GLU A 58  ? ILE A 63  ? GLU A 58  ILE A 63  
AA2 7 SER A 202 ? ASP A 207 ? SER A 202 ASP A 207 
AA2 8 GLU A 213 ? HIS A 217 ? GLU A 213 HIS A 217 
# 
loop_
_pdbx_struct_sheet_hbond.sheet_id 
_pdbx_struct_sheet_hbond.range_id_1 
_pdbx_struct_sheet_hbond.range_id_2 
_pdbx_struct_sheet_hbond.range_1_label_atom_id 
_pdbx_struct_sheet_hbond.range_1_label_comp_id 
_pdbx_struct_sheet_hbond.range_1_label_asym_id 
_pdbx_struct_sheet_hbond.range_1_label_seq_id 
_pdbx_struct_sheet_hbond.range_1_PDB_ins_code 
_pdbx_struct_sheet_hbond.range_1_auth_atom_id 
_pdbx_struct_sheet_hbond.range_1_auth_comp_id 
_pdbx_struct_sheet_hbond.range_1_auth_asym_id 
_pdbx_struct_sheet_hbond.range_1_auth_seq_id 
_pdbx_struct_sheet_hbond.range_2_label_atom_id 
_pdbx_struct_sheet_hbond.range_2_label_comp_id 
_pdbx_struct_sheet_hbond.range_2_label_asym_id 
_pdbx_struct_sheet_hbond.range_2_label_seq_id 
_pdbx_struct_sheet_hbond.range_2_PDB_ins_code 
_pdbx_struct_sheet_hbond.range_2_auth_atom_id 
_pdbx_struct_sheet_hbond.range_2_auth_comp_id 
_pdbx_struct_sheet_hbond.range_2_auth_asym_id 
_pdbx_struct_sheet_hbond.range_2_auth_seq_id 
AA1 1 2 O VAL A 149 ? O VAL A 149 N GLU A 146 ? N GLU A 146 
AA1 2 3 N ILE A 140 ? N ILE A 140 O THR A 157 ? O THR A 157 
AA2 1 2 O VAL A 149 ? O VAL A 149 N GLU A 146 ? N GLU A 146 
AA2 2 3 O LYS A 139 ? O LYS A 139 N ARG A 136 ? N ARG A 136 
AA2 3 4 N GLU A 131 ? N GLU A 131 O ARG A 168 ? O ARG A 168 
AA2 4 5 O PHE A 169 ? O PHE A 169 N VAL A 69  ? N VAL A 69  
AA2 5 6 O GLN A 72  ? O GLN A 72  N ILE A 60  ? N ILE A 60  
AA2 6 7 N ILE A 63  ? N ILE A 63  O ARG A 206 ? O ARG A 206 
AA2 7 8 N ILE A 203 ? N ILE A 203 O PHE A 216 ? O PHE A 216 
# 
_struct_site.id                   AC1 
_struct_site.pdbx_evidence_code   Software 
_struct_site.pdbx_auth_asym_id    A 
_struct_site.pdbx_auth_comp_id    E0F 
_struct_site.pdbx_auth_seq_id     301 
_struct_site.pdbx_auth_ins_code   ? 
_struct_site.pdbx_num_residues    8 
_struct_site.details              'binding site for residue E0F A 301' 
# 
loop_
_struct_site_gen.id 
_struct_site_gen.site_id 
_struct_site_gen.pdbx_num_res 
_struct_site_gen.label_comp_id 
_struct_site_gen.label_asym_id 
_struct_site_gen.label_seq_id 
_struct_site_gen.pdbx_auth_ins_code 
_struct_site_gen.auth_comp_id 
_struct_site_gen.auth_asym_id 
_struct_site_gen.auth_seq_id 
_struct_site_gen.label_atom_id 
_struct_site_gen.label_alt_id 
_struct_site_gen.symmetry 
_struct_site_gen.details 
1 AC1 8 ASN A 46 ? ASN A 46  . ? 1_555 ? 
2 AC1 8 GLU A 50 ? GLU A 50  . ? 1_555 ? 
3 AC1 8 ASP A 73 ? ASP A 73  . ? 1_555 ? 
4 AC1 8 ARG A 76 ? ARG A 76  . ? 1_555 ? 
5 AC1 8 GLY A 77 ? GLY A 77  . ? 1_555 ? 
6 AC1 8 ILE A 78 ? ILE A 78  . ? 1_555 ? 
7 AC1 8 ILE A 94 ? ILE A 94  . ? 1_555 ? 
8 AC1 8 HOH C .  ? HOH A 401 . ? 1_555 ? 
# 
_atom_sites.entry_id                    6KZV 
_atom_sites.Cartn_transf_matrix[1][1]   ? 
_atom_sites.Cartn_transf_matrix[1][2]   ? 
_atom_sites.Cartn_transf_matrix[1][3]   ? 
_atom_sites.Cartn_transf_matrix[2][1]   ? 
_atom_sites.Cartn_transf_matrix[2][2]   ? 
_atom_sites.Cartn_transf_matrix[2][3]   ? 
_atom_sites.Cartn_transf_matrix[3][1]   ? 
_atom_sites.Cartn_transf_matrix[3][2]   ? 
_atom_sites.Cartn_transf_matrix[3][3]   ? 
_atom_sites.Cartn_transf_vector[1]      ? 
_atom_sites.Cartn_transf_vector[2]      ? 
_atom_sites.Cartn_transf_vector[3]      ? 
_atom_sites.fract_transf_matrix[1][1]   -0.01424781 
_atom_sites.fract_transf_matrix[1][2]   0.01118441 
_atom_sites.fract_transf_matrix[1][3]   0.00469151 
_atom_sites.fract_transf_matrix[2][1]   -0.00631115 
_atom_sites.fract_transf_matrix[2][2]   -0.01301745 
_atom_sites.fract_transf_matrix[2][3]   0.01186663 
_atom_sites.fract_transf_matrix[3][1]   0.00815410 
_atom_sites.fract_transf_matrix[3][2]   0.00586817 
_atom_sites.fract_transf_matrix[3][3]   0.01077393 
_atom_sites.fract_transf_vector[1]      0.008891 
_atom_sites.fract_transf_vector[2]      0.404984 
_atom_sites.fract_transf_vector[3]      -0.005103 
_atom_sites.solution_primary            ? 
_atom_sites.solution_secondary          ? 
_atom_sites.solution_hydrogens          ? 
_atom_sites.special_details             ? 
# 
loop_
_atom_type.symbol 
C 
N 
O 
S 
# 
loop_
_atom_site.group_PDB 
_atom_site.id 
_atom_site.type_symbol 
_atom_site.label_atom_id 
_atom_site.label_alt_id 
_atom_site.label_comp_id 
_atom_site.label_asym_id 
_atom_site.label_entity_id 
_atom_site.label_seq_id 
_atom_site.pdbx_PDB_ins_code 
_atom_site.Cartn_x 
_atom_site.Cartn_y 
_atom_site.Cartn_z 
_atom_site.occupancy 
_atom_site.B_iso_or_equiv 
_atom_site.pdbx_formal_charge 
_atom_site.auth_seq_id 
_atom_site.auth_comp_id 
_atom_site.auth_asym_id 
_atom_site.auth_atom_id 
_atom_site.pdbx_PDB_model_num 
ATOM   1    N N   . ASP A 1 6   ? 4.206   -21.398 -11.913 1.00 97.99  ? 6   ASP A N   1 
ATOM   2    C CA  . ASP A 1 6   ? 4.591   -22.841 -11.779 1.00 96.18  ? 6   ASP A CA  1 
ATOM   3    C C   . ASP A 1 6   ? 4.186   -23.280 -10.366 1.00 92.05  ? 6   ASP A C   1 
ATOM   4    O O   . ASP A 1 6   ? 3.038   -23.052 -9.964  1.00 82.15  ? 6   ASP A O   1 
ATOM   5    C CB  . ASP A 1 6   ? 6.080   -23.060 -12.161 1.00 95.58  ? 6   ASP A CB  1 
ATOM   6    C CG  . ASP A 1 6   ? 6.936   -21.809 -11.953 1.00 96.14  ? 6   ASP A CG  1 
ATOM   7    O OD1 . ASP A 1 6   ? 6.729   -20.855 -12.724 1.00 90.16  ? 6   ASP A OD1 1 
ATOM   8    O OD2 . ASP A 1 6   ? 7.783   -21.754 -11.034 1.00 95.73  ? 6   ASP A OD2 1 
ATOM   9    N N   . SER A 1 7   ? 5.091   -23.884 -9.601  1.00 88.96  ? 7   SER A N   1 
ATOM   10   C CA  . SER A 1 7   ? 4.818   -24.108 -8.203  1.00 87.54  ? 7   SER A CA  1 
ATOM   11   C C   . SER A 1 7   ? 5.026   -22.838 -7.393  1.00 83.46  ? 7   SER A C   1 
ATOM   12   O O   . SER A 1 7   ? 4.753   -22.843 -6.212  1.00 81.49  ? 7   SER A O   1 
ATOM   13   C CB  . SER A 1 7   ? 5.704   -25.209 -7.634  1.00 85.84  ? 7   SER A CB  1 
ATOM   14   O OG  . SER A 1 7   ? 5.328   -25.478 -6.292  1.00 84.82  ? 7   SER A OG  1 
ATOM   15   N N   . SER A 1 8   ? 5.540   -21.771 -7.998  1.00 79.28  ? 8   SER A N   1 
ATOM   16   C CA  . SER A 1 8   ? 5.667   -20.516 -7.270  1.00 70.62  ? 8   SER A CA  1 
ATOM   17   C C   . SER A 1 8   ? 4.294   -19.877 -7.024  1.00 63.85  ? 8   SER A C   1 
ATOM   18   O O   . SER A 1 8   ? 4.051   -19.295 -5.968  1.00 52.53  ? 8   SER A O   1 
ATOM   19   C CB  . SER A 1 8   ? 6.630   -19.558 -7.975  1.00 71.48  ? 8   SER A CB  1 
ATOM   20   O OG  . SER A 1 8   ? 7.966   -19.858 -7.598  1.00 68.59  ? 8   SER A OG  1 
ATOM   21   N N   . SER A 1 9   ? 3.384   -20.037 -7.979  1.00 59.30  ? 9   SER A N   1 
ATOM   22   C CA  . SER A 1 9   ? 1.985   -19.655 -7.765  1.00 60.43  ? 9   SER A CA  1 
ATOM   23   C C   . SER A 1 9   ? 1.370   -20.374 -6.538  1.00 57.11  ? 9   SER A C   1 
ATOM   24   O O   . SER A 1 9   ? 0.501   -19.830 -5.858  1.00 42.32  ? 9   SER A O   1 
ATOM   25   C CB  . SER A 1 9   ? 1.172   -19.946 -9.022  1.00 60.70  ? 9   SER A CB  1 
ATOM   26   O OG  . SER A 1 9   ? 1.972   -19.738 -10.187 1.00 66.68  ? 9   SER A OG  1 
ATOM   27   N N   . ILE A 1 10  ? 1.851   -21.593 -6.295  1.00 57.42  ? 10  ILE A N   1 
ATOM   28   C CA  . ILE A 1 10  ? 1.519   -22.403 -5.128  1.00 61.89  ? 10  ILE A CA  1 
ATOM   29   C C   . ILE A 1 10  ? 2.016   -21.813 -3.806  1.00 60.85  ? 10  ILE A C   1 
ATOM   30   O O   . ILE A 1 10  ? 1.263   -21.779 -2.830  1.00 57.38  ? 10  ILE A O   1 
ATOM   31   C CB  . ILE A 1 10  ? 2.087   -23.847 -5.285  1.00 68.27  ? 10  ILE A CB  1 
ATOM   32   C CG1 . ILE A 1 10  ? 1.383   -24.602 -6.426  1.00 71.02  ? 10  ILE A CG1 1 
ATOM   33   C CG2 . ILE A 1 10  ? 2.050   -24.638 -3.987  1.00 69.71  ? 10  ILE A CG2 1 
ATOM   34   C CD1 . ILE A 1 10  ? -0.014  -25.079 -6.106  1.00 70.80  ? 10  ILE A CD1 1 
ATOM   35   N N   . LYS A 1 11  ? 3.283   -21.401 -3.761  1.00 62.62  ? 11  LYS A N   1 
ATOM   36   C CA  . LYS A 1 11  ? 3.895   -20.887 -2.509  1.00 63.28  ? 11  LYS A CA  1 
ATOM   37   C C   . LYS A 1 11  ? 3.362   -19.508 -2.111  1.00 56.15  ? 11  LYS A C   1 
ATOM   38   O O   . LYS A 1 11  ? 3.273   -19.181 -0.915  1.00 50.99  ? 11  LYS A O   1 
ATOM   39   C CB  . LYS A 1 11  ? 5.425   -20.872 -2.608  1.00 69.58  ? 11  LYS A CB  1 
ATOM   40   C CG  . LYS A 1 11  ? 5.977   -22.279 -2.756  1.00 77.36  ? 11  LYS A CG  1 
ATOM   41   C CD  . LYS A 1 11  ? 7.462   -22.331 -3.051  1.00 82.52  ? 11  LYS A CD  1 
ATOM   42   C CE  . LYS A 1 11  ? 7.873   -23.762 -3.384  1.00 82.92  ? 11  LYS A CE  1 
ATOM   43   N NZ  . LYS A 1 11  ? 9.351   -23.933 -3.365  1.00 83.70  ? 11  LYS A NZ  1 
ATOM   44   N N   . VAL A 1 12  ? 3.013   -18.720 -3.133  1.00 50.25  ? 12  VAL A N   1 
ATOM   45   C CA  . VAL A 1 12  ? 2.401   -17.404 -2.964  1.00 45.67  ? 12  VAL A CA  1 
ATOM   46   C C   . VAL A 1 12  ? 1.080   -17.629 -2.246  1.00 45.71  ? 12  VAL A C   1 
ATOM   47   O O   . VAL A 1 12  ? 0.872   -17.089 -1.156  1.00 46.96  ? 12  VAL A O   1 
ATOM   48   C CB  . VAL A 1 12  ? 2.195   -16.685 -4.320  1.00 42.45  ? 12  VAL A CB  1 
ATOM   49   C CG1 . VAL A 1 12  ? 1.281   -15.485 -4.183  1.00 43.82  ? 12  VAL A CG1 1 
ATOM   50   C CG2 . VAL A 1 12  ? 3.529   -16.232 -4.881  1.00 42.73  ? 12  VAL A CG2 1 
ATOM   51   N N   . LEU A 1 13  ? 0.228   -18.474 -2.838  1.00 42.48  ? 13  LEU A N   1 
ATOM   52   C CA  . LEU A 1 13  ? -1.035  -18.860 -2.220  1.00 41.50  ? 13  LEU A CA  1 
ATOM   53   C C   . LEU A 1 13  ? -0.880  -19.459 -0.829  1.00 40.23  ? 13  LEU A C   1 
ATOM   54   O O   . LEU A 1 13  ? -1.718  -19.234 0.025   1.00 43.61  ? 13  LEU A O   1 
ATOM   55   C CB  . LEU A 1 13  ? -1.794  -19.836 -3.114  1.00 42.19  ? 13  LEU A CB  1 
ATOM   56   C CG  . LEU A 1 13  ? -2.362  -19.305 -4.438  1.00 42.17  ? 13  LEU A CG  1 
ATOM   57   C CD1 . LEU A 1 13  ? -3.154  -20.404 -5.128  1.00 41.43  ? 13  LEU A CD1 1 
ATOM   58   C CD2 . LEU A 1 13  ? -3.224  -18.052 -4.257  1.00 43.05  ? 13  LEU A CD2 1 
ATOM   59   N N   . LYS A 1 14  ? 0.184   -20.224 -0.629  1.00 40.96  ? 14  LYS A N   1 
ATOM   60   C CA  . LYS A 1 14  ? 0.511   -20.831 0.661   1.00 41.99  ? 14  LYS A CA  1 
ATOM   61   C C   . LYS A 1 14  ? 0.721   -19.785 1.739   1.00 42.48  ? 14  LYS A C   1 
ATOM   62   O O   . LYS A 1 14  ? 0.193   -19.915 2.862   1.00 41.16  ? 14  LYS A O   1 
ATOM   63   C CB  . LYS A 1 14  ? 1.816   -21.633 0.564   1.00 46.64  ? 14  LYS A CB  1 
ATOM   64   C CG  . LYS A 1 14  ? 1.711   -23.079 0.112   1.00 47.26  ? 14  LYS A CG  1 
ATOM   65   C CD  . LYS A 1 14  ? 2.179   -23.995 1.222   1.00 48.38  ? 14  LYS A CD  1 
ATOM   66   C CE  . LYS A 1 14  ? 2.004   -25.457 0.865   1.00 46.99  ? 14  LYS A CE  1 
ATOM   67   N NZ  . LYS A 1 14  ? 3.177   -25.972 0.122   1.00 47.04  ? 14  LYS A NZ  1 
ATOM   68   N N   . GLY A 1 15  ? 1.547   -18.788 1.413   1.00 38.27  ? 15  GLY A N   1 
ATOM   69   C CA  . GLY A 1 15  ? 1.854   -17.723 2.342   1.00 38.78  ? 15  GLY A CA  1 
ATOM   70   C C   . GLY A 1 15  ? 0.661   -16.818 2.588   1.00 42.48  ? 15  GLY A C   1 
ATOM   71   O O   . GLY A 1 15  ? 0.458   -16.343 3.715   1.00 42.90  ? 15  GLY A O   1 
ATOM   72   N N   . LEU A 1 16  ? -0.116  -16.565 1.528   1.00 42.82  ? 16  LEU A N   1 
ATOM   73   C CA  . LEU A 1 16  ? -1.342  -15.765 1.628   1.00 43.12  ? 16  LEU A CA  1 
ATOM   74   C C   . LEU A 1 16  ? -2.353  -16.405 2.546   1.00 43.81  ? 16  LEU A C   1 
ATOM   75   O O   . LEU A 1 16  ? -3.008  -15.706 3.325   1.00 44.92  ? 16  LEU A O   1 
ATOM   76   C CB  . LEU A 1 16  ? -2.001  -15.567 0.263   1.00 43.19  ? 16  LEU A CB  1 
ATOM   77   C CG  . LEU A 1 16  ? -1.219  -14.747 -0.758  1.00 43.32  ? 16  LEU A CG  1 
ATOM   78   C CD1 . LEU A 1 16  ? -2.007  -14.697 -2.061  1.00 43.78  ? 16  LEU A CD1 1 
ATOM   79   C CD2 . LEU A 1 16  ? -0.924  -13.357 -0.233  1.00 43.41  ? 16  LEU A CD2 1 
ATOM   80   N N   . ASP A 1 17  ? -2.461  -17.731 2.428   1.00 42.92  ? 17  ASP A N   1 
ATOM   81   C CA  . ASP A 1 17  ? -3.325  -18.550 3.257   1.00 41.36  ? 17  ASP A CA  1 
ATOM   82   C C   . ASP A 1 17  ? -2.933  -18.363 4.699   1.00 38.42  ? 17  ASP A C   1 
ATOM   83   O O   . ASP A 1 17  ? -3.766  -18.174 5.558   1.00 39.69  ? 17  ASP A O   1 
ATOM   84   C CB  . ASP A 1 17  ? -3.153  -20.030 2.875   1.00 44.84  ? 17  ASP A CB  1 
ATOM   85   C CG  . ASP A 1 17  ? -4.390  -20.852 3.092   1.00 48.04  ? 17  ASP A CG  1 
ATOM   86   O OD1 . ASP A 1 17  ? -5.332  -20.426 3.770   1.00 54.93  ? 17  ASP A OD1 1 
ATOM   87   O OD2 . ASP A 1 17  ? -4.427  -21.975 2.575   1.00 57.03  ? 17  ASP A OD2 1 
ATOM   88   N N   . ALA A 1 18  ? -1.636  -18.434 4.950   1.00 37.72  ? 18  ALA A N   1 
ATOM   89   C CA  . ALA A 1 18  ? -1.120  -18.402 6.297   1.00 35.37  ? 18  ALA A CA  1 
ATOM   90   C C   . ALA A 1 18  ? -1.396  -17.060 6.941   1.00 37.13  ? 18  ALA A C   1 
ATOM   91   O O   . ALA A 1 18  ? -1.676  -17.003 8.128   1.00 44.44  ? 18  ALA A O   1 
ATOM   92   C CB  . ALA A 1 18  ? 0.364   -18.677 6.289   1.00 33.34  ? 18  ALA A CB  1 
ATOM   93   N N   . VAL A 1 19  ? -1.322  -15.986 6.154   1.00 39.22  ? 19  VAL A N   1 
ATOM   94   C CA  . VAL A 1 19  ? -1.604  -14.634 6.647   1.00 36.09  ? 19  VAL A CA  1 
ATOM   95   C C   . VAL A 1 19  ? -3.084  -14.441 6.961   1.00 35.99  ? 19  VAL A C   1 
ATOM   96   O O   . VAL A 1 19  ? -3.421  -13.911 8.012   1.00 30.23  ? 19  VAL A O   1 
ATOM   97   C CB  . VAL A 1 19  ? -1.134  -13.557 5.666   1.00 35.28  ? 19  VAL A CB  1 
ATOM   98   C CG1 . VAL A 1 19  ? -1.580  -12.155 6.117   1.00 35.79  ? 19  VAL A CG1 1 
ATOM   99   C CG2 . VAL A 1 19  ? 0.380   -13.617 5.502   1.00 34.78  ? 19  VAL A CG2 1 
ATOM   100  N N   . ARG A 1 20  ? -3.958  -14.880 6.056   1.00 39.78  ? 20  ARG A N   1 
ATOM   101  C CA  . ARG A 1 20  ? -5.407  -14.759 6.274   1.00 44.63  ? 20  ARG A CA  1 
ATOM   102  C C   . ARG A 1 20  ? -5.905  -15.673 7.377   1.00 45.07  ? 20  ARG A C   1 
ATOM   103  O O   . ARG A 1 20  ? -6.997  -15.474 7.895   1.00 45.35  ? 20  ARG A O   1 
ATOM   104  C CB  . ARG A 1 20  ? -6.206  -15.016 4.984   1.00 48.79  ? 20  ARG A CB  1 
ATOM   105  C CG  . ARG A 1 20  ? -6.295  -16.483 4.567   1.00 51.73  ? 20  ARG A CG  1 
ATOM   106  C CD  . ARG A 1 20  ? -7.071  -16.659 3.287   1.00 52.54  ? 20  ARG A CD  1 
ATOM   107  N NE  . ARG A 1 20  ? -7.306  -18.068 2.954   1.00 52.86  ? 20  ARG A NE  1 
ATOM   108  C CZ  . ARG A 1 20  ? -8.177  -18.486 2.026   1.00 56.19  ? 20  ARG A CZ  1 
ATOM   109  N NH1 . ARG A 1 20  ? -8.917  -17.604 1.332   1.00 54.32  ? 20  ARG A NH1 1 
ATOM   110  N NH2 . ARG A 1 20  ? -8.329  -19.794 1.788   1.00 57.23  ? 20  ARG A NH2 1 
ATOM   111  N N   . LYS A 1 21  ? -5.125  -16.697 7.700   1.00 46.18  ? 21  LYS A N   1 
ATOM   112  C CA  . LYS A 1 21  ? -5.465  -17.620 8.769   1.00 48.89  ? 21  LYS A CA  1 
ATOM   113  C C   . LYS A 1 21  ? -5.201  -17.029 10.144  1.00 46.10  ? 21  LYS A C   1 
ATOM   114  O O   . LYS A 1 21  ? -6.000  -17.235 11.049  1.00 41.53  ? 21  LYS A O   1 
ATOM   115  C CB  . LYS A 1 21  ? -4.684  -18.923 8.613   1.00 52.62  ? 21  LYS A CB  1 
ATOM   116  C CG  . LYS A 1 21  ? -5.378  -19.926 7.720   1.00 55.23  ? 21  LYS A CG  1 
ATOM   117  C CD  . LYS A 1 21  ? -4.538  -21.186 7.614   1.00 60.73  ? 21  LYS A CD  1 
ATOM   118  C CE  . LYS A 1 21  ? -5.203  -22.270 6.782   1.00 66.96  ? 21  LYS A CE  1 
ATOM   119  N NZ  . LYS A 1 21  ? -6.661  -22.433 7.055   1.00 71.55  ? 21  LYS A NZ  1 
ATOM   120  N N   . ARG A 1 22  ? -4.077  -16.323 10.290  1.00 45.34  ? 22  ARG A N   1 
ATOM   121  C CA  . ARG A 1 22  ? -3.645  -15.765 11.585  1.00 48.30  ? 22  ARG A CA  1 
ATOM   122  C C   . ARG A 1 22  ? -3.212  -14.318 11.425  1.00 40.99  ? 22  ARG A C   1 
ATOM   123  O O   . ARG A 1 22  ? -2.021  -13.987 11.597  1.00 40.91  ? 22  ARG A O   1 
ATOM   124  C CB  . ARG A 1 22  ? -2.539  -16.629 12.181  1.00 50.98  ? 22  ARG A CB  1 
ATOM   125  C CG  . ARG A 1 22  ? -3.057  -18.042 12.380  1.00 54.41  ? 22  ARG A CG  1 
ATOM   126  C CD  . ARG A 1 22  ? -2.097  -19.004 13.054  1.00 54.28  ? 22  ARG A CD  1 
ATOM   127  N NE  . ARG A 1 22  ? -2.768  -20.293 13.239  1.00 54.01  ? 22  ARG A NE  1 
ATOM   128  C CZ  . ARG A 1 22  ? -3.712  -20.549 14.154  1.00 55.53  ? 22  ARG A CZ  1 
ATOM   129  N NH1 . ARG A 1 22  ? -4.240  -21.769 14.214  1.00 57.24  ? 22  ARG A NH1 1 
ATOM   130  N NH2 . ARG A 1 22  ? -4.144  -19.612 15.013  1.00 54.46  ? 22  ARG A NH2 1 
ATOM   131  N N   . PRO A 1 23  ? -4.181  -13.457 11.060  1.00 34.47  ? 23  PRO A N   1 
ATOM   132  C CA  . PRO A 1 23  ? -3.913  -12.077 10.653  1.00 34.38  ? 23  PRO A CA  1 
ATOM   133  C C   . PRO A 1 23  ? -3.335  -11.187 11.731  1.00 35.55  ? 23  PRO A C   1 
ATOM   134  O O   . PRO A 1 23  ? -2.526  -10.305 11.416  1.00 34.74  ? 23  PRO A O   1 
ATOM   135  C CB  . PRO A 1 23  ? -5.285  -11.564 10.240  1.00 31.94  ? 23  PRO A CB  1 
ATOM   136  C CG  . PRO A 1 23  ? -6.254  -12.417 10.972  1.00 32.58  ? 23  PRO A CG  1 
ATOM   137  C CD  . PRO A 1 23  ? -5.621  -13.768 10.959  1.00 34.58  ? 23  PRO A CD  1 
ATOM   138  N N   . GLY A 1 24  ? -3.780  -11.395 12.975  1.00 35.85  ? 24  GLY A N   1 
ATOM   139  C CA  . GLY A 1 24  ? -3.325  -10.628 14.137  1.00 34.83  ? 24  GLY A CA  1 
ATOM   140  C C   . GLY A 1 24  ? -1.849  -10.741 14.387  1.00 32.48  ? 24  GLY A C   1 
ATOM   141  O O   . GLY A 1 24  ? -1.219  -9.809  14.791  1.00 29.66  ? 24  GLY A O   1 
ATOM   142  N N   . MET A 1 25  ? -1.309  -11.906 14.087  1.00 37.86  ? 25  MET A N   1 
ATOM   143  C CA  . MET A 1 25  ? 0.106   -12.170 14.210  1.00 41.16  ? 25  MET A CA  1 
ATOM   144  C C   . MET A 1 25  ? 0.959   -11.263 13.294  1.00 43.12  ? 25  MET A C   1 
ATOM   145  O O   . MET A 1 25  ? 2.113   -10.961 13.642  1.00 41.59  ? 25  MET A O   1 
ATOM   146  C CB  . MET A 1 25  ? 0.345   -13.646 13.908  1.00 42.50  ? 25  MET A CB  1 
ATOM   147  C CG  . MET A 1 25  ? 1.797   -14.107 13.949  1.00 50.82  ? 25  MET A CG  1 
ATOM   148  S SD  . MET A 1 25  ? 1.988   -15.609 12.960  1.00 63.99  ? 25  MET A SD  1 
ATOM   149  C CE  . MET A 1 25  ? 0.858   -16.753 13.804  1.00 53.51  ? 25  MET A CE  1 
ATOM   150  N N   . TYR A 1 26  ? 0.415   -10.861 12.136  1.00 39.86  ? 26  TYR A N   1 
ATOM   151  C CA  . TYR A 1 26  ? 1.153   -10.023 11.171  1.00 39.56  ? 26  TYR A CA  1 
ATOM   152  C C   . TYR A 1 26  ? 0.787   -8.558  11.217  1.00 40.80  ? 26  TYR A C   1 
ATOM   153  O O   . TYR A 1 26  ? 1.686   -7.711  11.157  1.00 49.31  ? 26  TYR A O   1 
ATOM   154  C CB  . TYR A 1 26  ? 0.913   -10.488 9.754   1.00 37.95  ? 26  TYR A CB  1 
ATOM   155  C CG  . TYR A 1 26  ? 1.374   -11.885 9.474   1.00 37.68  ? 26  TYR A CG  1 
ATOM   156  C CD1 . TYR A 1 26  ? 0.525   -12.948 9.684   1.00 37.44  ? 26  TYR A CD1 1 
ATOM   157  C CD2 . TYR A 1 26  ? 2.654   -12.143 8.974   1.00 38.63  ? 26  TYR A CD2 1 
ATOM   158  C CE1 . TYR A 1 26  ? 0.916   -14.242 9.417   1.00 40.55  ? 26  TYR A CE1 1 
ATOM   159  C CE2 . TYR A 1 26  ? 3.060   -13.441 8.700   1.00 40.55  ? 26  TYR A CE2 1 
ATOM   160  C CZ  . TYR A 1 26  ? 2.184   -14.489 8.920   1.00 42.19  ? 26  TYR A CZ  1 
ATOM   161  O OH  . TYR A 1 26  ? 2.562   -15.792 8.646   1.00 49.15  ? 26  TYR A OH  1 
ATOM   162  N N   . ILE A 1 27  ? -0.517  -8.256  11.278  1.00 37.05  ? 27  ILE A N   1 
ATOM   163  C CA  . ILE A 1 27  ? -1.009  -6.862  11.179  1.00 36.82  ? 27  ILE A CA  1 
ATOM   164  C C   . ILE A 1 27  ? -1.409  -6.178  12.513  1.00 35.09  ? 27  ILE A C   1 
ATOM   165  O O   . ILE A 1 27  ? -1.551  -4.987  12.566  1.00 32.84  ? 27  ILE A O   1 
ATOM   166  C CB  . ILE A 1 27  ? -2.180  -6.771  10.148  1.00 34.54  ? 27  ILE A CB  1 
ATOM   167  C CG1 . ILE A 1 27  ? -2.336  -5.341  9.593   1.00 35.21  ? 27  ILE A CG1 1 
ATOM   168  C CG2 . ILE A 1 27  ? -3.497  -7.233  10.758  1.00 32.44  ? 27  ILE A CG2 1 
ATOM   169  C CD1 . ILE A 1 27  ? -1.140  -4.808  8.848   1.00 35.14  ? 27  ILE A CD1 1 
ATOM   170  N N   . GLY A 1 28  ? -1.578  -6.928  13.591  1.00 37.92  ? 28  GLY A N   1 
ATOM   171  C CA  . GLY A 1 28  ? -2.070  -6.361  14.855  1.00 36.20  ? 28  GLY A CA  1 
ATOM   172  C C   . GLY A 1 28  ? -3.492  -6.830  15.096  1.00 38.71  ? 28  GLY A C   1 
ATOM   173  O O   . GLY A 1 28  ? -4.058  -7.553  14.262  1.00 36.20  ? 28  GLY A O   1 
ATOM   174  N N   . ASP A 1 29  ? -4.060  -6.405  16.231  1.00 39.35  ? 29  ASP A N   1 
ATOM   175  C CA  . ASP A 1 29  ? -5.397  -6.794  16.671  1.00 35.89  ? 29  ASP A CA  1 
ATOM   176  C C   . ASP A 1 29  ? -6.405  -6.407  15.605  1.00 34.57  ? 29  ASP A C   1 
ATOM   177  O O   . ASP A 1 29  ? -6.442  -5.269  15.159  1.00 32.35  ? 29  ASP A O   1 
ATOM   178  C CB  . ASP A 1 29  ? -5.778  -6.088  17.984  1.00 39.02  ? 29  ASP A CB  1 
ATOM   179  C CG  . ASP A 1 29  ? -5.084  -6.681  19.239  1.00 45.15  ? 29  ASP A CG  1 
ATOM   180  O OD1 . ASP A 1 29  ? -4.019  -7.354  19.152  1.00 35.49  ? 29  ASP A OD1 1 
ATOM   181  O OD2 . ASP A 1 29  ? -5.637  -6.430  20.343  1.00 52.93  ? 29  ASP A OD2 1 
ATOM   182  N N   . THR A 1 30  ? -7.237  -7.366  15.213  1.00 35.79  ? 30  THR A N   1 
ATOM   183  C CA  . THR A 1 30  ? -8.214  -7.170  14.139  1.00 36.30  ? 30  THR A CA  1 
ATOM   184  C C   . THR A 1 30  ? -9.580  -6.703  14.606  1.00 33.64  ? 30  THR A C   1 
ATOM   185  O O   . THR A 1 30  ? -10.424 -6.407  13.774  1.00 33.30  ? 30  THR A O   1 
ATOM   186  C CB  . THR A 1 30  ? -8.397  -8.463  13.349  1.00 35.33  ? 30  THR A CB  1 
ATOM   187  O OG1 . THR A 1 30  ? -8.877  -9.484  14.227  1.00 33.07  ? 30  THR A OG1 1 
ATOM   188  C CG2 . THR A 1 30  ? -7.057  -8.893  12.730  1.00 35.44  ? 30  THR A CG2 1 
ATOM   189  N N   . ASP A 1 31  ? -9.778  -6.616  15.917  1.00 32.70  ? 31  ASP A N   1 
ATOM   190  C CA  . ASP A 1 31  ? -11.100 -6.287  16.495  1.00 35.17  ? 31  ASP A CA  1 
ATOM   191  C C   . ASP A 1 31  ? -11.277 -4.895  17.116  1.00 29.91  ? 31  ASP A C   1 
ATOM   192  O O   . ASP A 1 31  ? -12.399 -4.534  17.413  1.00 30.46  ? 31  ASP A O   1 
ATOM   193  C CB  . ASP A 1 31  ? -11.539 -7.361  17.502  1.00 37.06  ? 31  ASP A CB  1 
ATOM   194  C CG  . ASP A 1 31  ? -10.508 -7.618  18.596  1.00 41.18  ? 31  ASP A CG  1 
ATOM   195  O OD1 . ASP A 1 31  ? -9.471  -6.914  18.723  1.00 46.74  ? 31  ASP A OD1 1 
ATOM   196  O OD2 . ASP A 1 31  ? -10.752 -8.575  19.322  1.00 46.49  ? 31  ASP A OD2 1 
ATOM   197  N N   . ASP A 1 32  ? -10.203 -4.127  17.277  1.00 27.91  ? 32  ASP A N   1 
ATOM   198  C CA  . ASP A 1 32  ? -10.242 -2.785  17.882  1.00 27.21  ? 32  ASP A CA  1 
ATOM   199  C C   . ASP A 1 32  ? -9.677  -1.672  16.986  1.00 27.36  ? 32  ASP A C   1 
ATOM   200  O O   . ASP A 1 32  ? -9.364  -0.553  17.452  1.00 25.89  ? 32  ASP A O   1 
ATOM   201  C CB  . ASP A 1 32  ? -9.481  -2.803  19.219  1.00 29.12  ? 32  ASP A CB  1 
ATOM   202  C CG  . ASP A 1 32  ? -7.998  -3.128  19.051  1.00 31.87  ? 32  ASP A CG  1 
ATOM   203  O OD1 . ASP A 1 32  ? -7.609  -3.655  17.997  1.00 41.15  ? 32  ASP A OD1 1 
ATOM   204  O OD2 . ASP A 1 32  ? -7.216  -2.905  19.979  1.00 34.78  ? 32  ASP A OD2 1 
ATOM   205  N N   . GLY A 1 33  ? -9.505  -1.954  15.695  1.00 28.46  ? 33  GLY A N   1 
ATOM   206  C CA  . GLY A 1 33  ? -9.060  -0.911  14.754  1.00 28.02  ? 33  GLY A CA  1 
ATOM   207  C C   . GLY A 1 33  ? -7.564  -0.695  14.653  1.00 29.20  ? 33  GLY A C   1 
ATOM   208  O O   . GLY A 1 33  ? -7.115  0.015   13.753  1.00 28.06  ? 33  GLY A O   1 
ATOM   209  N N   . THR A 1 34  ? -6.773  -1.310  15.530  1.00 29.21  ? 34  THR A N   1 
ATOM   210  C CA  . THR A 1 34  ? -5.344  -1.047  15.526  1.00 31.22  ? 34  THR A CA  1 
ATOM   211  C C   . THR A 1 34  ? -4.745  -1.678  14.261  1.00 30.02  ? 34  THR A C   1 
ATOM   212  O O   . THR A 1 34  ? -4.103  -0.989  13.483  1.00 29.52  ? 34  THR A O   1 
ATOM   213  C CB  . THR A 1 34  ? -4.643  -1.576  16.792  1.00 32.35  ? 34  THR A CB  1 
ATOM   214  O OG1 . THR A 1 34  ? -4.705  -2.999  16.786  1.00 36.35  ? 34  THR A OG1 1 
ATOM   215  C CG2 . THR A 1 34  ? -5.297  -1.012  18.105  1.00 31.48  ? 34  THR A CG2 1 
ATOM   216  N N   . GLY A 1 35  ? -4.984  -2.969  14.046  1.00 28.39  ? 35  GLY A N   1 
ATOM   217  C CA  . GLY A 1 35  ? -4.594  -3.620  12.794  1.00 27.98  ? 35  GLY A CA  1 
ATOM   218  C C   . GLY A 1 35  ? -5.089  -2.945  11.525  1.00 26.13  ? 35  GLY A C   1 
ATOM   219  O O   . GLY A 1 35  ? -4.335  -2.706  10.643  1.00 29.09  ? 35  GLY A O   1 
ATOM   220  N N   . LEU A 1 36  ? -6.363  -2.597  11.470  1.00 27.58  ? 36  LEU A N   1 
ATOM   221  C CA  . LEU A 1 36  ? -6.975  -1.872  10.337  1.00 27.20  ? 36  LEU A CA  1 
ATOM   222  C C   . LEU A 1 36  ? -6.200  -0.634  9.918   1.00 27.14  ? 36  LEU A C   1 
ATOM   223  O O   . LEU A 1 36  ? -5.930  -0.435  8.745   1.00 25.70  ? 36  LEU A O   1 
ATOM   224  C CB  . LEU A 1 36  ? -8.389  -1.405  10.689  1.00 25.74  ? 36  LEU A CB  1 
ATOM   225  C CG  . LEU A 1 36  ? -9.144  -0.719  9.546   1.00 26.54  ? 36  LEU A CG  1 
ATOM   226  C CD1 . LEU A 1 36  ? -9.617  -1.706  8.482   1.00 28.92  ? 36  LEU A CD1 1 
ATOM   227  C CD2 . LEU A 1 36  ? -10.319 0.121   10.003  1.00 25.97  ? 36  LEU A CD2 1 
ATOM   228  N N   . HIS A 1 37  ? -5.902  0.217   10.888  1.00 25.62  ? 37  HIS A N   1 
ATOM   229  C CA  . HIS A 1 37  ? -5.100  1.385   10.637  1.00 27.48  ? 37  HIS A CA  1 
ATOM   230  C C   . HIS A 1 37  ? -3.623  1.069   10.383  1.00 28.56  ? 37  HIS A C   1 
ATOM   231  O O   . HIS A 1 37  ? -3.001  1.741   9.552   1.00 29.72  ? 37  HIS A O   1 
ATOM   232  C CB  . HIS A 1 37  ? -5.287  2.405   11.745  1.00 27.07  ? 37  HIS A CB  1 
ATOM   233  C CG  . HIS A 1 37  ? -6.678  2.937   11.803  1.00 27.27  ? 37  HIS A CG  1 
ATOM   234  N ND1 . HIS A 1 37  ? -7.729  2.199   12.319  1.00 26.66  ? 37  HIS A ND1 1 
ATOM   235  C CD2 . HIS A 1 37  ? -7.208  4.105   11.369  1.00 25.89  ? 37  HIS A CD2 1 
ATOM   236  C CE1 . HIS A 1 37  ? -8.837  2.901   12.224  1.00 26.14  ? 37  HIS A CE1 1 
ATOM   237  N NE2 . HIS A 1 37  ? -8.544  4.065   11.663  1.00 27.67  ? 37  HIS A NE2 1 
ATOM   238  N N   . HIS A 1 38  ? -3.081  0.051   11.037  1.00 30.19  ? 38  HIS A N   1 
ATOM   239  C CA  . HIS A 1 38  ? -1.728  -0.402  10.725  1.00 35.01  ? 38  HIS A CA  1 
ATOM   240  C C   . HIS A 1 38  ? -1.556  -0.784  9.244   1.00 33.68  ? 38  HIS A C   1 
ATOM   241  O O   . HIS A 1 38  ? -0.490  -0.575  8.684   1.00 40.20  ? 38  HIS A O   1 
ATOM   242  C CB  . HIS A 1 38  ? -1.295  -1.541  11.633  1.00 39.80  ? 38  HIS A CB  1 
ATOM   243  C CG  . HIS A 1 38  ? 0.177   -1.816  11.591  1.00 53.31  ? 38  HIS A CG  1 
ATOM   244  N ND1 . HIS A 1 38  ? 0.702   -3.053  11.273  1.00 60.01  ? 38  HIS A ND1 1 
ATOM   245  C CD2 . HIS A 1 38  ? 1.243   -1.006  11.816  1.00 62.89  ? 38  HIS A CD2 1 
ATOM   246  C CE1 . HIS A 1 38  ? 2.023   -2.997  11.307  1.00 61.47  ? 38  HIS A CE1 1 
ATOM   247  N NE2 . HIS A 1 38  ? 2.378   -1.767  11.638  1.00 62.48  ? 38  HIS A NE2 1 
ATOM   248  N N   . MET A 1 39  ? -2.610  -1.277  8.602   1.00 29.78  ? 39  MET A N   1 
ATOM   249  C CA  . MET A 1 39  ? -2.604  -1.513  7.153   1.00 28.36  ? 39  MET A CA  1 
ATOM   250  C C   . MET A 1 39  ? -2.139  -0.292  6.352   1.00 29.15  ? 39  MET A C   1 
ATOM   251  O O   . MET A 1 39  ? -1.405  -0.416  5.372   1.00 29.77  ? 39  MET A O   1 
ATOM   252  C CB  . MET A 1 39  ? -3.972  -1.904  6.672   1.00 28.17  ? 39  MET A CB  1 
ATOM   253  C CG  . MET A 1 39  ? -4.485  -3.226  7.231   1.00 29.85  ? 39  MET A CG  1 
ATOM   254  S SD  . MET A 1 39  ? -4.166  -4.598  6.126   1.00 29.88  ? 39  MET A SD  1 
ATOM   255  C CE  . MET A 1 39  ? -5.480  -4.317  4.965   1.00 30.76  ? 39  MET A CE  1 
ATOM   256  N N   . VAL A 1 40  ? -2.539  0.884   6.804   1.00 29.29  ? 40  VAL A N   1 
ATOM   257  C CA  . VAL A 1 40  ? -2.201  2.148   6.148   1.00 27.04  ? 40  VAL A CA  1 
ATOM   258  C C   . VAL A 1 40  ? -0.771  2.542   6.404   1.00 25.98  ? 40  VAL A C   1 
ATOM   259  O O   . VAL A 1 40  ? -0.070  2.947   5.485   1.00 25.52  ? 40  VAL A O   1 
ATOM   260  C CB  . VAL A 1 40  ? -3.120  3.295   6.599   1.00 24.70  ? 40  VAL A CB  1 
ATOM   261  C CG1 . VAL A 1 40  ? -2.745  4.593   5.923   1.00 23.57  ? 40  VAL A CG1 1 
ATOM   262  C CG2 . VAL A 1 40  ? -4.566  2.980   6.255   1.00 25.79  ? 40  VAL A CG2 1 
ATOM   263  N N   . PHE A 1 41  ? -0.331  2.421   7.647   1.00 26.04  ? 41  PHE A N   1 
ATOM   264  C CA  . PHE A 1 41  ? 1.008   2.875   7.996   1.00 24.27  ? 41  PHE A CA  1 
ATOM   265  C C   . PHE A 1 41  ? 2.051   2.001   7.337   1.00 24.17  ? 41  PHE A C   1 
ATOM   266  O O   . PHE A 1 41  ? 3.109   2.504   6.950   1.00 22.75  ? 41  PHE A O   1 
ATOM   267  C CB  . PHE A 1 41  ? 1.210   2.928   9.495   1.00 24.08  ? 41  PHE A CB  1 
ATOM   268  C CG  . PHE A 1 41  ? 0.105   3.637   10.229  1.00 26.11  ? 41  PHE A CG  1 
ATOM   269  C CD1 . PHE A 1 41  ? -0.380  4.885   9.792   1.00 26.09  ? 41  PHE A CD1 1 
ATOM   270  C CD2 . PHE A 1 41  ? -0.482  3.043   11.351  1.00 27.29  ? 41  PHE A CD2 1 
ATOM   271  C CE1 . PHE A 1 41  ? -1.389  5.534   10.488  1.00 26.19  ? 41  PHE A CE1 1 
ATOM   272  C CE2 . PHE A 1 41  ? -1.499  3.686   12.041  1.00 26.06  ? 41  PHE A CE2 1 
ATOM   273  C CZ  . PHE A 1 41  ? -1.950  4.926   11.609  1.00 26.98  ? 41  PHE A CZ  1 
ATOM   274  N N   . GLU A 1 42  ? 1.739   0.717   7.183   1.00 24.97  ? 42  GLU A N   1 
ATOM   275  C CA  . GLU A 1 42  ? 2.571   -0.192  6.390   1.00 28.58  ? 42  GLU A CA  1 
ATOM   276  C C   . GLU A 1 42  ? 2.726   0.243   4.933   1.00 27.27  ? 42  GLU A C   1 
ATOM   277  O O   . GLU A 1 42  ? 3.828   0.251   4.418   1.00 27.59  ? 42  GLU A O   1 
ATOM   278  C CB  . GLU A 1 42  ? 2.039   -1.642  6.447   1.00 33.31  ? 42  GLU A CB  1 
ATOM   279  C CG  . GLU A 1 42  ? 2.798   -2.645  5.558   1.00 36.74  ? 42  GLU A CG  1 
ATOM   280  C CD  . GLU A 1 42  ? 4.313   -2.742  5.881   1.00 39.14  ? 42  GLU A CD  1 
ATOM   281  O OE1 . GLU A 1 42  ? 5.105   -3.180  4.999   1.00 38.20  ? 42  GLU A OE1 1 
ATOM   282  O OE2 . GLU A 1 42  ? 4.701   -2.396  7.022   1.00 36.61  ? 42  GLU A OE2 1 
ATOM   283  N N   . VAL A 1 43  ? 1.635   0.596   4.257   1.00 27.08  ? 43  VAL A N   1 
ATOM   284  C CA  . VAL A 1 43  ? 1.795   1.055   2.886   1.00 27.30  ? 43  VAL A CA  1 
ATOM   285  C C   . VAL A 1 43  ? 2.637   2.338   2.888   1.00 25.65  ? 43  VAL A C   1 
ATOM   286  O O   . VAL A 1 43  ? 3.516   2.512   2.056   1.00 26.20  ? 43  VAL A O   1 
ATOM   287  C CB  . VAL A 1 43  ? 0.461   1.293   2.170   1.00 28.04  ? 43  VAL A CB  1 
ATOM   288  C CG1 . VAL A 1 43  ? 0.686   1.792   0.735   1.00 26.39  ? 43  VAL A CG1 1 
ATOM   289  C CG2 . VAL A 1 43  ? -0.366  0.015   2.167   1.00 29.64  ? 43  VAL A CG2 1 
ATOM   290  N N   . VAL A 1 44  ? 2.340   3.232   3.821   1.00 24.93  ? 44  VAL A N   1 
ATOM   291  C CA  . VAL A 1 44  ? 3.029   4.514   3.932   1.00 25.17  ? 44  VAL A CA  1 
ATOM   292  C C   . VAL A 1 44  ? 4.534   4.340   4.220   1.00 28.13  ? 44  VAL A C   1 
ATOM   293  O O   . VAL A 1 44  ? 5.336   5.017   3.609   1.00 29.02  ? 44  VAL A O   1 
ATOM   294  C CB  . VAL A 1 44  ? 2.363   5.407   5.020   1.00 24.45  ? 44  VAL A CB  1 
ATOM   295  C CG1 . VAL A 1 44  ? 3.212   6.638   5.349   1.00 25.94  ? 44  VAL A CG1 1 
ATOM   296  C CG2 . VAL A 1 44  ? 0.978   5.855   4.596   1.00 24.03  ? 44  VAL A CG2 1 
ATOM   297  N N   . ASP A 1 45  ? 4.891   3.433   5.141   1.00 32.83  ? 45  ASP A N   1 
ATOM   298  C CA  . ASP A 1 45  ? 6.285   3.104   5.505   1.00 34.19  ? 45  ASP A CA  1 
ATOM   299  C C   . ASP A 1 45  ? 7.079   2.679   4.265   1.00 35.47  ? 45  ASP A C   1 
ATOM   300  O O   . ASP A 1 45  ? 8.275   2.943   4.168   1.00 34.23  ? 45  ASP A O   1 
ATOM   301  C CB  . ASP A 1 45  ? 6.317   1.984   6.569   1.00 37.02  ? 45  ASP A CB  1 
ATOM   302  C CG  . ASP A 1 45  ? 7.742   1.718   7.134   1.00 42.32  ? 45  ASP A CG  1 
ATOM   303  O OD1 . ASP A 1 45  ? 8.412   2.682   7.605   1.00 44.82  ? 45  ASP A OD1 1 
ATOM   304  O OD2 . ASP A 1 45  ? 8.198   0.540   7.125   1.00 39.45  ? 45  ASP A OD2 1 
ATOM   305  N N   . ASN A 1 46  ? 6.403   2.019   3.322   1.00 34.03  ? 46  ASN A N   1 
ATOM   306  C CA  . ASN A 1 46  ? 7.003   1.668   2.028   1.00 34.77  ? 46  ASN A CA  1 
ATOM   307  C C   . ASN A 1 46  ? 7.402   2.897   1.195   1.00 36.20  ? 46  ASN A C   1 
ATOM   308  O O   . ASN A 1 46  ? 8.470   2.919   0.608   1.00 38.00  ? 46  ASN A O   1 
ATOM   309  C CB  . ASN A 1 46  ? 6.042   0.798   1.219   1.00 35.34  ? 46  ASN A CB  1 
ATOM   310  C CG  . ASN A 1 46  ? 6.142   -0.656  1.590   1.00 36.84  ? 46  ASN A CG  1 
ATOM   311  O OD1 . ASN A 1 46  ? 6.880   -1.399  0.954   1.00 40.27  ? 46  ASN A OD1 1 
ATOM   312  N ND2 . ASN A 1 46  ? 5.417   -1.072  2.632   1.00 37.07  ? 46  ASN A ND2 1 
ATOM   313  N N   . ALA A 1 47  ? 6.514   3.887   1.147   1.00 33.69  ? 47  ALA A N   1 
ATOM   314  C CA  . ALA A 1 47  ? 6.750   5.143   0.483   1.00 33.89  ? 47  ALA A CA  1 
ATOM   315  C C   . ALA A 1 47  ? 7.825   5.998   1.182   1.00 35.09  ? 47  ALA A C   1 
ATOM   316  O O   . ALA A 1 47  ? 8.637   6.636   0.540   1.00 35.65  ? 47  ALA A O   1 
ATOM   317  C CB  . ALA A 1 47  ? 5.428   5.900   0.390   1.00 33.77  ? 47  ALA A CB  1 
ATOM   318  N N   . ILE A 1 48  ? 7.814   5.995   2.509   1.00 39.14  ? 48  ILE A N   1 
ATOM   319  C CA  . ILE A 1 48  ? 8.825   6.655   3.316   1.00 36.25  ? 48  ILE A CA  1 
ATOM   320  C C   . ILE A 1 48  ? 10.235  6.130   3.048   1.00 37.37  ? 48  ILE A C   1 
ATOM   321  O O   . ILE A 1 48  ? 11.180  6.932   2.924   1.00 42.76  ? 48  ILE A O   1 
ATOM   322  C CB  . ILE A 1 48  ? 8.462   6.574   4.813   1.00 37.36  ? 48  ILE A CB  1 
ATOM   323  C CG1 . ILE A 1 48  ? 7.307   7.561   5.082   1.00 35.95  ? 48  ILE A CG1 1 
ATOM   324  C CG2 . ILE A 1 48  ? 9.685   6.852   5.703   1.00 36.96  ? 48  ILE A CG2 1 
ATOM   325  C CD1 . ILE A 1 48  ? 6.840   7.688   6.515   1.00 36.58  ? 48  ILE A CD1 1 
ATOM   326  N N   . ASP A 1 49  ? 10.384  4.816   2.939   1.00 37.80  ? 49  ASP A N   1 
ATOM   327  C CA  . ASP A 1 49  ? 11.662  4.221   2.499   1.00 40.35  ? 49  ASP A CA  1 
ATOM   328  C C   . ASP A 1 49  ? 12.182  4.871   1.196   1.00 39.55  ? 49  ASP A C   1 
ATOM   329  O O   . ASP A 1 49  ? 13.329  5.283   1.120   1.00 39.01  ? 49  ASP A O   1 
ATOM   330  C CB  . ASP A 1 49  ? 11.505  2.732   2.228   1.00 40.93  ? 49  ASP A CB  1 
ATOM   331  C CG  . ASP A 1 49  ? 11.446  1.887   3.488   1.00 42.00  ? 49  ASP A CG  1 
ATOM   332  O OD1 . ASP A 1 49  ? 11.926  2.294   4.590   1.00 36.57  ? 49  ASP A OD1 1 
ATOM   333  O OD2 . ASP A 1 49  ? 10.932  0.761   3.303   1.00 42.92  ? 49  ASP A OD2 1 
ATOM   334  N N   . GLU A 1 50  ? 11.310  4.969   0.199   1.00 39.38  ? 50  GLU A N   1 
ATOM   335  C CA  . GLU A 1 50  ? 11.646  5.620   -1.065  1.00 42.17  ? 50  GLU A CA  1 
ATOM   336  C C   . GLU A 1 50  ? 12.022  7.090   -0.877  1.00 45.91  ? 50  GLU A C   1 
ATOM   337  O O   . GLU A 1 50  ? 12.805  7.633   -1.675  1.00 48.88  ? 50  GLU A O   1 
ATOM   338  C CB  . GLU A 1 50  ? 10.473  5.506   -2.032  1.00 40.93  ? 50  GLU A CB  1 
ATOM   339  C CG  . GLU A 1 50  ? 10.693  6.026   -3.455  1.00 43.62  ? 50  GLU A CG  1 
ATOM   340  C CD  . GLU A 1 50  ? 11.549  5.105   -4.317  1.00 42.69  ? 50  GLU A CD  1 
ATOM   341  O OE1 . GLU A 1 50  ? 12.334  4.317   -3.741  1.00 39.14  ? 50  GLU A OE1 1 
ATOM   342  O OE2 . GLU A 1 50  ? 11.445  5.173   -5.578  1.00 40.94  ? 50  GLU A OE2 1 
ATOM   343  N N   . ALA A 1 51  ? 11.467  7.721   0.166   1.00 43.84  ? 51  ALA A N   1 
ATOM   344  C CA  . ALA A 1 51  ? 11.799  9.118   0.493   1.00 47.49  ? 51  ALA A CA  1 
ATOM   345  C C   . ALA A 1 51  ? 13.134  9.224   1.223   1.00 47.54  ? 51  ALA A C   1 
ATOM   346  O O   . ALA A 1 51  ? 13.884  10.160  0.991   1.00 50.66  ? 51  ALA A O   1 
ATOM   347  C CB  . ALA A 1 51  ? 10.690  9.766   1.297   1.00 43.51  ? 51  ALA A CB  1 
ATOM   348  N N   . LEU A 1 52  ? 13.415  8.262   2.097   1.00 50.85  ? 52  LEU A N   1 
ATOM   349  C CA  . LEU A 1 52  ? 14.728  8.149   2.750   1.00 51.24  ? 52  LEU A CA  1 
ATOM   350  C C   . LEU A 1 52  ? 15.893  7.812   1.795   1.00 51.76  ? 52  LEU A C   1 
ATOM   351  O O   . LEU A 1 52  ? 17.049  8.029   2.144   1.00 51.47  ? 52  LEU A O   1 
ATOM   352  C CB  . LEU A 1 52  ? 14.673  7.111   3.880   1.00 51.93  ? 52  LEU A CB  1 
ATOM   353  C CG  . LEU A 1 52  ? 14.202  7.563   5.275   1.00 52.54  ? 52  LEU A CG  1 
ATOM   354  C CD1 . LEU A 1 52  ? 13.153  8.678   5.226   1.00 52.24  ? 52  LEU A CD1 1 
ATOM   355  C CD2 . LEU A 1 52  ? 13.714  6.352   6.090   1.00 50.16  ? 52  LEU A CD2 1 
ATOM   356  N N   . ALA A 1 53  ? 15.591  7.288   0.611   1.00 50.07  ? 53  ALA A N   1 
ATOM   357  C CA  . ALA A 1 53  ? 16.609  7.034   -0.409  1.00 51.99  ? 53  ALA A CA  1 
ATOM   358  C C   . ALA A 1 53  ? 16.825  8.223   -1.366  1.00 51.36  ? 53  ALA A C   1 
ATOM   359  O O   . ALA A 1 53  ? 17.635  8.125   -2.267  1.00 56.80  ? 53  ALA A O   1 
ATOM   360  C CB  . ALA A 1 53  ? 16.240  5.791   -1.203  1.00 49.65  ? 53  ALA A CB  1 
ATOM   361  N N   . GLY A 1 54  ? 16.087  9.313   -1.194  1.00 48.35  ? 54  GLY A N   1 
ATOM   362  C CA  . GLY A 1 54  ? 16.270  10.504  -1.986  1.00 47.52  ? 54  GLY A CA  1 
ATOM   363  C C   . GLY A 1 54  ? 15.383  10.648  -3.205  1.00 55.20  ? 54  GLY A C   1 
ATOM   364  O O   . GLY A 1 54  ? 15.547  11.609  -3.954  1.00 60.61  ? 54  GLY A O   1 
ATOM   365  N N   . HIS A 1 55  ? 14.424  9.744   -3.412  1.00 55.41  ? 55  HIS A N   1 
ATOM   366  C CA  . HIS A 1 55  ? 13.607  9.773   -4.625  1.00 53.09  ? 55  HIS A CA  1 
ATOM   367  C C   . HIS A 1 55  ? 12.165  10.281  -4.450  1.00 54.48  ? 55  HIS A C   1 
ATOM   368  O O   . HIS A 1 55  ? 11.564  10.777  -5.402  1.00 51.74  ? 55  HIS A O   1 
ATOM   369  C CB  . HIS A 1 55  ? 13.636  8.392   -5.268  1.00 52.52  ? 55  HIS A CB  1 
ATOM   370  C CG  . HIS A 1 55  ? 15.022  7.855   -5.437  1.00 51.51  ? 55  HIS A CG  1 
ATOM   371  N ND1 . HIS A 1 55  ? 15.599  6.991   -4.534  1.00 54.08  ? 55  HIS A ND1 1 
ATOM   372  C CD2 . HIS A 1 55  ? 15.958  8.097   -6.382  1.00 47.95  ? 55  HIS A CD2 1 
ATOM   373  C CE1 . HIS A 1 55  ? 16.833  6.716   -4.917  1.00 53.32  ? 55  HIS A CE1 1 
ATOM   374  N NE2 . HIS A 1 55  ? 17.070  7.367   -6.042  1.00 51.01  ? 55  HIS A NE2 1 
ATOM   375  N N   . CYS A 1 56  ? 11.602  10.132  -3.253  1.00 58.90  ? 56  CYS A N   1 
ATOM   376  C CA  . CYS A 1 56  ? 10.245  10.617  -2.961  1.00 59.29  ? 56  CYS A CA  1 
ATOM   377  C C   . CYS A 1 56  ? 10.336  11.940  -2.187  1.00 56.31  ? 56  CYS A C   1 
ATOM   378  O O   . CYS A 1 56  ? 11.238  12.131  -1.375  1.00 54.71  ? 56  CYS A O   1 
ATOM   379  C CB  . CYS A 1 56  ? 9.413   9.549   -2.206  1.00 57.17  ? 56  CYS A CB  1 
ATOM   380  S SG  . CYS A 1 56  ? 7.740   10.081  -1.673  1.00 53.79  ? 56  CYS A SG  1 
ATOM   381  N N   . LYS A 1 57  ? 9.423   12.854  -2.505  1.00 58.90  ? 57  LYS A N   1 
ATOM   382  C CA  . LYS A 1 57  ? 9.284   14.141  -1.824  1.00 61.42  ? 57  LYS A CA  1 
ATOM   383  C C   . LYS A 1 57  ? 7.963   14.221  -1.067  1.00 56.72  ? 57  LYS A C   1 
ATOM   384  O O   . LYS A 1 57  ? 7.933   14.575  0.122   1.00 49.02  ? 57  LYS A O   1 
ATOM   385  C CB  . LYS A 1 57  ? 9.333   15.292  -2.839  1.00 66.18  ? 57  LYS A CB  1 
ATOM   386  C CG  . LYS A 1 57  ? 10.650  15.434  -3.605  1.00 71.66  ? 57  LYS A CG  1 
ATOM   387  C CD  . LYS A 1 57  ? 11.815  15.927  -2.723  1.00 74.60  ? 57  LYS A CD  1 
ATOM   388  C CE  . LYS A 1 57  ? 12.736  16.909  -3.454  1.00 74.50  ? 57  LYS A CE  1 
ATOM   389  N NZ  . LYS A 1 57  ? 13.121  16.460  -4.830  1.00 74.60  ? 57  LYS A NZ  1 
ATOM   390  N N   . GLU A 1 58  ? 6.880   13.925  -1.792  1.00 55.30  ? 58  GLU A N   1 
ATOM   391  C CA  . GLU A 1 58  ? 5.518   14.050  -1.296  1.00 52.22  ? 58  GLU A CA  1 
ATOM   392  C C   . GLU A 1 58  ? 4.717   12.729  -1.316  1.00 46.35  ? 58  GLU A C   1 
ATOM   393  O O   . GLU A 1 58  ? 4.753   11.960  -2.300  1.00 45.61  ? 58  GLU A O   1 
ATOM   394  C CB  . GLU A 1 58  ? 4.775   15.130  -2.073  1.00 54.88  ? 58  GLU A CB  1 
ATOM   395  C CG  . GLU A 1 58  ? 3.529   15.586  -1.333  1.00 63.66  ? 58  GLU A CG  1 
ATOM   396  C CD  . GLU A 1 58  ? 2.807   16.727  -2.006  1.00 65.99  ? 58  GLU A CD  1 
ATOM   397  O OE1 . GLU A 1 58  ? 2.367   16.532  -3.169  1.00 64.59  ? 58  GLU A OE1 1 
ATOM   398  O OE2 . GLU A 1 58  ? 2.652   17.789  -1.352  1.00 67.11  ? 58  GLU A OE2 1 
ATOM   399  N N   . ILE A 1 59  ? 4.010   12.488  -0.208  1.00 38.64  ? 59  ILE A N   1 
ATOM   400  C CA  . ILE A 1 59  ? 3.125   11.328  -0.026  1.00 34.05  ? 59  ILE A CA  1 
ATOM   401  C C   . ILE A 1 59  ? 1.718   11.822  0.240   1.00 31.82  ? 59  ILE A C   1 
ATOM   402  O O   . ILE A 1 59  ? 1.494   12.726  1.044   1.00 32.10  ? 59  ILE A O   1 
ATOM   403  C CB  . ILE A 1 59  ? 3.600   10.410  1.135   1.00 32.06  ? 59  ILE A CB  1 
ATOM   404  C CG1 . ILE A 1 59  ? 5.029   9.915   0.840   1.00 31.54  ? 59  ILE A CG1 1 
ATOM   405  C CG2 . ILE A 1 59  ? 2.658   9.213   1.326   1.00 29.59  ? 59  ILE A CG2 1 
ATOM   406  C CD1 . ILE A 1 59  ? 5.694   9.218   2.009   1.00 32.59  ? 59  ILE A CD1 1 
ATOM   407  N N   . ILE A 1 60  ? 0.761   11.210  -0.437  1.00 31.48  ? 60  ILE A N   1 
ATOM   408  C CA  . ILE A 1 60  ? -0.619  11.644  -0.385  1.00 30.06  ? 60  ILE A CA  1 
ATOM   409  C C   . ILE A 1 60  ? -1.502  10.472  0.034   1.00 30.59  ? 60  ILE A C   1 
ATOM   410  O O   . ILE A 1 60  ? -1.660  9.546   -0.720  1.00 28.46  ? 60  ILE A O   1 
ATOM   411  C CB  . ILE A 1 60  ? -1.096  12.191  -1.730  1.00 28.98  ? 60  ILE A CB  1 
ATOM   412  C CG1 . ILE A 1 60  ? -0.160  13.315  -2.191  1.00 28.80  ? 60  ILE A CG1 1 
ATOM   413  C CG2 . ILE A 1 60  ? -2.550  12.659  -1.597  1.00 29.66  ? 60  ILE A CG2 1 
ATOM   414  C CD1 . ILE A 1 60  ? -0.538  13.914  -3.525  1.00 29.35  ? 60  ILE A CD1 1 
ATOM   415  N N   . VAL A 1 61  ? -2.087  10.570  1.236   1.00 30.12  ? 61  VAL A N   1 
ATOM   416  C CA  . VAL A 1 61  ? -2.944  9.566   1.793   1.00 29.73  ? 61  VAL A CA  1 
ATOM   417  C C   . VAL A 1 61  ? -4.369  10.090  1.723   1.00 31.25  ? 61  VAL A C   1 
ATOM   418  O O   . VAL A 1 61  ? -4.677  11.123  2.320   1.00 30.42  ? 61  VAL A O   1 
ATOM   419  C CB  . VAL A 1 61  ? -2.555  9.269   3.245   1.00 27.41  ? 61  VAL A CB  1 
ATOM   420  C CG1 . VAL A 1 61  ? -3.395  8.157   3.807   1.00 26.85  ? 61  VAL A CG1 1 
ATOM   421  C CG2 . VAL A 1 61  ? -1.073  8.898   3.322   1.00 27.81  ? 61  VAL A CG2 1 
ATOM   422  N N   . THR A 1 62  ? -5.239  9.363   1.032   1.00 30.46  ? 62  THR A N   1 
ATOM   423  C CA  . THR A 1 62  ? -6.631  9.784   0.845   1.00 29.30  ? 62  THR A CA  1 
ATOM   424  C C   . THR A 1 62  ? -7.592  8.720   1.346   1.00 28.44  ? 62  THR A C   1 
ATOM   425  O O   . THR A 1 62  ? -7.485  7.555   0.948   1.00 27.84  ? 62  THR A O   1 
ATOM   426  C CB  . THR A 1 62  ? -6.941  10.019  -0.642  1.00 29.36  ? 62  THR A CB  1 
ATOM   427  O OG1 . THR A 1 62  ? -6.043  11.000  -1.152  1.00 30.37  ? 62  THR A OG1 1 
ATOM   428  C CG2 . THR A 1 62  ? -8.436  10.448  -0.849  1.00 28.69  ? 62  THR A CG2 1 
ATOM   429  N N   . ILE A 1 63  ? -8.553  9.132   2.166   1.00 30.82  ? 63  ILE A N   1 
ATOM   430  C CA  . ILE A 1 63  ? -9.587  8.240   2.678   1.00 33.17  ? 63  ILE A CA  1 
ATOM   431  C C   . ILE A 1 63  ? -10.773 8.481   1.783   1.00 37.18  ? 63  ILE A C   1 
ATOM   432  O O   . ILE A 1 63  ? -11.333 9.582   1.778   1.00 38.65  ? 63  ILE A O   1 
ATOM   433  C CB  . ILE A 1 63  ? -10.007 8.521   4.121   1.00 33.40  ? 63  ILE A CB  1 
ATOM   434  C CG1 . ILE A 1 63  ? -8.791  8.751   5.036   1.00 34.20  ? 63  ILE A CG1 1 
ATOM   435  C CG2 . ILE A 1 63  ? -10.884 7.367   4.634   1.00 33.08  ? 63  ILE A CG2 1 
ATOM   436  C CD1 . ILE A 1 63  ? -9.163  9.273   6.409   1.00 35.94  ? 63  ILE A CD1 1 
ATOM   437  N N   . HIS A 1 64  ? -11.129 7.451   1.015   1.00 41.52  ? 64  HIS A N   1 
ATOM   438  C CA  . HIS A 1 64  ? -12.167 7.537   -0.013  1.00 41.64  ? 64  HIS A CA  1 
ATOM   439  C C   . HIS A 1 64  ? -13.530 7.275   0.560   1.00 42.87  ? 64  HIS A C   1 
ATOM   440  O O   . HIS A 1 64  ? -13.676 6.720   1.664   1.00 46.38  ? 64  HIS A O   1 
ATOM   441  C CB  . HIS A 1 64  ? -11.877 6.572   -1.164  1.00 42.69  ? 64  HIS A CB  1 
ATOM   442  C CG  . HIS A 1 64  ? -10.593 6.869   -1.877  1.00 43.98  ? 64  HIS A CG  1 
ATOM   443  N ND1 . HIS A 1 64  ? -10.477 7.859   -2.828  1.00 43.61  ? 64  HIS A ND1 1 
ATOM   444  C CD2 . HIS A 1 64  ? -9.358  6.324   -1.753  1.00 42.52  ? 64  HIS A CD2 1 
ATOM   445  C CE1 . HIS A 1 64  ? -9.229  7.911   -3.263  1.00 42.75  ? 64  HIS A CE1 1 
ATOM   446  N NE2 . HIS A 1 64  ? -8.529  6.990   -2.627  1.00 40.24  ? 64  HIS A NE2 1 
ATOM   447  N N   . ALA A 1 65  ? -14.529 7.706   -0.206  1.00 45.20  ? 65  ALA A N   1 
ATOM   448  C CA  . ALA A 1 65  ? -15.944 7.584   0.163   1.00 44.87  ? 65  ALA A CA  1 
ATOM   449  C C   . ALA A 1 65  ? -16.445 6.135   0.212   1.00 44.57  ? 65  ALA A C   1 
ATOM   450  O O   . ALA A 1 65  ? -17.379 5.848   0.950   1.00 47.35  ? 65  ALA A O   1 
ATOM   451  C CB  . ALA A 1 65  ? -16.788 8.412   -0.790  1.00 44.84  ? 65  ALA A CB  1 
ATOM   452  N N   . ASP A 1 66  ? -15.805 5.230   -0.531  1.00 46.57  ? 66  ASP A N   1 
ATOM   453  C CA  . ASP A 1 66  ? -16.156 3.785   -0.519  1.00 47.04  ? 66  ASP A CA  1 
ATOM   454  C C   . ASP A 1 66  ? -15.431 2.946   0.553   1.00 49.08  ? 66  ASP A C   1 
ATOM   455  O O   . ASP A 1 66  ? -15.368 1.707   0.465   1.00 46.24  ? 66  ASP A O   1 
ATOM   456  C CB  . ASP A 1 66  ? -15.925 3.169   -1.906  1.00 46.74  ? 66  ASP A CB  1 
ATOM   457  C CG  . ASP A 1 66  ? -14.471 3.233   -2.364  1.00 46.15  ? 66  ASP A CG  1 
ATOM   458  O OD1 . ASP A 1 66  ? -13.652 3.921   -1.706  1.00 42.12  ? 66  ASP A OD1 1 
ATOM   459  O OD2 . ASP A 1 66  ? -14.181 2.604   -3.417  1.00 44.05  ? 66  ASP A OD2 1 
ATOM   460  N N   . ASN A 1 67  ? -14.911 3.637   1.565   1.00 50.86  ? 67  ASN A N   1 
ATOM   461  C CA  . ASN A 1 67  ? -14.071 3.075   2.625   1.00 48.57  ? 67  ASN A CA  1 
ATOM   462  C C   . ASN A 1 67  ? -12.808 2.274   2.192   1.00 41.50  ? 67  ASN A C   1 
ATOM   463  O O   . ASN A 1 67  ? -12.522 1.202   2.700   1.00 41.30  ? 67  ASN A O   1 
ATOM   464  C CB  . ASN A 1 67  ? -14.920 2.279   3.615   1.00 55.95  ? 67  ASN A CB  1 
ATOM   465  C CG  . ASN A 1 67  ? -14.209 2.087   4.937   1.00 59.77  ? 67  ASN A CG  1 
ATOM   466  O OD1 . ASN A 1 67  ? -13.706 3.062   5.549   1.00 58.90  ? 67  ASN A OD1 1 
ATOM   467  N ND2 . ASN A 1 67  ? -14.100 0.833   5.359   1.00 57.48  ? 67  ASN A ND2 1 
ATOM   468  N N   . SER A 1 68  ? -12.068 2.836   1.245   1.00 36.03  ? 68  SER A N   1 
ATOM   469  C CA  . SER A 1 68  ? -10.757 2.367   0.861   1.00 32.35  ? 68  SER A CA  1 
ATOM   470  C C   . SER A 1 68  ? -9.825  3.531   1.175   1.00 32.92  ? 68  SER A C   1 
ATOM   471  O O   . SER A 1 68  ? -10.282 4.661   1.355   1.00 30.69  ? 68  SER A O   1 
ATOM   472  C CB  . SER A 1 68  ? -10.739 2.013   -0.619  1.00 32.49  ? 68  SER A CB  1 
ATOM   473  O OG  . SER A 1 68  ? -10.984 3.137   -1.484  1.00 30.62  ? 68  SER A OG  1 
ATOM   474  N N   . VAL A 1 69  ? -8.529  3.245   1.279   1.00 32.89  ? 69  VAL A N   1 
ATOM   475  C CA  . VAL A 1 69  ? -7.495  4.282   1.426   1.00 31.19  ? 69  VAL A CA  1 
ATOM   476  C C   . VAL A 1 69  ? -6.501  4.144   0.306   1.00 30.18  ? 69  VAL A C   1 
ATOM   477  O O   . VAL A 1 69  ? -6.263  3.030   -0.183  1.00 29.01  ? 69  VAL A O   1 
ATOM   478  C CB  . VAL A 1 69  ? -6.752  4.176   2.765   1.00 31.68  ? 69  VAL A CB  1 
ATOM   479  C CG1 . VAL A 1 69  ? -5.718  5.293   2.900   1.00 32.28  ? 69  VAL A CG1 1 
ATOM   480  C CG2 . VAL A 1 69  ? -7.743  4.245   3.910   1.00 32.75  ? 69  VAL A CG2 1 
ATOM   481  N N   . SER A 1 70  ? -5.920  5.272   -0.102  1.00 29.82  ? 70  SER A N   1 
ATOM   482  C CA  . SER A 1 70  ? -4.866  5.240   -1.097  1.00 28.77  ? 70  SER A CA  1 
ATOM   483  C C   . SER A 1 70  ? -3.665  6.025   -0.639  1.00 29.37  ? 70  SER A C   1 
ATOM   484  O O   . SER A 1 70  ? -3.790  6.992   0.115   1.00 29.23  ? 70  SER A O   1 
ATOM   485  C CB  . SER A 1 70  ? -5.361  5.725   -2.462  1.00 28.11  ? 70  SER A CB  1 
ATOM   486  O OG  . SER A 1 70  ? -5.755  7.071   -2.447  1.00 29.39  ? 70  SER A OG  1 
ATOM   487  N N   . VAL A 1 71  ? -2.502  5.572   -1.111  1.00 29.87  ? 71  VAL A N   1 
ATOM   488  C CA  . VAL A 1 71  ? -1.224  6.131   -0.770  1.00 29.98  ? 71  VAL A CA  1 
ATOM   489  C C   . VAL A 1 71  ? -0.521  6.397   -2.091  1.00 30.50  ? 71  VAL A C   1 
ATOM   490  O O   . VAL A 1 71  ? -0.295  5.485   -2.841  1.00 28.99  ? 71  VAL A O   1 
ATOM   491  C CB  . VAL A 1 71  ? -0.398  5.156   0.094   1.00 30.00  ? 71  VAL A CB  1 
ATOM   492  C CG1 . VAL A 1 71  ? 0.865   5.829   0.593   1.00 29.76  ? 71  VAL A CG1 1 
ATOM   493  C CG2 . VAL A 1 71  ? -1.206  4.686   1.284   1.00 32.47  ? 71  VAL A CG2 1 
ATOM   494  N N   . GLN A 1 72  ? -0.174  7.646   -2.358  1.00 32.74  ? 72  GLN A N   1 
ATOM   495  C CA  . GLN A 1 72  ? 0.507   8.030   -3.588  1.00 37.41  ? 72  GLN A CA  1 
ATOM   496  C C   . GLN A 1 72  ? 1.866   8.644   -3.267  1.00 36.45  ? 72  GLN A C   1 
ATOM   497  O O   . GLN A 1 72  ? 2.006   9.425   -2.328  1.00 39.03  ? 72  GLN A O   1 
ATOM   498  C CB  . GLN A 1 72  ? -0.363  9.026   -4.327  1.00 41.26  ? 72  GLN A CB  1 
ATOM   499  C CG  . GLN A 1 72  ? 0.286   9.702   -5.530  1.00 45.04  ? 72  GLN A CG  1 
ATOM   500  C CD  . GLN A 1 72  ? 0.002   8.980   -6.823  1.00 48.56  ? 72  GLN A CD  1 
ATOM   501  O OE1 . GLN A 1 72  ? -1.153  8.943   -7.250  1.00 52.13  ? 72  GLN A OE1 1 
ATOM   502  N NE2 . GLN A 1 72  ? 1.049   8.407   -7.463  1.00 48.13  ? 72  GLN A NE2 1 
ATOM   503  N N   . ASP A 1 73  ? 2.880   8.268   -4.033  1.00 37.84  ? 73  ASP A N   1 
ATOM   504  C CA  . ASP A 1 73  ? 4.183   8.931   -3.955  1.00 37.40  ? 73  ASP A CA  1 
ATOM   505  C C   . ASP A 1 73  ? 4.686   9.315   -5.322  1.00 34.29  ? 73  ASP A C   1 
ATOM   506  O O   . ASP A 1 73  ? 4.160   8.866   -6.326  1.00 33.71  ? 73  ASP A O   1 
ATOM   507  C CB  . ASP A 1 73  ? 5.220   8.108   -3.154  1.00 39.62  ? 73  ASP A CB  1 
ATOM   508  C CG  . ASP A 1 73  ? 5.618   6.791   -3.815  1.00 41.88  ? 73  ASP A CG  1 
ATOM   509  O OD1 . ASP A 1 73  ? 5.827   6.763   -5.043  1.00 43.58  ? 73  ASP A OD1 1 
ATOM   510  O OD2 . ASP A 1 73  ? 5.786   5.786   -3.068  1.00 41.21  ? 73  ASP A OD2 1 
ATOM   511  N N   . ASP A 1 74  ? 5.712   10.154  -5.338  1.00 37.04  ? 74  ASP A N   1 
ATOM   512  C CA  . ASP A 1 74  ? 6.321   10.636  -6.576  1.00 39.76  ? 74  ASP A CA  1 
ATOM   513  C C   . ASP A 1 74  ? 7.770   10.161  -6.614  1.00 40.45  ? 74  ASP A C   1 
ATOM   514  O O   . ASP A 1 74  ? 8.688   10.889  -6.978  1.00 45.95  ? 74  ASP A O   1 
ATOM   515  C CB  . ASP A 1 74  ? 6.145   12.169  -6.725  1.00 40.07  ? 74  ASP A CB  1 
ATOM   516  C CG  . ASP A 1 74  ? 6.698   12.991  -5.528  1.00 42.35  ? 74  ASP A CG  1 
ATOM   517  O OD1 . ASP A 1 74  ? 7.333   12.426  -4.602  1.00 38.23  ? 74  ASP A OD1 1 
ATOM   518  O OD2 . ASP A 1 74  ? 6.482   14.236  -5.537  1.00 43.03  ? 74  ASP A OD2 1 
ATOM   519  N N   . GLY A 1 75  ? 7.966   8.920   -6.186  1.00 42.20  ? 75  GLY A N   1 
ATOM   520  C CA  . GLY A 1 75  ? 9.266   8.277   -6.233  1.00 43.13  ? 75  GLY A CA  1 
ATOM   521  C C   . GLY A 1 75  ? 9.495   7.660   -7.601  1.00 43.59  ? 75  GLY A C   1 
ATOM   522  O O   . GLY A 1 75  ? 8.846   8.032   -8.592  1.00 39.27  ? 75  GLY A O   1 
ATOM   523  N N   . ARG A 1 76  ? 10.409  6.691   -7.645  1.00 46.02  ? 76  ARG A N   1 
ATOM   524  C CA  . ARG A 1 76  ? 10.845  6.098   -8.919  1.00 47.28  ? 76  ARG A CA  1 
ATOM   525  C C   . ARG A 1 76  ? 9.789   5.204   -9.587  1.00 45.20  ? 76  ARG A C   1 
ATOM   526  O O   . ARG A 1 76  ? 9.789   5.055   -10.803 1.00 46.57  ? 76  ARG A O   1 
ATOM   527  C CB  . ARG A 1 76  ? 12.139  5.311   -8.727  1.00 47.34  ? 76  ARG A CB  1 
ATOM   528  C CG  . ARG A 1 76  ? 13.311  6.108   -8.168  1.00 43.94  ? 76  ARG A CG  1 
ATOM   529  C CD  . ARG A 1 76  ? 14.416  5.185   -7.719  1.00 42.70  ? 76  ARG A CD  1 
ATOM   530  N NE  . ARG A 1 76  ? 14.126  4.518   -6.451  1.00 41.16  ? 76  ARG A NE  1 
ATOM   531  C CZ  . ARG A 1 76  ? 14.986  3.737   -5.788  1.00 39.09  ? 76  ARG A CZ  1 
ATOM   532  N NH1 . ARG A 1 76  ? 14.636  3.187   -4.633  1.00 35.14  ? 76  ARG A NH1 1 
ATOM   533  N NH2 . ARG A 1 76  ? 16.204  3.500   -6.259  1.00 39.15  ? 76  ARG A NH2 1 
ATOM   534  N N   . GLY A 1 77  ? 8.884   4.635   -8.787  1.00 46.31  ? 77  GLY A N   1 
ATOM   535  C CA  . GLY A 1 77  ? 7.947   3.627   -9.264  1.00 43.72  ? 77  GLY A CA  1 
ATOM   536  C C   . GLY A 1 77  ? 8.593   2.285   -8.996  1.00 43.42  ? 77  GLY A C   1 
ATOM   537  O O   . GLY A 1 77  ? 9.795   2.106   -9.201  1.00 42.72  ? 77  GLY A O   1 
ATOM   538  N N   . ILE A 1 78  ? 7.798   1.327   -8.534  1.00 39.19  ? 78  ILE A N   1 
ATOM   539  C CA  . ILE A 1 78  ? 8.318   0.017   -8.259  1.00 35.29  ? 78  ILE A CA  1 
ATOM   540  C C   . ILE A 1 78  ? 8.842   -0.541  -9.599  1.00 34.46  ? 78  ILE A C   1 
ATOM   541  O O   . ILE A 1 78  ? 8.182   -0.348  -10.640 1.00 32.41  ? 78  ILE A O   1 
ATOM   542  C CB  . ILE A 1 78  ? 7.249   -0.944  -7.673  1.00 36.11  ? 78  ILE A CB  1 
ATOM   543  C CG1 . ILE A 1 78  ? 6.549   -0.350  -6.444  1.00 36.53  ? 78  ILE A CG1 1 
ATOM   544  C CG2 . ILE A 1 78  ? 7.921   -2.247  -7.248  1.00 38.21  ? 78  ILE A CG2 1 
ATOM   545  C CD1 . ILE A 1 78  ? 5.384   -1.166  -5.904  1.00 34.53  ? 78  ILE A CD1 1 
ATOM   546  N N   . PRO A 1 79  ? 10.000  -1.268  -9.590  1.00 35.70  ? 79  PRO A N   1 
ATOM   547  C CA  . PRO A 1 79  ? 10.471  -1.889  -10.838 1.00 35.31  ? 79  PRO A CA  1 
ATOM   548  C C   . PRO A 1 79  ? 9.397   -2.808  -11.427 1.00 37.45  ? 79  PRO A C   1 
ATOM   549  O O   . PRO A 1 79  ? 8.705   -3.536  -10.697 1.00 35.56  ? 79  PRO A O   1 
ATOM   550  C CB  . PRO A 1 79  ? 11.673  -2.694  -10.387 1.00 36.08  ? 79  PRO A CB  1 
ATOM   551  C CG  . PRO A 1 79  ? 12.172  -1.970  -9.182  1.00 35.93  ? 79  PRO A CG  1 
ATOM   552  C CD  . PRO A 1 79  ? 10.902  -1.600  -8.474  1.00 35.90  ? 79  PRO A CD  1 
ATOM   553  N N   . THR A 1 80  ? 9.215   -2.692  -12.729 1.00 40.91  ? 80  THR A N   1 
ATOM   554  C CA  . THR A 1 80  ? 8.190   -3.412  -13.469 1.00 45.55  ? 80  THR A CA  1 
ATOM   555  C C   . THR A 1 80  ? 8.715   -4.619  -14.261 1.00 49.14  ? 80  THR A C   1 
ATOM   556  O O   . THR A 1 80  ? 7.919   -5.356  -14.846 1.00 51.41  ? 80  THR A O   1 
ATOM   557  C CB  . THR A 1 80  ? 7.495   -2.457  -14.436 1.00 45.58  ? 80  THR A CB  1 
ATOM   558  O OG1 . THR A 1 80  ? 8.454   -1.967  -15.377 1.00 43.99  ? 80  THR A OG1 1 
ATOM   559  C CG2 . THR A 1 80  ? 6.888   -1.282  -13.659 1.00 46.04  ? 80  THR A CG2 1 
ATOM   560  N N   . GLY A 1 81  ? 10.032  -4.829  -14.264 1.00 48.03  ? 81  GLY A N   1 
ATOM   561  C CA  . GLY A 1 81  ? 10.625  -5.911  -15.018 1.00 50.05  ? 81  GLY A CA  1 
ATOM   562  C C   . GLY A 1 81  ? 10.389  -7.299  -14.445 1.00 55.68  ? 81  GLY A C   1 
ATOM   563  O O   . GLY A 1 81  ? 10.425  -7.505  -13.226 1.00 55.30  ? 81  GLY A O   1 
ATOM   564  N N   . ILE A 1 82  ? 10.219  -8.263  -15.345 1.00 58.67  ? 82  ILE A N   1 
ATOM   565  C CA  . ILE A 1 82  ? 9.968   -9.655  -14.968 1.00 60.31  ? 82  ILE A CA  1 
ATOM   566  C C   . ILE A 1 82  ? 11.155  -10.284 -14.199 1.00 67.53  ? 82  ILE A C   1 
ATOM   567  O O   . ILE A 1 82  ? 12.322  -10.147 -14.580 1.00 62.35  ? 82  ILE A O   1 
ATOM   568  C CB  . ILE A 1 82  ? 9.572   -10.485 -16.209 1.00 56.29  ? 82  ILE A CB  1 
ATOM   569  C CG1 . ILE A 1 82  ? 8.292   -9.863  -16.828 1.00 56.50  ? 82  ILE A CG1 1 
ATOM   570  C CG2 . ILE A 1 82  ? 9.442   -11.966 -15.860 1.00 56.15  ? 82  ILE A CG2 1 
ATOM   571  C CD1 . ILE A 1 82  ? 7.225   -10.820 -17.324 1.00 58.57  ? 82  ILE A CD1 1 
ATOM   572  N N   . HIS A 1 83  ? 10.824  -10.968 -13.106 1.00 78.05  ? 83  HIS A N   1 
ATOM   573  C CA  . HIS A 1 83  ? 11.809  -11.647 -12.276 1.00 85.08  ? 83  HIS A CA  1 
ATOM   574  C C   . HIS A 1 83  ? 12.133  -13.051 -12.768 1.00 88.29  ? 83  HIS A C   1 
ATOM   575  O O   . HIS A 1 83  ? 11.214  -13.832 -13.058 1.00 90.17  ? 83  HIS A O   1 
ATOM   576  C CB  . HIS A 1 83  ? 11.354  -11.732 -10.818 1.00 85.28  ? 83  HIS A CB  1 
ATOM   577  C CG  . HIS A 1 83  ? 12.160  -10.881 -9.895  1.00 88.55  ? 83  HIS A CG  1 
ATOM   578  N ND1 . HIS A 1 83  ? 12.641  -11.339 -8.686  1.00 89.84  ? 83  HIS A ND1 1 
ATOM   579  C CD2 . HIS A 1 83  ? 12.594  -9.605  -10.016 1.00 89.25  ? 83  HIS A CD2 1 
ATOM   580  C CE1 . HIS A 1 83  ? 13.323  -10.374 -8.094  1.00 91.83  ? 83  HIS A CE1 1 
ATOM   581  N NE2 . HIS A 1 83  ? 13.307  -9.311  -8.880  1.00 92.39  ? 83  HIS A NE2 1 
ATOM   582  N N   . PRO A 1 84  ? 13.443  -13.391 -12.796 1.00 94.37  ? 84  PRO A N   1 
ATOM   583  C CA  . PRO A 1 84  ? 13.928  -14.686 -13.321 1.00 96.94  ? 84  PRO A CA  1 
ATOM   584  C C   . PRO A 1 84  ? 13.391  -15.920 -12.571 1.00 98.50  ? 84  PRO A C   1 
ATOM   585  O O   . PRO A 1 84  ? 12.886  -16.850 -13.213 1.00 95.13  ? 84  PRO A O   1 
ATOM   586  C CB  . PRO A 1 84  ? 15.456  -14.582 -13.185 1.00 94.36  ? 84  PRO A CB  1 
ATOM   587  C CG  . PRO A 1 84  ? 15.686  -13.563 -12.119 1.00 92.65  ? 84  PRO A CG  1 
ATOM   588  C CD  . PRO A 1 84  ? 14.539  -12.593 -12.199 1.00 91.93  ? 84  PRO A CD  1 
ATOM   589  N N   . GLU A 1 85  ? 13.490  -15.919 -11.238 1.00 95.15  ? 85  GLU A N   1 
ATOM   590  C CA  . GLU A 1 85  ? 13.006  -17.037 -10.448 1.00 89.53  ? 85  GLU A CA  1 
ATOM   591  C C   . GLU A 1 85  ? 11.501  -17.208 -10.619 1.00 84.73  ? 85  GLU A C   1 
ATOM   592  O O   . GLU A 1 85  ? 11.068  -18.329 -10.807 1.00 86.95  ? 85  GLU A O   1 
ATOM   593  C CB  . GLU A 1 85  ? 13.398  -16.921 -8.956  1.00 94.74  ? 85  GLU A CB  1 
ATOM   594  C CG  . GLU A 1 85  ? 12.507  -17.683 -7.956  1.00 99.07  ? 85  GLU A CG  1 
ATOM   595  C CD  . GLU A 1 85  ? 12.709  -19.203 -7.925  1.00 102.06 ? 85  GLU A CD  1 
ATOM   596  O OE1 . GLU A 1 85  ? 11.749  -19.942 -8.258  1.00 98.43  ? 85  GLU A OE1 1 
ATOM   597  O OE2 . GLU A 1 85  ? 13.808  -19.670 -7.531  1.00 100.07 ? 85  GLU A OE2 1 
ATOM   598  N N   . GLU A 1 86  ? 10.701  -16.140 -10.562 1.00 78.06  ? 86  GLU A N   1 
ATOM   599  C CA  . GLU A 1 86  ? 9.230   -16.345 -10.570 1.00 71.83  ? 86  GLU A CA  1 
ATOM   600  C C   . GLU A 1 86  ? 8.460   -15.968 -11.824 1.00 64.38  ? 86  GLU A C   1 
ATOM   601  O O   . GLU A 1 86  ? 7.246   -16.147 -11.850 1.00 68.56  ? 86  GLU A O   1 
ATOM   602  C CB  . GLU A 1 86  ? 8.547   -15.717 -9.355  1.00 72.36  ? 86  GLU A CB  1 
ATOM   603  C CG  . GLU A 1 86  ? 9.145   -16.135 -8.032  1.00 71.19  ? 86  GLU A CG  1 
ATOM   604  C CD  . GLU A 1 86  ? 10.185  -15.153 -7.538  1.00 74.58  ? 86  GLU A CD  1 
ATOM   605  O OE1 . GLU A 1 86  ? 10.472  -15.164 -6.325  1.00 77.91  ? 86  GLU A OE1 1 
ATOM   606  O OE2 . GLU A 1 86  ? 10.713  -14.363 -8.353  1.00 74.27  ? 86  GLU A OE2 1 
ATOM   607  N N   . GLY A 1 87  ? 9.118   -15.458 -12.855 1.00 56.73  ? 87  GLY A N   1 
ATOM   608  C CA  . GLY A 1 87  ? 8.421   -15.177 -14.118 1.00 55.33  ? 87  GLY A CA  1 
ATOM   609  C C   . GLY A 1 87  ? 7.276   -14.160 -14.129 1.00 52.32  ? 87  GLY A C   1 
ATOM   610  O O   . GLY A 1 87  ? 6.454   -14.169 -15.034 1.00 57.33  ? 87  GLY A O   1 
ATOM   611  N N   . VAL A 1 88  ? 7.243   -13.262 -13.153 1.00 53.44  ? 88  VAL A N   1 
ATOM   612  C CA  . VAL A 1 88  ? 6.254   -12.170 -13.087 1.00 49.21  ? 88  VAL A CA  1 
ATOM   613  C C   . VAL A 1 88  ? 6.983   -10.884 -12.737 1.00 43.81  ? 88  VAL A C   1 
ATOM   614  O O   . VAL A 1 88  ? 8.065   -10.942 -12.134 1.00 48.16  ? 88  VAL A O   1 
ATOM   615  C CB  . VAL A 1 88  ? 5.189   -12.446 -11.988 1.00 48.86  ? 88  VAL A CB  1 
ATOM   616  C CG1 . VAL A 1 88  ? 4.256   -13.576 -12.406 1.00 47.14  ? 88  VAL A CG1 1 
ATOM   617  C CG2 . VAL A 1 88  ? 5.839   -12.738 -10.626 1.00 47.08  ? 88  VAL A CG2 1 
ATOM   618  N N   . SER A 1 89  ? 6.371   -9.738  -13.011 1.00 41.19  ? 89  SER A N   1 
ATOM   619  C CA  . SER A 1 89  ? 6.985   -8.424  -12.693 1.00 41.08  ? 89  SER A CA  1 
ATOM   620  C C   . SER A 1 89  ? 7.520   -8.357  -11.265 1.00 42.47  ? 89  SER A C   1 
ATOM   621  O O   . SER A 1 89  ? 6.965   -8.962  -10.342 1.00 44.63  ? 89  SER A O   1 
ATOM   622  C CB  . SER A 1 89  ? 5.996   -7.283  -12.906 1.00 41.28  ? 89  SER A CB  1 
ATOM   623  O OG  . SER A 1 89  ? 4.900   -7.373  -12.015 1.00 43.33  ? 89  SER A OG  1 
ATOM   624  N N   . ALA A 1 90  ? 8.624   -7.650  -11.093 1.00 41.69  ? 90  ALA A N   1 
ATOM   625  C CA  . ALA A 1 90  ? 9.221   -7.511  -9.783  1.00 41.90  ? 90  ALA A CA  1 
ATOM   626  C C   . ALA A 1 90  ? 8.195   -6.927  -8.803  1.00 42.38  ? 90  ALA A C   1 
ATOM   627  O O   . ALA A 1 90  ? 8.067   -7.418  -7.676  1.00 42.75  ? 90  ALA A O   1 
ATOM   628  C CB  . ALA A 1 90  ? 10.453  -6.646  -9.863  1.00 41.52  ? 90  ALA A CB  1 
ATOM   629  N N   . ALA A 1 91  ? 7.433   -5.934  -9.277  1.00 40.68  ? 91  ALA A N   1 
ATOM   630  C CA  . ALA A 1 91  ? 6.277   -5.346  -8.556  1.00 37.09  ? 91  ALA A CA  1 
ATOM   631  C C   . ALA A 1 91  ? 5.303   -6.366  -7.968  1.00 38.09  ? 91  ALA A C   1 
ATOM   632  O O   . ALA A 1 91  ? 4.970   -6.289  -6.801  1.00 31.26  ? 91  ALA A O   1 
ATOM   633  C CB  . ALA A 1 91  ? 5.509   -4.439  -9.482  1.00 35.52  ? 91  ALA A CB  1 
ATOM   634  N N   . GLU A 1 92  ? 4.874   -7.327  -8.787  1.00 37.82  ? 92  GLU A N   1 
ATOM   635  C CA  . GLU A 1 92  ? 3.969   -8.387  -8.323  1.00 37.54  ? 92  GLU A CA  1 
ATOM   636  C C   . GLU A 1 92  ? 4.595   -9.280  -7.244  1.00 36.79  ? 92  GLU A C   1 
ATOM   637  O O   . GLU A 1 92  ? 3.878   -9.750  -6.354  1.00 32.90  ? 92  GLU A O   1 
ATOM   638  C CB  . GLU A 1 92  ? 3.481   -9.251  -9.487  1.00 39.48  ? 92  GLU A CB  1 
ATOM   639  C CG  . GLU A 1 92  ? 2.381   -10.226 -9.081  1.00 40.03  ? 92  GLU A CG  1 
ATOM   640  C CD  . GLU A 1 92  ? 1.996   -11.197 -10.165 1.00 37.49  ? 92  GLU A CD  1 
ATOM   641  O OE1 . GLU A 1 92  ? 1.802   -10.816 -11.334 1.00 38.78  ? 92  GLU A OE1 1 
ATOM   642  O OE2 . GLU A 1 92  ? 1.860   -12.364 -9.817  1.00 41.13  ? 92  GLU A OE2 1 
ATOM   643  N N   . VAL A 1 93  ? 5.907   -9.507  -7.336  1.00 33.85  ? 93  VAL A N   1 
ATOM   644  C CA  . VAL A 1 93  ? 6.631   -10.261 -6.316  1.00 35.32  ? 93  VAL A CA  1 
ATOM   645  C C   . VAL A 1 93  ? 6.616   -9.503  -4.972  1.00 36.03  ? 93  VAL A C   1 
ATOM   646  O O   . VAL A 1 93  ? 6.446   -10.119 -3.906  1.00 38.60  ? 93  VAL A O   1 
ATOM   647  C CB  . VAL A 1 93  ? 8.107   -10.571 -6.717  1.00 35.52  ? 93  VAL A CB  1 
ATOM   648  C CG1 . VAL A 1 93  ? 8.762   -11.483 -5.685  1.00 37.88  ? 93  VAL A CG1 1 
ATOM   649  C CG2 . VAL A 1 93  ? 8.217   -11.181 -8.115  1.00 34.38  ? 93  VAL A CG2 1 
ATOM   650  N N   . ILE A 1 94  ? 6.798   -8.181  -5.042  1.00 38.28  ? 94  ILE A N   1 
ATOM   651  C CA  . ILE A 1 94  ? 6.793   -7.283  -3.872  1.00 38.74  ? 94  ILE A CA  1 
ATOM   652  C C   . ILE A 1 94  ? 5.443   -7.357  -3.146  1.00 36.50  ? 94  ILE A C   1 
ATOM   653  O O   . ILE A 1 94  ? 5.392   -7.494  -1.925  1.00 36.77  ? 94  ILE A O   1 
ATOM   654  C CB  . ILE A 1 94  ? 7.107   -5.790  -4.269  1.00 41.65  ? 94  ILE A CB  1 
ATOM   655  C CG1 . ILE A 1 94  ? 8.522   -5.625  -4.847  1.00 46.63  ? 94  ILE A CG1 1 
ATOM   656  C CG2 . ILE A 1 94  ? 6.991   -4.835  -3.082  1.00 42.58  ? 94  ILE A CG2 1 
ATOM   657  C CD1 . ILE A 1 94  ? 9.621   -6.241  -3.997  1.00 51.39  ? 94  ILE A CD1 1 
ATOM   658  N N   . MET A 1 95  ? 4.371   -7.278  -3.922  1.00 34.80  ? 95  MET A N   1 
ATOM   659  C CA  . MET A 1 95  ? 2.997   -7.267  -3.415  1.00 35.07  ? 95  MET A CA  1 
ATOM   660  C C   . MET A 1 95  ? 2.454   -8.614  -2.964  1.00 34.06  ? 95  MET A C   1 
ATOM   661  O O   . MET A 1 95  ? 1.404   -8.652  -2.338  1.00 29.71  ? 95  MET A O   1 
ATOM   662  C CB  . MET A 1 95  ? 2.055   -6.773  -4.516  1.00 36.15  ? 95  MET A CB  1 
ATOM   663  C CG  . MET A 1 95  ? 2.401   -5.408  -5.117  1.00 38.39  ? 95  MET A CG  1 
ATOM   664  S SD  . MET A 1 95  ? 2.499   -4.040  -3.958  1.00 36.30  ? 95  MET A SD  1 
ATOM   665  C CE  . MET A 1 95  ? 0.908   -4.235  -3.176  1.00 34.23  ? 95  MET A CE  1 
ATOM   666  N N   . THR A 1 96  ? 3.115   -9.715  -3.342  1.00 37.35  ? 96  THR A N   1 
ATOM   667  C CA  . THR A 1 96  ? 2.602   -11.068 -3.076  1.00 38.19  ? 96  THR A CA  1 
ATOM   668  C C   . THR A 1 96  ? 3.505   -11.979 -2.257  1.00 40.15  ? 96  THR A C   1 
ATOM   669  O O   . THR A 1 96  ? 3.011   -12.951 -1.711  1.00 42.63  ? 96  THR A O   1 
ATOM   670  C CB  . THR A 1 96  ? 2.325   -11.807 -4.384  1.00 39.66  ? 96  THR A CB  1 
ATOM   671  O OG1 . THR A 1 96  ? 3.565   -11.979 -5.090  1.00 38.14  ? 96  THR A OG1 1 
ATOM   672  C CG2 . THR A 1 96  ? 1.284   -11.050 -5.244  1.00 39.41  ? 96  THR A CG2 1 
ATOM   673  N N   . VAL A 1 97  ? 4.810   -11.720 -2.192  1.00 40.46  ? 97  VAL A N   1 
ATOM   674  C CA  . VAL A 1 97  ? 5.704   -12.635 -1.494  1.00 42.68  ? 97  VAL A CA  1 
ATOM   675  C C   . VAL A 1 97  ? 6.061   -12.115 -0.110  1.00 46.05  ? 97  VAL A C   1 
ATOM   676  O O   . VAL A 1 97  ? 6.510   -10.977 0.042   1.00 43.96  ? 97  VAL A O   1 
ATOM   677  C CB  . VAL A 1 97  ? 6.988   -12.937 -2.317  1.00 44.31  ? 97  VAL A CB  1 
ATOM   678  C CG1 . VAL A 1 97  ? 8.038   -13.676 -1.497  1.00 43.65  ? 97  VAL A CG1 1 
ATOM   679  C CG2 . VAL A 1 97  ? 6.641   -13.774 -3.541  1.00 41.25  ? 97  VAL A CG2 1 
ATOM   680  N N   . LEU A 1 98  ? 5.886   -13.001 0.876   1.00 50.39  ? 98  LEU A N   1 
ATOM   681  C CA  . LEU A 1 98  ? 6.293   -12.776 2.250   1.00 56.24  ? 98  LEU A CA  1 
ATOM   682  C C   . LEU A 1 98  ? 7.786   -12.530 2.304   1.00 61.51  ? 98  LEU A C   1 
ATOM   683  O O   . LEU A 1 98  ? 8.556   -13.373 1.846   1.00 65.10  ? 98  LEU A O   1 
ATOM   684  C CB  . LEU A 1 98  ? 5.958   -14.000 3.119   1.00 62.82  ? 98  LEU A CB  1 
ATOM   685  C CG  . LEU A 1 98  ? 4.534   -14.120 3.683   1.00 66.16  ? 98  LEU A CG  1 
ATOM   686  C CD1 . LEU A 1 98  ? 3.478   -14.115 2.587   1.00 66.29  ? 98  LEU A CD1 1 
ATOM   687  C CD2 . LEU A 1 98  ? 4.402   -15.377 4.547   1.00 67.47  ? 98  LEU A CD2 1 
ATOM   688  N N   . HIS A 1 99  ? 8.174   -11.387 2.871   1.00 67.29  ? 99  HIS A N   1 
ATOM   689  C CA  . HIS A 1 99  ? 9.575   -10.966 3.012   1.00 72.69  ? 99  HIS A CA  1 
ATOM   690  C C   . HIS A 1 99  ? 10.264  -10.798 1.656   1.00 74.28  ? 99  HIS A C   1 
ATOM   691  O O   . HIS A 1 99  ? 11.401  -11.242 1.473   1.00 74.22  ? 99  HIS A O   1 
ATOM   692  C CB  . HIS A 1 99  ? 10.372  -11.926 3.931   1.00 77.96  ? 99  HIS A CB  1 
ATOM   693  C CG  . HIS A 1 99  ? 9.852   -12.000 5.334   1.00 80.91  ? 99  HIS A CG  1 
ATOM   694  N ND1 . HIS A 1 99  ? 9.596   -13.196 5.971   1.00 82.10  ? 99  HIS A ND1 1 
ATOM   695  C CD2 . HIS A 1 99  ? 9.534   -11.024 6.220   1.00 84.74  ? 99  HIS A CD2 1 
ATOM   696  C CE1 . HIS A 1 99  ? 9.148   -12.955 7.191   1.00 85.37  ? 99  HIS A CE1 1 
ATOM   697  N NE2 . HIS A 1 99  ? 9.100   -11.645 7.366   1.00 88.79  ? 99  HIS A NE2 1 
ATOM   698  N N   . ALA A 1 100 ? 9.572   -10.160 0.706   1.00 77.11  ? 100 ALA A N   1 
ATOM   699  C CA  . ALA A 1 100 ? 10.154  -9.865  -0.627  1.00 72.82  ? 100 ALA A CA  1 
ATOM   700  C C   . ALA A 1 100 ? 11.107  -8.665  -0.574  1.00 76.65  ? 100 ALA A C   1 
ATOM   701  O O   . ALA A 1 100 ? 12.061  -8.622  0.214   1.00 78.17  ? 100 ALA A O   1 
ATOM   702  C CB  . ALA A 1 100 ? 9.054   -9.612  -1.653  1.00 67.93  ? 100 ALA A CB  1 
ATOM   703  N N   . VAL A 1 118 ? 7.194   -7.621  8.203   1.00 71.33  ? 118 VAL A N   1 
ATOM   704  C CA  . VAL A 1 118 ? 5.921   -7.332  7.525   1.00 63.61  ? 118 VAL A CA  1 
ATOM   705  C C   . VAL A 1 118 ? 6.069   -7.421  6.000   1.00 57.67  ? 118 VAL A C   1 
ATOM   706  O O   . VAL A 1 118 ? 6.296   -8.518  5.467   1.00 49.97  ? 118 VAL A O   1 
ATOM   707  C CB  . VAL A 1 118 ? 5.317   -5.974  7.983   1.00 64.39  ? 118 VAL A CB  1 
ATOM   708  C CG1 . VAL A 1 118 ? 3.965   -6.202  8.643   1.00 64.18  ? 118 VAL A CG1 1 
ATOM   709  C CG2 . VAL A 1 118 ? 6.298   -5.188  8.869   1.00 59.52  ? 118 VAL A CG2 1 
ATOM   710  N N   . GLY A 1 119 ? 6.054   -6.274  5.318   1.00 51.51  ? 119 GLY A N   1 
ATOM   711  C CA  . GLY A 1 119 ? 5.966   -6.226  3.877   1.00 46.65  ? 119 GLY A CA  1 
ATOM   712  C C   . GLY A 1 119 ? 4.565   -5.879  3.418   1.00 45.98  ? 119 GLY A C   1 
ATOM   713  O O   . GLY A 1 119 ? 3.569   -6.157  4.128   1.00 41.90  ? 119 GLY A O   1 
ATOM   714  N N   . VAL A 1 120 ? 4.484   -5.284  2.222   1.00 39.64  ? 120 VAL A N   1 
ATOM   715  C CA  . VAL A 1 120 ? 3.193   -4.852  1.702   1.00 38.13  ? 120 VAL A CA  1 
ATOM   716  C C   . VAL A 1 120 ? 2.345   -6.039  1.355   1.00 32.36  ? 120 VAL A C   1 
ATOM   717  O O   . VAL A 1 120 ? 1.144   -5.889  1.332   1.00 29.89  ? 120 VAL A O   1 
ATOM   718  C CB  . VAL A 1 120 ? 3.198   -3.955  0.427   1.00 40.49  ? 120 VAL A CB  1 
ATOM   719  C CG1 . VAL A 1 120 ? 2.405   -2.695  0.699   1.00 40.40  ? 120 VAL A CG1 1 
ATOM   720  C CG2 . VAL A 1 120 ? 4.580   -3.612  -0.043  1.00 43.70  ? 120 VAL A CG2 1 
ATOM   721  N N   . SER A 1 121 ? 2.968   -7.184  1.048   1.00 30.27  ? 121 SER A N   1 
ATOM   722  C CA  . SER A 1 121 ? 2.249   -8.413  0.730   1.00 30.76  ? 121 SER A CA  1 
ATOM   723  C C   . SER A 1 121 ? 1.197   -8.751  1.754   1.00 30.70  ? 121 SER A C   1 
ATOM   724  O O   . SER A 1 121 ? 0.114   -9.233  1.387   1.00 29.02  ? 121 SER A O   1 
ATOM   725  C CB  . SER A 1 121 ? 3.204   -9.604  0.579   1.00 31.60  ? 121 SER A CB  1 
ATOM   726  O OG  . SER A 1 121 ? 3.736   -9.994  1.830   1.00 30.15  ? 121 SER A OG  1 
ATOM   727  N N   . VAL A 1 122 ? 1.521   -8.490  3.034   1.00 32.01  ? 122 VAL A N   1 
ATOM   728  C CA  . VAL A 1 122 ? 0.553   -8.646  4.157   1.00 31.19  ? 122 VAL A CA  1 
ATOM   729  C C   . VAL A 1 122 ? -0.679  -7.772  3.966   1.00 29.36  ? 122 VAL A C   1 
ATOM   730  O O   . VAL A 1 122 ? -1.787  -8.222  4.180   1.00 30.15  ? 122 VAL A O   1 
ATOM   731  C CB  . VAL A 1 122 ? 1.182   -8.383  5.555   1.00 31.71  ? 122 VAL A CB  1 
ATOM   732  C CG1 . VAL A 1 122 ? 0.118   -8.184  6.633   1.00 30.62  ? 122 VAL A CG1 1 
ATOM   733  C CG2 . VAL A 1 122 ? 2.127   -9.525  5.965   1.00 33.91  ? 122 VAL A CG2 1 
ATOM   734  N N   . VAL A 1 123 ? -0.491  -6.523  3.584   1.00 30.53  ? 123 VAL A N   1 
ATOM   735  C CA  . VAL A 1 123 ? -1.655  -5.618  3.350   1.00 30.04  ? 123 VAL A CA  1 
ATOM   736  C C   . VAL A 1 123 ? -2.474  -6.121  2.203   1.00 28.05  ? 123 VAL A C   1 
ATOM   737  O O   . VAL A 1 123 ? -3.690  -6.118  2.270   1.00 30.21  ? 123 VAL A O   1 
ATOM   738  C CB  . VAL A 1 123 ? -1.221  -4.183  3.070   1.00 27.51  ? 123 VAL A CB  1 
ATOM   739  C CG1 . VAL A 1 123 ? -2.376  -3.352  2.567   1.00 28.69  ? 123 VAL A CG1 1 
ATOM   740  C CG2 . VAL A 1 123 ? -0.583  -3.601  4.320   1.00 26.78  ? 123 VAL A CG2 1 
ATOM   741  N N   . ASN A 1 124 ? -1.791  -6.539  1.148   1.00 27.67  ? 124 ASN A N   1 
ATOM   742  C CA  . ASN A 1 124 ? -2.455  -7.153  -0.011  1.00 26.59  ? 124 ASN A CA  1 
ATOM   743  C C   . ASN A 1 124 ? -3.275  -8.416  0.334   1.00 28.70  ? 124 ASN A C   1 
ATOM   744  O O   . ASN A 1 124 ? -4.434  -8.582  -0.125  1.00 26.80  ? 124 ASN A O   1 
ATOM   745  C CB  . ASN A 1 124 ? -1.432  -7.477  -1.096  1.00 24.79  ? 124 ASN A CB  1 
ATOM   746  C CG  . ASN A 1 124 ? -2.054  -7.636  -2.464  1.00 22.80  ? 124 ASN A CG  1 
ATOM   747  O OD1 . ASN A 1 124 ? -3.233  -7.327  -2.687  1.00 21.52  ? 124 ASN A OD1 1 
ATOM   748  N ND2 . ASN A 1 124 ? -1.264  -8.138  -3.388  1.00 21.04  ? 124 ASN A ND2 1 
ATOM   749  N N   . ALA A 1 125 ? -2.688  -9.276  1.162   1.00 28.49  ? 125 ALA A N   1 
ATOM   750  C CA  . ALA A 1 125 ? -3.322  -10.531 1.545   1.00 29.49  ? 125 ALA A CA  1 
ATOM   751  C C   . ALA A 1 125 ? -4.593  -10.313 2.349   1.00 28.80  ? 125 ALA A C   1 
ATOM   752  O O   . ALA A 1 125 ? -5.519  -11.129 2.298   1.00 27.28  ? 125 ALA A O   1 
ATOM   753  C CB  . ALA A 1 125 ? -2.346  -11.381 2.349   1.00 29.59  ? 125 ALA A CB  1 
ATOM   754  N N   . LEU A 1 126 ? -4.625  -9.201  3.074   1.00 30.40  ? 126 LEU A N   1 
ATOM   755  C CA  . LEU A 1 126 ? -5.708  -8.862  3.987   1.00 30.09  ? 126 LEU A CA  1 
ATOM   756  C C   . LEU A 1 126 ? -6.571  -7.732  3.445   1.00 31.72  ? 126 LEU A C   1 
ATOM   757  O O   . LEU A 1 126 ? -7.247  -7.064  4.252   1.00 29.66  ? 126 LEU A O   1 
ATOM   758  C CB  . LEU A 1 126 ? -5.124  -8.426  5.323   1.00 29.45  ? 126 LEU A CB  1 
ATOM   759  C CG  . LEU A 1 126 ? -4.294  -9.421  6.114   1.00 28.27  ? 126 LEU A CG  1 
ATOM   760  C CD1 . LEU A 1 126 ? -3.906  -8.793  7.419   1.00 27.41  ? 126 LEU A CD1 1 
ATOM   761  C CD2 . LEU A 1 126 ? -5.122  -10.672 6.374   1.00 28.97  ? 126 LEU A CD2 1 
ATOM   762  N N   . SER A 1 127 ? -6.543  -7.533  2.116   1.00 30.72  ? 127 SER A N   1 
ATOM   763  C CA  . SER A 1 127 ? -7.369  -6.549  1.425   1.00 31.75  ? 127 SER A CA  1 
ATOM   764  C C   . SER A 1 127 ? -8.333  -7.292  0.496   1.00 32.29  ? 127 SER A C   1 
ATOM   765  O O   . SER A 1 127 ? -7.926  -8.084  -0.325  1.00 33.19  ? 127 SER A O   1 
ATOM   766  C CB  . SER A 1 127 ? -6.527  -5.557  0.622   1.00 31.60  ? 127 SER A CB  1 
ATOM   767  O OG  . SER A 1 127 ? -5.767  -4.710  1.481   1.00 30.50  ? 127 SER A OG  1 
ATOM   768  N N   . GLN A 1 128 ? -9.621  -7.044  0.671   1.00 32.30  ? 128 GLN A N   1 
ATOM   769  C CA  . GLN A 1 128 ? -10.657 -7.565  -0.192  1.00 33.56  ? 128 GLN A CA  1 
ATOM   770  C C   . GLN A 1 128 ? -10.362 -7.229  -1.650  1.00 30.71  ? 128 GLN A C   1 
ATOM   771  O O   . GLN A 1 128 ? -10.643 -8.021  -2.523  1.00 28.55  ? 128 GLN A O   1 
ATOM   772  C CB  . GLN A 1 128 ? -12.009 -7.016  0.262   1.00 37.42  ? 128 GLN A CB  1 
ATOM   773  C CG  . GLN A 1 128 ? -12.966 -6.545  -0.804  1.00 42.71  ? 128 GLN A CG  1 
ATOM   774  C CD  . GLN A 1 128 ? -14.032 -5.615  -0.218  1.00 50.41  ? 128 GLN A CD  1 
ATOM   775  O OE1 . GLN A 1 128 ? -14.473 -4.677  -0.878  1.00 60.28  ? 128 GLN A OE1 1 
ATOM   776  N NE2 . GLN A 1 128 ? -14.449 -5.874  1.022   1.00 49.89  ? 128 GLN A NE2 1 
ATOM   777  N N   . LYS A 1 129 ? -9.784  -6.056  -1.872  1.00 29.29  ? 129 LYS A N   1 
ATOM   778  C CA  . LYS A 1 129 ? -9.319  -5.626  -3.178  1.00 30.43  ? 129 LYS A CA  1 
ATOM   779  C C   . LYS A 1 129 ? -8.150  -4.633  -3.057  1.00 29.90  ? 129 LYS A C   1 
ATOM   780  O O   . LYS A 1 129 ? -8.075  -3.870  -2.101  1.00 32.96  ? 129 LYS A O   1 
ATOM   781  C CB  . LYS A 1 129 ? -10.496 -4.970  -3.898  1.00 31.64  ? 129 LYS A CB  1 
ATOM   782  C CG  . LYS A 1 129 ? -10.228 -4.401  -5.275  1.00 33.74  ? 129 LYS A CG  1 
ATOM   783  C CD  . LYS A 1 129 ? -11.466 -3.625  -5.755  1.00 37.13  ? 129 LYS A CD  1 
ATOM   784  C CE  . LYS A 1 129 ? -11.120 -2.685  -6.891  1.00 40.16  ? 129 LYS A CE  1 
ATOM   785  N NZ  . LYS A 1 129 ? -12.271 -1.884  -7.379  1.00 41.28  ? 129 LYS A NZ  1 
ATOM   786  N N   . LEU A 1 130 ? -7.260  -4.631  -4.041  1.00 30.22  ? 130 LEU A N   1 
ATOM   787  C CA  . LEU A 1 130 ? -6.137  -3.721  -4.053  1.00 31.67  ? 130 LEU A CA  1 
ATOM   788  C C   . LEU A 1 130 ? -5.749  -3.305  -5.480  1.00 33.06  ? 130 LEU A C   1 
ATOM   789  O O   . LEU A 1 130 ? -5.522  -4.144  -6.330  1.00 31.65  ? 130 LEU A O   1 
ATOM   790  C CB  . LEU A 1 130 ? -4.937  -4.336  -3.297  1.00 30.54  ? 130 LEU A CB  1 
ATOM   791  C CG  . LEU A 1 130 ? -3.741  -3.397  -3.006  1.00 28.13  ? 130 LEU A CG  1 
ATOM   792  C CD1 . LEU A 1 130 ? -2.926  -3.813  -1.801  1.00 27.57  ? 130 LEU A CD1 1 
ATOM   793  C CD2 . LEU A 1 130 ? -2.805  -3.306  -4.172  1.00 28.90  ? 130 LEU A CD2 1 
ATOM   794  N N   . GLU A 1 131 ? -5.641  -1.996  -5.709  1.00 33.01  ? 131 GLU A N   1 
ATOM   795  C CA  . GLU A 1 131 ? -5.261  -1.465  -7.003  1.00 32.95  ? 131 GLU A CA  1 
ATOM   796  C C   . GLU A 1 131 ? -3.860  -0.963  -6.916  1.00 30.31  ? 131 GLU A C   1 
ATOM   797  O O   . GLU A 1 131 ? -3.563  -0.192  -6.016  1.00 30.59  ? 131 GLU A O   1 
ATOM   798  C CB  . GLU A 1 131 ? -6.167  -0.309  -7.375  1.00 36.61  ? 131 GLU A CB  1 
ATOM   799  C CG  . GLU A 1 131 ? -5.688  0.580   -8.523  1.00 39.62  ? 131 GLU A CG  1 
ATOM   800  C CD  . GLU A 1 131 ? -6.680  1.713   -8.847  1.00 43.83  ? 131 GLU A CD  1 
ATOM   801  O OE1 . GLU A 1 131 ? -7.486  2.116   -7.957  1.00 40.95  ? 131 GLU A OE1 1 
ATOM   802  O OE2 . GLU A 1 131 ? -6.644  2.192   -10.005 1.00 43.27  ? 131 GLU A OE2 1 
ATOM   803  N N   . LEU A 1 132 ? -3.007  -1.375  -7.857  1.00 29.12  ? 132 LEU A N   1 
ATOM   804  C CA  . LEU A 1 132 ? -1.648  -0.843  -7.961  1.00 30.64  ? 132 LEU A CA  1 
ATOM   805  C C   . LEU A 1 132 ? -1.481  -0.072  -9.266  1.00 31.18  ? 132 LEU A C   1 
ATOM   806  O O   . LEU A 1 132 ? -1.927  -0.547  -10.316 1.00 31.83  ? 132 LEU A O   1 
ATOM   807  C CB  . LEU A 1 132 ? -0.628  -1.973  -7.884  1.00 30.25  ? 132 LEU A CB  1 
ATOM   808  C CG  . LEU A 1 132 ? 0.867   -1.627  -7.970  1.00 31.13  ? 132 LEU A CG  1 
ATOM   809  C CD1 . LEU A 1 132 ? 1.306   -0.652  -6.884  1.00 31.66  ? 132 LEU A CD1 1 
ATOM   810  C CD2 . LEU A 1 132 ? 1.716   -2.882  -7.864  1.00 32.42  ? 132 LEU A CD2 1 
ATOM   811  N N   . VAL A 1 133 ? -0.860  1.107   -9.196  1.00 30.40  ? 133 VAL A N   1 
ATOM   812  C CA  . VAL A 1 133 ? -0.607  1.949   -10.374 1.00 31.10  ? 133 VAL A CA  1 
ATOM   813  C C   . VAL A 1 133 ? 0.804   2.521   -10.259 1.00 35.01  ? 133 VAL A C   1 
ATOM   814  O O   . VAL A 1 133 ? 1.151   3.166   -9.273  1.00 35.38  ? 133 VAL A O   1 
ATOM   815  C CB  . VAL A 1 133 ? -1.638  3.089   -10.546 1.00 30.34  ? 133 VAL A CB  1 
ATOM   816  C CG1 . VAL A 1 133 ? -1.381  3.841   -11.848 1.00 29.56  ? 133 VAL A CG1 1 
ATOM   817  C CG2 . VAL A 1 133 ? -3.077  2.569   -10.543 1.00 28.93  ? 133 VAL A CG2 1 
ATOM   818  N N   . ILE A 1 134 ? 1.625   2.243   -11.270 1.00 41.79  ? 134 ILE A N   1 
ATOM   819  C CA  . ILE A 1 134 ? 3.040   2.655   -11.308 1.00 42.46  ? 134 ILE A CA  1 
ATOM   820  C C   . ILE A 1 134 ? 3.298   3.529   -12.541 1.00 43.86  ? 134 ILE A C   1 
ATOM   821  O O   . ILE A 1 134 ? 2.850   3.212   -13.651 1.00 40.48  ? 134 ILE A O   1 
ATOM   822  C CB  . ILE A 1 134 ? 3.953   1.433   -11.343 1.00 43.14  ? 134 ILE A CB  1 
ATOM   823  C CG1 . ILE A 1 134 ? 3.703   0.562   -10.103 1.00 44.95  ? 134 ILE A CG1 1 
ATOM   824  C CG2 . ILE A 1 134 ? 5.405   1.855   -11.416 1.00 44.86  ? 134 ILE A CG2 1 
ATOM   825  C CD1 . ILE A 1 134 ? 4.414   -0.785  -10.133 1.00 45.61  ? 134 ILE A CD1 1 
ATOM   826  N N   . GLN A 1 135 ? 3.993   4.643   -12.315 1.00 49.04  ? 135 GLN A N   1 
ATOM   827  C CA  . GLN A 1 135 ? 4.333   5.622   -13.353 1.00 49.92  ? 135 GLN A CA  1 
ATOM   828  C C   . GLN A 1 135 ? 5.852   5.630   -13.467 1.00 48.69  ? 135 GLN A C   1 
ATOM   829  O O   . GLN A 1 135 ? 6.557   5.963   -12.493 1.00 42.64  ? 135 GLN A O   1 
ATOM   830  C CB  . GLN A 1 135 ? 3.818   7.007   -12.983 1.00 53.99  ? 135 GLN A CB  1 
ATOM   831  C CG  . GLN A 1 135 ? 2.297   7.139   -12.955 1.00 56.83  ? 135 GLN A CG  1 
ATOM   832  C CD  . GLN A 1 135 ? 1.825   8.367   -12.186 1.00 58.54  ? 135 GLN A CD  1 
ATOM   833  O OE1 . GLN A 1 135 ? 2.392   8.739   -11.147 1.00 58.22  ? 135 GLN A OE1 1 
ATOM   834  N NE2 . GLN A 1 135 ? 0.783   9.001   -12.693 1.00 60.55  ? 135 GLN A NE2 1 
ATOM   835  N N   . ARG A 1 136 ? 6.365   5.227   -14.632 1.00 51.49  ? 136 ARG A N   1 
ATOM   836  C CA  . ARG A 1 136 ? 7.800   4.871   -14.743 1.00 49.92  ? 136 ARG A CA  1 
ATOM   837  C C   . ARG A 1 136 ? 8.322   4.798   -16.181 1.00 51.38  ? 136 ARG A C   1 
ATOM   838  O O   . ARG A 1 136 ? 7.628   4.290   -17.068 1.00 52.64  ? 136 ARG A O   1 
ATOM   839  C CB  . ARG A 1 136 ? 8.003   3.515   -14.102 1.00 47.73  ? 136 ARG A CB  1 
ATOM   840  C CG  . ARG A 1 136 ? 9.402   3.300   -13.622 1.00 49.40  ? 136 ARG A CG  1 
ATOM   841  C CD  . ARG A 1 136 ? 9.470   2.024   -12.829 1.00 47.10  ? 136 ARG A CD  1 
ATOM   842  N NE  . ARG A 1 136 ? 10.733  1.383   -13.098 1.00 48.15  ? 136 ARG A NE  1 
ATOM   843  C CZ  . ARG A 1 136 ? 11.853  1.581   -12.419 1.00 51.68  ? 136 ARG A CZ  1 
ATOM   844  N NH1 . ARG A 1 136 ? 11.903  2.410   -11.376 1.00 53.88  ? 136 ARG A NH1 1 
ATOM   845  N NH2 . ARG A 1 136 ? 12.945  0.921   -12.781 1.00 53.05  ? 136 ARG A NH2 1 
ATOM   846  N N   . GLU A 1 137 ? 9.533   5.308   -16.416 1.00 52.34  ? 137 GLU A N   1 
ATOM   847  C CA  . GLU A 1 137 ? 10.131  5.338   -17.762 1.00 55.37  ? 137 GLU A CA  1 
ATOM   848  C C   . GLU A 1 137 ? 9.093   5.641   -18.869 1.00 50.78  ? 137 GLU A C   1 
ATOM   849  O O   . GLU A 1 137 ? 9.010   4.947   -19.876 1.00 47.95  ? 137 GLU A O   1 
ATOM   850  C CB  . GLU A 1 137 ? 10.883  4.022   -18.032 1.00 59.82  ? 137 GLU A CB  1 
ATOM   851  C CG  . GLU A 1 137 ? 12.165  3.872   -17.199 1.00 67.25  ? 137 GLU A CG  1 
ATOM   852  C CD  . GLU A 1 137 ? 12.500  2.437   -16.780 1.00 71.74  ? 137 GLU A CD  1 
ATOM   853  O OE1 . GLU A 1 137 ? 13.680  2.175   -16.437 1.00 72.16  ? 137 GLU A OE1 1 
ATOM   854  O OE2 . GLU A 1 137 ? 11.600  1.566   -16.769 1.00 72.64  ? 137 GLU A OE2 1 
ATOM   855  N N   . GLY A 1 138 ? 8.286   6.671   -18.652 1.00 49.31  ? 138 GLY A N   1 
ATOM   856  C CA  . GLY A 1 138 ? 7.351   7.139   -19.670 1.00 51.31  ? 138 GLY A CA  1 
ATOM   857  C C   . GLY A 1 138 ? 6.014   6.426   -19.730 1.00 53.39  ? 138 GLY A C   1 
ATOM   858  O O   . GLY A 1 138 ? 5.158   6.789   -20.564 1.00 50.69  ? 138 GLY A O   1 
ATOM   859  N N   . LYS A 1 139 ? 5.808   5.437   -18.848 1.00 56.70  ? 139 LYS A N   1 
ATOM   860  C CA  . LYS A 1 139 ? 4.604   4.597   -18.898 1.00 58.73  ? 139 LYS A CA  1 
ATOM   861  C C   . LYS A 1 139 ? 3.879   4.454   -17.557 1.00 52.67  ? 139 LYS A C   1 
ATOM   862  O O   . LYS A 1 139 ? 4.450   4.663   -16.472 1.00 49.10  ? 139 LYS A O   1 
ATOM   863  C CB  . LYS A 1 139 ? 4.948   3.209   -19.458 1.00 63.25  ? 139 LYS A CB  1 
ATOM   864  C CG  . LYS A 1 139 ? 5.546   3.214   -20.867 1.00 67.21  ? 139 LYS A CG  1 
ATOM   865  C CD  . LYS A 1 139 ? 4.561   3.708   -21.932 1.00 71.88  ? 139 LYS A CD  1 
ATOM   866  C CE  . LYS A 1 139 ? 5.118   3.573   -23.356 1.00 72.44  ? 139 LYS A CE  1 
ATOM   867  N NZ  . LYS A 1 139 ? 6.170   4.581   -23.686 1.00 66.62  ? 139 LYS A NZ  1 
ATOM   868  N N   . ILE A 1 140 ? 2.612   4.085   -17.688 1.00 47.00  ? 140 ILE A N   1 
ATOM   869  C CA  . ILE A 1 140 ? 1.717   3.820   -16.593 1.00 51.10  ? 140 ILE A CA  1 
ATOM   870  C C   . ILE A 1 140 ? 1.324   2.349   -16.636 1.00 49.13  ? 140 ILE A C   1 
ATOM   871  O O   . ILE A 1 140 ? 0.701   1.886   -17.603 1.00 47.81  ? 140 ILE A O   1 
ATOM   872  C CB  . ILE A 1 140 ? 0.419   4.653   -16.692 1.00 52.46  ? 140 ILE A CB  1 
ATOM   873  C CG1 . ILE A 1 140 ? 0.727   6.158   -16.794 1.00 57.07  ? 140 ILE A CG1 1 
ATOM   874  C CG2 . ILE A 1 140 ? -0.473  4.397   -15.482 1.00 52.15  ? 140 ILE A CG2 1 
ATOM   875  C CD1 . ILE A 1 140 ? -0.505  7.010   -17.084 1.00 57.32  ? 140 ILE A CD1 1 
ATOM   876  N N   . HIS A 1 141 ? 1.625   1.644   -15.554 1.00 47.93  ? 141 HIS A N   1 
ATOM   877  C CA  . HIS A 1 141 ? 1.302   0.234   -15.417 1.00 47.20  ? 141 HIS A CA  1 
ATOM   878  C C   . HIS A 1 141 ? 0.234   0.016   -14.341 1.00 45.57  ? 141 HIS A C   1 
ATOM   879  O O   . HIS A 1 141 ? 0.217   0.719   -13.357 1.00 51.17  ? 141 HIS A O   1 
ATOM   880  C CB  . HIS A 1 141 ? 2.545   -0.516  -15.006 1.00 47.86  ? 141 HIS A CB  1 
ATOM   881  C CG  . HIS A 1 141 ? 3.782   -0.124  -15.745 1.00 47.17  ? 141 HIS A CG  1 
ATOM   882  N ND1 . HIS A 1 141 ? 4.481   -1.019  -16.526 1.00 51.06  ? 141 HIS A ND1 1 
ATOM   883  C CD2 . HIS A 1 141 ? 4.490   1.032   -15.769 1.00 49.96  ? 141 HIS A CD2 1 
ATOM   884  C CE1 . HIS A 1 141 ? 5.554   -0.422  -17.021 1.00 55.35  ? 141 HIS A CE1 1 
ATOM   885  N NE2 . HIS A 1 141 ? 5.583   0.823   -16.575 1.00 50.61  ? 141 HIS A NE2 1 
ATOM   886  N N   . ARG A 1 142 ? -0.599  -0.998  -14.490 1.00 46.99  ? 142 ARG A N   1 
ATOM   887  C CA  . ARG A 1 142 ? -1.723  -1.242  -13.580 1.00 50.42  ? 142 ARG A CA  1 
ATOM   888  C C   . ARG A 1 142 ? -1.923  -2.753  -13.310 1.00 50.95  ? 142 ARG A C   1 
ATOM   889  O O   . ARG A 1 142 ? -1.766  -3.570  -14.202 1.00 49.04  ? 142 ARG A O   1 
ATOM   890  C CB  . ARG A 1 142 ? -2.991  -0.618  -14.173 1.00 54.63  ? 142 ARG A CB  1 
ATOM   891  C CG  . ARG A 1 142 ? -4.193  -0.531  -13.244 1.00 59.94  ? 142 ARG A CG  1 
ATOM   892  C CD  . ARG A 1 142 ? -5.238  0.444   -13.793 1.00 65.51  ? 142 ARG A CD  1 
ATOM   893  N NE  . ARG A 1 142 ? -6.463  0.530   -12.971 1.00 68.61  ? 142 ARG A NE  1 
ATOM   894  C CZ  . ARG A 1 142 ? -7.465  -0.367  -12.955 1.00 70.43  ? 142 ARG A CZ  1 
ATOM   895  N NH1 . ARG A 1 142 ? -8.526  -0.154  -12.169 1.00 71.89  ? 142 ARG A NH1 1 
ATOM   896  N NH2 . ARG A 1 142 ? -7.434  -1.473  -13.709 1.00 66.56  ? 142 ARG A NH2 1 
ATOM   897  N N   . GLN A 1 143 ? -2.223  -3.107  -12.060 1.00 47.52  ? 143 GLN A N   1 
ATOM   898  C CA  . GLN A 1 143 ? -2.564  -4.476  -11.676 1.00 41.93  ? 143 GLN A CA  1 
ATOM   899  C C   . GLN A 1 143 ? -3.616  -4.410  -10.560 1.00 41.68  ? 143 GLN A C   1 
ATOM   900  O O   . GLN A 1 143 ? -3.490  -3.605  -9.663  1.00 44.09  ? 143 GLN A O   1 
ATOM   901  C CB  . GLN A 1 143 ? -1.314  -5.227  -11.217 1.00 39.37  ? 143 GLN A CB  1 
ATOM   902  C CG  . GLN A 1 143 ? -1.554  -6.714  -10.965 1.00 35.94  ? 143 GLN A CG  1 
ATOM   903  C CD  . GLN A 1 143 ? -0.278  -7.545  -10.779 1.00 37.92  ? 143 GLN A CD  1 
ATOM   904  O OE1 . GLN A 1 143 ? 0.718   -7.083  -10.206 1.00 33.03  ? 143 GLN A OE1 1 
ATOM   905  N NE2 . GLN A 1 143 ? -0.306  -8.800  -11.283 1.00 39.07  ? 143 GLN A NE2 1 
ATOM   906  N N   . ILE A 1 144 ? -4.663  -5.227  -10.641 1.00 43.65  ? 144 ILE A N   1 
ATOM   907  C CA  . ILE A 1 144 ? -5.713  -5.316  -9.601  1.00 41.06  ? 144 ILE A CA  1 
ATOM   908  C C   . ILE A 1 144 ? -5.547  -6.652  -8.875  1.00 40.95  ? 144 ILE A C   1 
ATOM   909  O O   . ILE A 1 144 ? -5.274  -7.666  -9.506  1.00 44.79  ? 144 ILE A O   1 
ATOM   910  C CB  . ILE A 1 144 ? -7.130  -5.245  -10.225 1.00 41.94  ? 144 ILE A CB  1 
ATOM   911  C CG1 . ILE A 1 144 ? -7.398  -3.868  -10.878 1.00 41.59  ? 144 ILE A CG1 1 
ATOM   912  C CG2 . ILE A 1 144 ? -8.202  -5.586  -9.197  1.00 40.85  ? 144 ILE A CG2 1 
ATOM   913  C CD1 . ILE A 1 144 ? -7.510  -2.705  -9.896  1.00 44.10  ? 144 ILE A CD1 1 
ATOM   914  N N   . TYR A 1 145 ? -5.721  -6.652  -7.557  1.00 41.55  ? 145 TYR A N   1 
ATOM   915  C CA  . TYR A 1 145 ? -5.645  -7.870  -6.742  1.00 39.96  ? 145 TYR A CA  1 
ATOM   916  C C   . TYR A 1 145 ? -6.931  -8.096  -5.942  1.00 38.44  ? 145 TYR A C   1 
ATOM   917  O O   . TYR A 1 145 ? -7.639  -7.151  -5.610  1.00 39.43  ? 145 TYR A O   1 
ATOM   918  C CB  . TYR A 1 145 ? -4.486  -7.814  -5.755  1.00 36.78  ? 145 TYR A CB  1 
ATOM   919  C CG  . TYR A 1 145 ? -3.135  -7.529  -6.337  1.00 37.44  ? 145 TYR A CG  1 
ATOM   920  C CD1 . TYR A 1 145 ? -2.256  -8.552  -6.677  1.00 37.38  ? 145 TYR A CD1 1 
ATOM   921  C CD2 . TYR A 1 145 ? -2.695  -6.225  -6.475  1.00 38.43  ? 145 TYR A CD2 1 
ATOM   922  C CE1 . TYR A 1 145 ? -0.990  -8.268  -7.202  1.00 38.06  ? 145 TYR A CE1 1 
ATOM   923  C CE2 . TYR A 1 145 ? -1.441  -5.942  -6.984  1.00 39.43  ? 145 TYR A CE2 1 
ATOM   924  C CZ  . TYR A 1 145 ? -0.602  -6.964  -7.347  1.00 37.96  ? 145 TYR A CZ  1 
ATOM   925  O OH  . TYR A 1 145 ? 0.630   -6.650  -7.845  1.00 41.04  ? 145 TYR A OH  1 
ATOM   926  N N   . GLU A 1 146 ? -7.219  -9.352  -5.635  1.00 35.76  ? 146 GLU A N   1 
ATOM   927  C CA  . GLU A 1 146 ? -8.321  -9.707  -4.739  1.00 39.33  ? 146 GLU A CA  1 
ATOM   928  C C   . GLU A 1 146 ? -7.723  -10.667 -3.710  1.00 38.02  ? 146 GLU A C   1 
ATOM   929  O O   . GLU A 1 146 ? -7.210  -11.748 -4.078  1.00 34.00  ? 146 GLU A O   1 
ATOM   930  C CB  . GLU A 1 146 ? -9.469  -10.384 -5.483  1.00 41.59  ? 146 GLU A CB  1 
ATOM   931  C CG  . GLU A 1 146 ? -10.429 -9.432  -6.163  1.00 46.42  ? 146 GLU A CG  1 
ATOM   932  C CD  . GLU A 1 146 ? -11.191 -10.053 -7.332  1.00 54.42  ? 146 GLU A CD  1 
ATOM   933  O OE1 . GLU A 1 146 ? -12.376 -9.656  -7.499  1.00 58.59  ? 146 GLU A OE1 1 
ATOM   934  O OE2 . GLU A 1 146 ? -10.615 -10.901 -8.092  1.00 53.33  ? 146 GLU A OE2 1 
ATOM   935  N N   . HIS A 1 147 ? -7.715  -10.248 -2.447  1.00 33.82  ? 147 HIS A N   1 
ATOM   936  C CA  . HIS A 1 147 ? -7.124  -11.051 -1.385  1.00 32.78  ? 147 HIS A CA  1 
ATOM   937  C C   . HIS A 1 147 ? -5.689  -11.452 -1.703  1.00 31.18  ? 147 HIS A C   1 
ATOM   938  O O   . HIS A 1 147 ? -5.260  -12.540 -1.375  1.00 33.68  ? 147 HIS A O   1 
ATOM   939  C CB  . HIS A 1 147 ? -7.991  -12.287 -1.073  1.00 34.02  ? 147 HIS A CB  1 
ATOM   940  C CG  . HIS A 1 147 ? -9.388  -11.949 -0.654  1.00 37.24  ? 147 HIS A CG  1 
ATOM   941  N ND1 . HIS A 1 147 ? -9.774  -11.877 0.669   1.00 40.63  ? 147 HIS A ND1 1 
ATOM   942  C CD2 . HIS A 1 147 ? -10.486 -11.631 -1.381  1.00 38.36  ? 147 HIS A CD2 1 
ATOM   943  C CE1 . HIS A 1 147 ? -11.054 -11.551 0.735   1.00 40.04  ? 147 HIS A CE1 1 
ATOM   944  N NE2 . HIS A 1 147 ? -11.509 -11.389 -0.495  1.00 38.25  ? 147 HIS A NE2 1 
ATOM   945  N N   . GLY A 1 148 ? -4.929  -10.552 -2.305  1.00 31.78  ? 148 GLY A N   1 
ATOM   946  C CA  . GLY A 1 148 ? -3.546  -10.836 -2.613  1.00 33.11  ? 148 GLY A CA  1 
ATOM   947  C C   . GLY A 1 148 ? -3.309  -11.499 -3.964  1.00 34.06  ? 148 GLY A C   1 
ATOM   948  O O   . GLY A 1 148 ? -2.148  -11.606 -4.384  1.00 35.96  ? 148 GLY A O   1 
ATOM   949  N N   . VAL A 1 149 ? -4.389  -11.872 -4.657  1.00 32.51  ? 149 VAL A N   1 
ATOM   950  C CA  . VAL A 1 149 ? -4.338  -12.616 -5.923  1.00 36.74  ? 149 VAL A CA  1 
ATOM   951  C C   . VAL A 1 149 ? -4.541  -11.710 -7.137  1.00 34.89  ? 149 VAL A C   1 
ATOM   952  O O   . VAL A 1 149 ? -5.600  -11.082 -7.284  1.00 32.29  ? 149 VAL A O   1 
ATOM   953  C CB  . VAL A 1 149 ? -5.401  -13.727 -5.990  1.00 33.39  ? 149 VAL A CB  1 
ATOM   954  C CG1 . VAL A 1 149 ? -5.290  -14.472 -7.316  1.00 34.31  ? 149 VAL A CG1 1 
ATOM   955  C CG2 . VAL A 1 149 ? -5.180  -14.679 -4.835  1.00 34.20  ? 149 VAL A CG2 1 
ATOM   956  N N   . PRO A 1 150 ? -3.538  -11.664 -8.017  1.00 38.35  ? 150 PRO A N   1 
ATOM   957  C CA  . PRO A 1 150 ? -3.673  -10.745 -9.147  1.00 39.71  ? 150 PRO A CA  1 
ATOM   958  C C   . PRO A 1 150 ? -4.750  -11.206 -10.097 1.00 38.53  ? 150 PRO A C   1 
ATOM   959  O O   . PRO A 1 150 ? -4.879  -12.412 -10.315 1.00 38.43  ? 150 PRO A O   1 
ATOM   960  C CB  . PRO A 1 150 ? -2.304  -10.784 -9.817  1.00 39.85  ? 150 PRO A CB  1 
ATOM   961  C CG  . PRO A 1 150 ? -1.382  -11.390 -8.820  1.00 42.98  ? 150 PRO A CG  1 
ATOM   962  C CD  . PRO A 1 150 ? -2.199  -12.276 -7.939  1.00 40.94  ? 150 PRO A CD  1 
ATOM   963  N N   . GLN A 1 151 ? -5.536  -10.269 -10.619 1.00 38.22  ? 151 GLN A N   1 
ATOM   964  C CA  . GLN A 1 151 ? -6.468  -10.587 -11.703 1.00 40.43  ? 151 GLN A CA  1 
ATOM   965  C C   . GLN A 1 151 ? -5.727  -10.877 -13.021 1.00 40.79  ? 151 GLN A C   1 
ATOM   966  O O   . GLN A 1 151 ? -6.216  -11.630 -13.867 1.00 43.63  ? 151 GLN A O   1 
ATOM   967  C CB  . GLN A 1 151 ? -7.466  -9.463  -11.911 1.00 42.01  ? 151 GLN A CB  1 
ATOM   968  C CG  . GLN A 1 151 ? -8.351  -9.245  -10.698 1.00 43.46  ? 151 GLN A CG  1 
ATOM   969  C CD  . GLN A 1 151 ? -9.500  -8.265  -10.923 1.00 41.65  ? 151 GLN A CD  1 
ATOM   970  O OE1 . GLN A 1 151 ? -10.488 -8.346  -10.217 1.00 45.72  ? 151 GLN A OE1 1 
ATOM   971  N NE2 . GLN A 1 151 ? -9.367  -7.336  -11.867 1.00 39.56  ? 151 GLN A NE2 1 
ATOM   972  N N   . ALA A 1 152 ? -4.551  -10.283 -13.184 1.00 40.41  ? 152 ALA A N   1 
ATOM   973  C CA  . ALA A 1 152 ? -3.781  -10.386 -14.418 1.00 42.14  ? 152 ALA A CA  1 
ATOM   974  C C   . ALA A 1 152 ? -2.348  -9.909  -14.196 1.00 41.48  ? 152 ALA A C   1 
ATOM   975  O O   . ALA A 1 152 ? -2.033  -9.333  -13.143 1.00 38.76  ? 152 ALA A O   1 
ATOM   976  C CB  . ALA A 1 152 ? -4.434  -9.570  -15.531 1.00 42.36  ? 152 ALA A CB  1 
ATOM   977  N N   . PRO A 1 153 ? -1.457  -10.199 -15.156 1.00 43.66  ? 153 PRO A N   1 
ATOM   978  C CA  . PRO A 1 153 ? -0.098  -9.676  -14.977 1.00 44.46  ? 153 PRO A CA  1 
ATOM   979  C C   . PRO A 1 153 ? -0.089  -8.147  -15.079 1.00 43.87  ? 153 PRO A C   1 
ATOM   980  O O   . PRO A 1 153 ? -0.956  -7.556  -15.735 1.00 40.98  ? 153 PRO A O   1 
ATOM   981  C CB  . PRO A 1 153 ? 0.700   -10.338 -16.107 1.00 42.72  ? 153 PRO A CB  1 
ATOM   982  C CG  . PRO A 1 153 ? -0.091  -11.555 -16.460 1.00 44.57  ? 153 PRO A CG  1 
ATOM   983  C CD  . PRO A 1 153 ? -1.527  -11.189 -16.251 1.00 44.19  ? 153 PRO A CD  1 
ATOM   984  N N   . LEU A 1 154 ? 0.855   -7.527  -14.378 1.00 44.42  ? 154 LEU A N   1 
ATOM   985  C CA  . LEU A 1 154 ? 1.081   -6.090  -14.489 1.00 43.63  ? 154 LEU A CA  1 
ATOM   986  C C   . LEU A 1 154 ? 1.042   -5.748  -15.983 1.00 43.73  ? 154 LEU A C   1 
ATOM   987  O O   . LEU A 1 154 ? 1.769   -6.334  -16.774 1.00 45.56  ? 154 LEU A O   1 
ATOM   988  C CB  . LEU A 1 154 ? 2.434   -5.694  -13.862 1.00 40.21  ? 154 LEU A CB  1 
ATOM   989  C CG  . LEU A 1 154 ? 2.724   -4.183  -13.752 1.00 39.66  ? 154 LEU A CG  1 
ATOM   990  C CD1 . LEU A 1 154 ? 1.726   -3.401  -12.899 1.00 35.96  ? 154 LEU A CD1 1 
ATOM   991  C CD2 . LEU A 1 154 ? 4.107   -4.049  -13.171 1.00 40.33  ? 154 LEU A CD2 1 
ATOM   992  N N   . ALA A 1 155 ? 0.132   -4.870  -16.365 1.00 46.12  ? 155 ALA A N   1 
ATOM   993  C CA  . ALA A 1 155 ? -0.045  -4.471  -17.744 1.00 47.29  ? 155 ALA A CA  1 
ATOM   994  C C   . ALA A 1 155 ? 0.328   -2.995  -17.866 1.00 54.29  ? 155 ALA A C   1 
ATOM   995  O O   . ALA A 1 155 ? 0.191   -2.235  -16.899 1.00 59.43  ? 155 ALA A O   1 
ATOM   996  C CB  . ALA A 1 155 ? -1.489  -4.683  -18.151 1.00 48.38  ? 155 ALA A CB  1 
ATOM   997  N N   . VAL A 1 156 ? 0.799   -2.598  -19.048 1.00 52.96  ? 156 VAL A N   1 
ATOM   998  C CA  . VAL A 1 156 ? 0.989   -1.189  -19.373 1.00 50.97  ? 156 VAL A CA  1 
ATOM   999  C C   . VAL A 1 156 ? -0.379  -0.698  -19.822 1.00 49.22  ? 156 VAL A C   1 
ATOM   1000 O O   . VAL A 1 156 ? -1.021  -1.351  -20.622 1.00 45.91  ? 156 VAL A O   1 
ATOM   1001 C CB  . VAL A 1 156 ? 2.048   -0.991  -20.484 1.00 52.79  ? 156 VAL A CB  1 
ATOM   1002 C CG1 . VAL A 1 156 ? 2.198   0.482   -20.852 1.00 53.78  ? 156 VAL A CG1 1 
ATOM   1003 C CG2 . VAL A 1 156 ? 3.392   -1.578  -20.060 1.00 52.81  ? 156 VAL A CG2 1 
ATOM   1004 N N   . THR A 1 157 ? -0.838  0.422   -19.265 1.00 53.65  ? 157 THR A N   1 
ATOM   1005 C CA  . THR A 1 157 ? -2.150  0.994   -19.608 1.00 52.32  ? 157 THR A CA  1 
ATOM   1006 C C   . THR A 1 157 ? -2.098  2.258   -20.450 1.00 48.32  ? 157 THR A C   1 
ATOM   1007 O O   . THR A 1 157 ? -3.068  2.514   -21.156 1.00 44.38  ? 157 THR A O   1 
ATOM   1008 C CB  . THR A 1 157 ? -3.001  1.312   -18.357 1.00 56.73  ? 157 THR A CB  1 
ATOM   1009 O OG1 . THR A 1 157 ? -2.432  2.401   -17.609 1.00 59.76  ? 157 THR A OG1 1 
ATOM   1010 C CG2 . THR A 1 157 ? -3.121  0.089   -17.480 1.00 60.64  ? 157 THR A CG2 1 
ATOM   1011 N N   . GLY A 1 158 ? -0.997  3.030   -20.354 1.00 47.33  ? 158 GLY A N   1 
ATOM   1012 C CA  . GLY A 1 158 ? -0.862  4.369   -20.956 1.00 44.79  ? 158 GLY A CA  1 
ATOM   1013 C C   . GLY A 1 158 ? 0.490   5.059   -20.757 1.00 46.63  ? 158 GLY A C   1 
ATOM   1014 O O   . GLY A 1 158 ? 1.392   4.503   -20.137 1.00 44.30  ? 158 GLY A O   1 
ATOM   1015 N N   . GLU A 1 159 ? 0.613   6.280   -21.296 1.00 53.15  ? 159 GLU A N   1 
ATOM   1016 C CA  . GLU A 1 159 ? 1.857   7.097   -21.291 1.00 54.27  ? 159 GLU A CA  1 
ATOM   1017 C C   . GLU A 1 159 ? 1.824   8.101   -20.118 1.00 51.24  ? 159 GLU A C   1 
ATOM   1018 O O   . GLU A 1 159 ? 0.751   8.419   -19.619 1.00 47.06  ? 159 GLU A O   1 
ATOM   1019 C CB  . GLU A 1 159 ? 1.980   7.905   -22.604 1.00 60.77  ? 159 GLU A CB  1 
ATOM   1020 C CG  . GLU A 1 159 ? 1.684   7.167   -23.918 1.00 68.53  ? 159 GLU A CG  1 
ATOM   1021 C CD  . GLU A 1 159 ? 2.742   6.123   -24.299 1.00 78.60  ? 159 GLU A CD  1 
ATOM   1022 O OE1 . GLU A 1 159 ? 3.963   6.379   -24.135 1.00 84.67  ? 159 GLU A OE1 1 
ATOM   1023 O OE2 . GLU A 1 159 ? 2.350   5.044   -24.794 1.00 82.86  ? 159 GLU A OE2 1 
ATOM   1024 N N   . THR A 1 160 ? 2.981   8.630   -19.715 1.00 50.19  ? 160 THR A N   1 
ATOM   1025 C CA  . THR A 1 160 ? 3.059   9.624   -18.626 1.00 49.30  ? 160 THR A CA  1 
ATOM   1026 C C   . THR A 1 160 ? 4.467   10.173  -18.505 1.00 49.85  ? 160 THR A C   1 
ATOM   1027 O O   . THR A 1 160 ? 5.432   9.460   -18.751 1.00 49.90  ? 160 THR A O   1 
ATOM   1028 C CB  . THR A 1 160 ? 2.676   9.013   -17.239 1.00 51.64  ? 160 THR A CB  1 
ATOM   1029 O OG1 . THR A 1 160 ? 2.644   10.032  -16.218 1.00 47.13  ? 160 THR A OG1 1 
ATOM   1030 C CG2 . THR A 1 160 ? 3.666   7.886   -16.815 1.00 46.30  ? 160 THR A CG2 1 
ATOM   1031 N N   . GLU A 1 161 ? 4.586   11.418  -18.068 1.00 54.32  ? 161 GLU A N   1 
ATOM   1032 C CA  . GLU A 1 161 ? 5.903   12.064  -17.872 1.00 63.98  ? 161 GLU A CA  1 
ATOM   1033 C C   . GLU A 1 161 ? 6.337   12.190  -16.406 1.00 63.04  ? 161 GLU A C   1 
ATOM   1034 O O   . GLU A 1 161 ? 7.403   12.739  -16.122 1.00 55.95  ? 161 GLU A O   1 
ATOM   1035 C CB  . GLU A 1 161 ? 5.911   13.444  -18.532 1.00 69.64  ? 161 GLU A CB  1 
ATOM   1036 C CG  . GLU A 1 161 ? 5.929   13.385  -20.055 1.00 72.07  ? 161 GLU A CG  1 
ATOM   1037 C CD  . GLU A 1 161 ? 6.163   14.753  -20.663 1.00 73.94  ? 161 GLU A CD  1 
ATOM   1038 O OE1 . GLU A 1 161 ? 5.301   15.631  -20.448 1.00 69.84  ? 161 GLU A OE1 1 
ATOM   1039 O OE2 . GLU A 1 161 ? 7.206   14.944  -21.329 1.00 66.08  ? 161 GLU A OE2 1 
ATOM   1040 N N   . LYS A 1 162 ? 5.517   11.663  -15.493 1.00 65.69  ? 162 LYS A N   1 
ATOM   1041 C CA  . LYS A 1 162 ? 5.818   11.696  -14.067 1.00 64.88  ? 162 LYS A CA  1 
ATOM   1042 C C   . LYS A 1 162 ? 6.069   10.285  -13.566 1.00 58.61  ? 162 LYS A C   1 
ATOM   1043 O O   . LYS A 1 162 ? 5.772   9.313   -14.259 1.00 52.95  ? 162 LYS A O   1 
ATOM   1044 C CB  . LYS A 1 162 ? 4.717   12.407  -13.263 1.00 71.62  ? 162 LYS A CB  1 
ATOM   1045 C CG  . LYS A 1 162 ? 3.283   12.009  -13.579 1.00 76.96  ? 162 LYS A CG  1 
ATOM   1046 C CD  . LYS A 1 162 ? 2.285   12.736  -12.680 1.00 81.47  ? 162 LYS A CD  1 
ATOM   1047 C CE  . LYS A 1 162 ? 1.826   14.073  -13.252 1.00 88.01  ? 162 LYS A CE  1 
ATOM   1048 N NZ  . LYS A 1 162 ? 2.891   15.117  -13.306 1.00 90.26  ? 162 LYS A NZ  1 
ATOM   1049 N N   . THR A 1 163 ? 6.673   10.191  -12.383 1.00 54.97  ? 163 THR A N   1 
ATOM   1050 C CA  . THR A 1 163 ? 7.000   8.915   -11.760 1.00 50.48  ? 163 THR A CA  1 
ATOM   1051 C C   . THR A 1 163 ? 6.334   8.767   -10.395 1.00 46.14  ? 163 THR A C   1 
ATOM   1052 O O   . THR A 1 163 ? 6.048   9.757   -9.726  1.00 50.41  ? 163 THR A O   1 
ATOM   1053 C CB  . THR A 1 163 ? 8.528   8.721   -11.618 1.00 48.90  ? 163 THR A CB  1 
ATOM   1054 O OG1 . THR A 1 163 ? 9.058   9.614   -10.638 1.00 47.26  ? 163 THR A OG1 1 
ATOM   1055 C CG2 . THR A 1 163 ? 9.226   8.964   -12.930 1.00 50.46  ? 163 THR A CG2 1 
ATOM   1056 N N   . GLY A 1 164 ? 6.111   7.525   -9.982  1.00 40.94  ? 164 GLY A N   1 
ATOM   1057 C CA  . GLY A 1 164 ? 5.536   7.255   -8.673  1.00 41.52  ? 164 GLY A CA  1 
ATOM   1058 C C   . GLY A 1 164 ? 4.791   5.945   -8.544  1.00 39.54  ? 164 GLY A C   1 
ATOM   1059 O O   . GLY A 1 164 ? 4.597   5.233   -9.524  1.00 41.26  ? 164 GLY A O   1 
ATOM   1060 N N   . THR A 1 165 ? 4.394   5.630   -7.312  1.00 35.89  ? 165 THR A N   1 
ATOM   1061 C CA  . THR A 1 165 ? 3.629   4.445   -7.011  1.00 34.00  ? 165 THR A CA  1 
ATOM   1062 C C   . THR A 1 165 ? 2.383   4.836   -6.269  1.00 34.91  ? 165 THR A C   1 
ATOM   1063 O O   . THR A 1 165 ? 2.463   5.668   -5.387  1.00 37.95  ? 165 THR A O   1 
ATOM   1064 C CB  . THR A 1 165 ? 4.418   3.489   -6.127  1.00 32.78  ? 165 THR A CB  1 
ATOM   1065 O OG1 . THR A 1 165 ? 5.652   3.156   -6.759  1.00 29.23  ? 165 THR A OG1 1 
ATOM   1066 C CG2 . THR A 1 165 ? 3.618   2.223   -5.885  1.00 34.47  ? 165 THR A CG2 1 
ATOM   1067 N N   . MET A 1 166 ? 1.252   4.220   -6.621  1.00 35.11  ? 166 MET A N   1 
ATOM   1068 C CA  . MET A 1 166 ? -0.039  4.436   -5.965  1.00 36.32  ? 166 MET A CA  1 
ATOM   1069 C C   . MET A 1 166 ? -0.626  3.101   -5.571  1.00 34.61  ? 166 MET A C   1 
ATOM   1070 O O   . MET A 1 166 ? -0.782  2.242   -6.419  1.00 41.23  ? 166 MET A O   1 
ATOM   1071 C CB  . MET A 1 166 ? -1.014  5.139   -6.922  1.00 40.73  ? 166 MET A CB  1 
ATOM   1072 C CG  . MET A 1 166 ? -2.345  5.616   -6.317  1.00 41.28  ? 166 MET A CG  1 
ATOM   1073 S SD  . MET A 1 166 ? -3.581  4.351   -5.882  1.00 45.77  ? 166 MET A SD  1 
ATOM   1074 C CE  . MET A 1 166 ? -3.971  3.613   -7.453  1.00 45.57  ? 166 MET A CE  1 
ATOM   1075 N N   . VAL A 1 167 ? -0.937  2.921   -4.293  1.00 33.62  ? 167 VAL A N   1 
ATOM   1076 C CA  . VAL A 1 167 ? -1.600  1.714   -3.790  1.00 31.14  ? 167 VAL A CA  1 
ATOM   1077 C C   . VAL A 1 167 ? -2.909  2.102   -3.149  1.00 31.87  ? 167 VAL A C   1 
ATOM   1078 O O   . VAL A 1 167 ? -2.933  2.875   -2.206  1.00 33.54  ? 167 VAL A O   1 
ATOM   1079 C CB  . VAL A 1 167 ? -0.720  0.983   -2.772  1.00 29.74  ? 167 VAL A CB  1 
ATOM   1080 C CG1 . VAL A 1 167 ? -1.495  -0.103  -2.059  1.00 31.11  ? 167 VAL A CG1 1 
ATOM   1081 C CG2 . VAL A 1 167 ? 0.466   0.363   -3.486  1.00 30.67  ? 167 VAL A CG2 1 
ATOM   1082 N N   . ARG A 1 168 ? -4.009  1.568   -3.661  1.00 32.19  ? 168 ARG A N   1 
ATOM   1083 C CA  . ARG A 1 168 ? -5.322  1.795   -3.054  1.00 29.97  ? 168 ARG A CA  1 
ATOM   1084 C C   . ARG A 1 168 ? -5.863  0.463   -2.592  1.00 26.93  ? 168 ARG A C   1 
ATOM   1085 O O   . ARG A 1 168 ? -5.844  -0.482  -3.359  1.00 28.10  ? 168 ARG A O   1 
ATOM   1086 C CB  . ARG A 1 168 ? -6.259  2.455   -4.059  1.00 31.19  ? 168 ARG A CB  1 
ATOM   1087 C CG  . ARG A 1 168 ? -7.535  3.016   -3.455  1.00 33.12  ? 168 ARG A CG  1 
ATOM   1088 C CD  . ARG A 1 168 ? -8.263  3.886   -4.472  1.00 33.89  ? 168 ARG A CD  1 
ATOM   1089 N NE  . ARG A 1 168 ? -9.682  4.045   -4.130  1.00 36.65  ? 168 ARG A NE  1 
ATOM   1090 C CZ  . ARG A 1 168 ? -10.633 4.604   -4.903  1.00 35.68  ? 168 ARG A CZ  1 
ATOM   1091 N NH1 . ARG A 1 168 ? -11.886 4.669   -4.435  1.00 32.96  ? 168 ARG A NH1 1 
ATOM   1092 N NH2 . ARG A 1 168 ? -10.357 5.108   -6.113  1.00 32.96  ? 168 ARG A NH2 1 
ATOM   1093 N N   . PHE A 1 169 ? -6.298  0.361   -1.338  1.00 25.25  ? 169 PHE A N   1 
ATOM   1094 C CA  . PHE A 1 169 ? -6.801  -0.923  -0.843  1.00 27.08  ? 169 PHE A CA  1 
ATOM   1095 C C   . PHE A 1 169 ? -8.111  -0.839  -0.084  1.00 26.54  ? 169 PHE A C   1 
ATOM   1096 O O   . PHE A 1 169 ? -8.430  0.185   0.513   1.00 29.87  ? 169 PHE A O   1 
ATOM   1097 C CB  . PHE A 1 169 ? -5.744  -1.628  0.009   1.00 27.06  ? 169 PHE A CB  1 
ATOM   1098 C CG  . PHE A 1 169 ? -5.494  -0.969  1.324   1.00 27.61  ? 169 PHE A CG  1 
ATOM   1099 C CD1 . PHE A 1 169 ? -4.620  0.102   1.406   1.00 28.40  ? 169 PHE A CD1 1 
ATOM   1100 C CD2 . PHE A 1 169 ? -6.120  -1.404  2.469   1.00 27.64  ? 169 PHE A CD2 1 
ATOM   1101 C CE1 . PHE A 1 169 ? -4.391  0.743   2.599   1.00 28.30  ? 169 PHE A CE1 1 
ATOM   1102 C CE2 . PHE A 1 169 ? -5.866  -0.789  3.680   1.00 30.16  ? 169 PHE A CE2 1 
ATOM   1103 C CZ  . PHE A 1 169 ? -5.004  0.296   3.746   1.00 28.00  ? 169 PHE A CZ  1 
ATOM   1104 N N   . TRP A 1 170 ? -8.856  -1.933  -0.117  1.00 25.87  ? 170 TRP A N   1 
ATOM   1105 C CA  . TRP A 1 170 ? -10.130 -2.035  0.569   1.00 26.64  ? 170 TRP A CA  1 
ATOM   1106 C C   . TRP A 1 170 ? -9.917  -3.160  1.540   1.00 27.45  ? 170 TRP A C   1 
ATOM   1107 O O   . TRP A 1 170 ? -9.749  -4.304  1.089   1.00 28.41  ? 170 TRP A O   1 
ATOM   1108 C CB  . TRP A 1 170 ? -11.260 -2.416  -0.380  1.00 27.70  ? 170 TRP A CB  1 
ATOM   1109 C CG  . TRP A 1 170 ? -11.657 -1.387  -1.414  1.00 29.37  ? 170 TRP A CG  1 
ATOM   1110 C CD1 . TRP A 1 170 ? -12.829 -0.701  -1.462  1.00 28.02  ? 170 TRP A CD1 1 
ATOM   1111 C CD2 . TRP A 1 170 ? -10.896 -0.969  -2.576  1.00 30.13  ? 170 TRP A CD2 1 
ATOM   1112 N NE1 . TRP A 1 170 ? -12.845 0.118   -2.559  1.00 29.51  ? 170 TRP A NE1 1 
ATOM   1113 C CE2 . TRP A 1 170 ? -11.662 -0.009  -3.247  1.00 29.93  ? 170 TRP A CE2 1 
ATOM   1114 C CE3 . TRP A 1 170 ? -9.646  -1.320  -3.108  1.00 32.21  ? 170 TRP A CE3 1 
ATOM   1115 C CZ2 . TRP A 1 170 ? -11.213 0.625   -4.436  1.00 31.28  ? 170 TRP A CZ2 1 
ATOM   1116 C CZ3 . TRP A 1 170 ? -9.198  -0.692  -4.300  1.00 30.81  ? 170 TRP A CZ3 1 
ATOM   1117 C CH2 . TRP A 1 170 ? -9.981  0.264   -4.942  1.00 29.75  ? 170 TRP A CH2 1 
ATOM   1118 N N   . PRO A 1 171 ? -9.912  -2.865  2.861   1.00 28.83  ? 171 PRO A N   1 
ATOM   1119 C CA  . PRO A 1 171 ? -9.640  -3.906  3.850   1.00 31.25  ? 171 PRO A CA  1 
ATOM   1120 C C   . PRO A 1 171 ? -10.610 -5.047  3.773   1.00 29.38  ? 171 PRO A C   1 
ATOM   1121 O O   . PRO A 1 171 ? -11.775 -4.847  3.528   1.00 31.72  ? 171 PRO A O   1 
ATOM   1122 C CB  . PRO A 1 171 ? -9.802  -3.186  5.194   1.00 30.58  ? 171 PRO A CB  1 
ATOM   1123 C CG  . PRO A 1 171 ? -9.596  -1.767  4.859   1.00 33.32  ? 171 PRO A CG  1 
ATOM   1124 C CD  . PRO A 1 171 ? -10.271 -1.610  3.531   1.00 30.78  ? 171 PRO A CD  1 
ATOM   1125 N N   . SER A 1 172 ? -10.117 -6.233  4.012   1.00 32.18  ? 172 SER A N   1 
ATOM   1126 C CA  . SER A 1 172 ? -10.945 -7.416  3.957   1.00 34.54  ? 172 SER A CA  1 
ATOM   1127 C C   . SER A 1 172 ? -11.886 -7.434  5.141   1.00 37.05  ? 172 SER A C   1 
ATOM   1128 O O   . SER A 1 172 ? -11.486 -7.315  6.251   1.00 37.07  ? 172 SER A O   1 
ATOM   1129 C CB  . SER A 1 172 ? -10.089 -8.652  3.963   1.00 33.36  ? 172 SER A CB  1 
ATOM   1130 O OG  . SER A 1 172 ? -10.883 -9.815  4.014   1.00 34.97  ? 172 SER A OG  1 
ATOM   1131 N N   . LEU A 1 173 ? -13.155 -7.597  4.854   1.00 42.35  ? 173 LEU A N   1 
ATOM   1132 C CA  . LEU A 1 173 ? -14.188 -7.553  5.842   1.00 43.79  ? 173 LEU A CA  1 
ATOM   1133 C C   . LEU A 1 173 ? -14.260 -8.884  6.594   1.00 42.56  ? 173 LEU A C   1 
ATOM   1134 O O   . LEU A 1 173 ? -14.837 -8.935  7.674   1.00 38.01  ? 173 LEU A O   1 
ATOM   1135 C CB  . LEU A 1 173 ? -15.484 -7.262  5.092   1.00 49.87  ? 173 LEU A CB  1 
ATOM   1136 C CG  . LEU A 1 173 ? -16.664 -6.624  5.774   1.00 55.63  ? 173 LEU A CG  1 
ATOM   1137 C CD1 . LEU A 1 173 ? -17.485 -7.694  6.474   1.00 59.80  ? 173 LEU A CD1 1 
ATOM   1138 C CD2 . LEU A 1 173 ? -16.204 -5.521  6.707   1.00 58.88  ? 173 LEU A CD2 1 
ATOM   1139 N N   . GLU A 1 174 ? -13.708 -9.958  6.003   1.00 40.69  ? 174 GLU A N   1 
ATOM   1140 C CA  . GLU A 1 174 ? -13.480 -11.250 6.680   1.00 40.30  ? 174 GLU A CA  1 
ATOM   1141 C C   . GLU A 1 174 ? -12.536 -11.143 7.851   1.00 37.86  ? 174 GLU A C   1 
ATOM   1142 O O   . GLU A 1 174 ? -12.708 -11.837 8.835   1.00 38.30  ? 174 GLU A O   1 
ATOM   1143 C CB  . GLU A 1 174 ? -12.885 -12.282 5.705   1.00 44.90  ? 174 GLU A CB  1 
ATOM   1144 C CG  . GLU A 1 174 ? -13.856 -13.247 5.038   1.00 54.47  ? 174 GLU A CG  1 
ATOM   1145 C CD  . GLU A 1 174 ? -13.850 -13.177 3.508   1.00 60.49  ? 174 GLU A CD  1 
ATOM   1146 O OE1 . GLU A 1 174 ? -13.176 -14.055 2.881   1.00 52.33  ? 174 GLU A OE1 1 
ATOM   1147 O OE2 . GLU A 1 174 ? -14.513 -12.232 2.957   1.00 59.19  ? 174 GLU A OE2 1 
ATOM   1148 N N   . THR A 1 175 ? -11.519 -10.299 7.720   1.00 35.56  ? 175 THR A N   1 
ATOM   1149 C CA  . THR A 1 175 ? -10.447 -10.211 8.704   1.00 36.14  ? 175 THR A CA  1 
ATOM   1150 C C   . THR A 1 175 ? -10.725 -9.185  9.781   1.00 33.77  ? 175 THR A C   1 
ATOM   1151 O O   . THR A 1 175 ? -10.524 -9.473  10.961  1.00 34.96  ? 175 THR A O   1 
ATOM   1152 C CB  . THR A 1 175 ? -9.111  -9.910  8.012   1.00 34.79  ? 175 THR A CB  1 
ATOM   1153 O OG1 . THR A 1 175 ? -8.802  -11.019 7.163   1.00 36.46  ? 175 THR A OG1 1 
ATOM   1154 C CG2 . THR A 1 175 ? -7.999  -9.764  8.995   1.00 36.61  ? 175 THR A CG2 1 
ATOM   1155 N N   . PHE A 1 176 ? -11.160 -7.993  9.388   1.00 32.16  ? 176 PHE A N   1 
ATOM   1156 C CA  . PHE A 1 176 ? -11.334 -6.909  10.340  1.00 32.18  ? 176 PHE A CA  1 
ATOM   1157 C C   . PHE A 1 176 ? -12.773 -6.853  10.859  1.00 34.18  ? 176 PHE A C   1 
ATOM   1158 O O   . PHE A 1 176 ? -13.729 -6.834  10.064  1.00 29.54  ? 176 PHE A O   1 
ATOM   1159 C CB  . PHE A 1 176 ? -10.900 -5.613  9.709   1.00 33.27  ? 176 PHE A CB  1 
ATOM   1160 C CG  . PHE A 1 176 ? -9.479  -5.642  9.253   1.00 32.88  ? 176 PHE A CG  1 
ATOM   1161 C CD1 . PHE A 1 176 ? -8.455  -5.547  10.167  1.00 32.16  ? 176 PHE A CD1 1 
ATOM   1162 C CD2 . PHE A 1 176 ? -9.167  -5.829  7.919   1.00 31.86  ? 176 PHE A CD2 1 
ATOM   1163 C CE1 . PHE A 1 176 ? -7.146  -5.613  9.758   1.00 31.62  ? 176 PHE A CE1 1 
ATOM   1164 C CE2 . PHE A 1 176 ? -7.853  -5.885  7.505   1.00 30.73  ? 176 PHE A CE2 1 
ATOM   1165 C CZ  . PHE A 1 176 ? -6.847  -5.768  8.424   1.00 31.78  ? 176 PHE A CZ  1 
ATOM   1166 N N   . THR A 1 177 ? -12.899 -6.827  12.194  1.00 34.12  ? 177 THR A N   1 
ATOM   1167 C CA  . THR A 1 177 ? -14.185 -6.801  12.872  1.00 34.30  ? 177 THR A CA  1 
ATOM   1168 C C   . THR A 1 177 ? -14.314 -5.568  13.775  1.00 36.18  ? 177 THR A C   1 
ATOM   1169 O O   . THR A 1 177 ? -13.310 -5.010  14.249  1.00 33.27  ? 177 THR A O   1 
ATOM   1170 C CB  . THR A 1 177 ? -14.389 -8.079  13.702  1.00 35.17  ? 177 THR A CB  1 
ATOM   1171 O OG1 . THR A 1 177 ? -13.304 -8.253  14.627  1.00 36.30  ? 177 THR A OG1 1 
ATOM   1172 C CG2 . THR A 1 177 ? -14.412 -9.313  12.801  1.00 34.56  ? 177 THR A CG2 1 
ATOM   1173 N N   . ASN A 1 178 ? -15.575 -5.183  13.999  1.00 35.90  ? 178 ASN A N   1 
ATOM   1174 C CA  . ASN A 1 178 ? -16.015 -4.078  14.854  1.00 35.77  ? 178 ASN A CA  1 
ATOM   1175 C C   . ASN A 1 178 ? -15.696 -2.690  14.327  1.00 38.29  ? 178 ASN A C   1 
ATOM   1176 O O   . ASN A 1 178 ? -16.628 -1.935  14.011  1.00 35.70  ? 178 ASN A O   1 
ATOM   1177 C CB  . ASN A 1 178 ? -15.533 -4.234  16.286  1.00 35.96  ? 178 ASN A CB  1 
ATOM   1178 C CG  . ASN A 1 178 ? -15.756 -5.620  16.813  1.00 37.36  ? 178 ASN A CG  1 
ATOM   1179 O OD1 . ASN A 1 178 ? -16.759 -6.262  16.500  1.00 37.72  ? 178 ASN A OD1 1 
ATOM   1180 N ND2 . ASN A 1 178 ? -14.825 -6.094  17.613  1.00 38.62  ? 178 ASN A ND2 1 
ATOM   1181 N N   . VAL A 1 179 ? -14.399 -2.360  14.255  1.00 38.06  ? 179 VAL A N   1 
ATOM   1182 C CA  . VAL A 1 179 ? -13.938 -1.127  13.683  1.00 35.16  ? 179 VAL A CA  1 
ATOM   1183 C C   . VAL A 1 179 ? -13.468 -1.467  12.292  1.00 33.46  ? 179 VAL A C   1 
ATOM   1184 O O   . VAL A 1 179 ? -12.358 -1.931  12.105  1.00 36.37  ? 179 VAL A O   1 
ATOM   1185 C CB  . VAL A 1 179 ? -12.803 -0.504  14.515  1.00 36.35  ? 179 VAL A CB  1 
ATOM   1186 C CG1 . VAL A 1 179 ? -12.344 0.812   13.909  1.00 34.50  ? 179 VAL A CG1 1 
ATOM   1187 C CG2 . VAL A 1 179 ? -13.250 -0.289  15.952  1.00 36.68  ? 179 VAL A CG2 1 
ATOM   1188 N N   . THR A 1 180 ? -14.325 -1.231  11.309  1.00 33.28  ? 180 THR A N   1 
ATOM   1189 C CA  . THR A 1 180 ? -14.001 -1.484  9.918   1.00 30.28  ? 180 THR A CA  1 
ATOM   1190 C C   . THR A 1 180 ? -13.981 -0.221  9.088   1.00 29.22  ? 180 THR A C   1 
ATOM   1191 O O   . THR A 1 180 ? -13.808 -0.274  7.893   1.00 31.45  ? 180 THR A O   1 
ATOM   1192 C CB  . THR A 1 180 ? -14.984 -2.494  9.339   1.00 31.47  ? 180 THR A CB  1 
ATOM   1193 O OG1 . THR A 1 180 ? -16.282 -1.906  9.251   1.00 35.64  ? 180 THR A OG1 1 
ATOM   1194 C CG2 . THR A 1 180 ? -15.085 -3.712  10.240  1.00 31.69  ? 180 THR A CG2 1 
ATOM   1195 N N   . GLU A 1 181 ? -14.090 0.931   9.710   1.00 29.80  ? 181 GLU A N   1 
ATOM   1196 C CA  . GLU A 1 181 ? -13.960 2.187   9.015   1.00 31.53  ? 181 GLU A CA  1 
ATOM   1197 C C   . GLU A 1 181 ? -12.796 2.977   9.582   1.00 29.92  ? 181 GLU A C   1 
ATOM   1198 O O   . GLU A 1 181 ? -12.591 3.025   10.781  1.00 33.88  ? 181 GLU A O   1 
ATOM   1199 C CB  . GLU A 1 181 ? -15.271 2.974   9.137   1.00 33.49  ? 181 GLU A CB  1 
ATOM   1200 C CG  . GLU A 1 181 ? -16.334 2.438   8.192   1.00 39.38  ? 181 GLU A CG  1 
ATOM   1201 C CD  . GLU A 1 181 ? -17.553 3.327   8.115   1.00 46.81  ? 181 GLU A CD  1 
ATOM   1202 O OE1 . GLU A 1 181 ? -18.426 3.194   9.004   1.00 46.50  ? 181 GLU A OE1 1 
ATOM   1203 O OE2 . GLU A 1 181 ? -17.628 4.145   7.159   1.00 50.22  ? 181 GLU A OE2 1 
ATOM   1204 N N   . PHE A 1 182 ? -12.067 3.634   8.706   1.00 29.00  ? 182 PHE A N   1 
ATOM   1205 C CA  . PHE A 1 182 ? -10.913 4.429   9.080   1.00 31.42  ? 182 PHE A CA  1 
ATOM   1206 C C   . PHE A 1 182 ? -11.338 5.710   9.751   1.00 33.64  ? 182 PHE A C   1 
ATOM   1207 O O   . PHE A 1 182 ? -12.258 6.331   9.301   1.00 35.92  ? 182 PHE A O   1 
ATOM   1208 C CB  . PHE A 1 182 ? -10.079 4.771   7.842   1.00 30.56  ? 182 PHE A CB  1 
ATOM   1209 C CG  . PHE A 1 182 ? -9.496  3.571   7.200   1.00 29.27  ? 182 PHE A CG  1 
ATOM   1210 C CD1 . PHE A 1 182 ? -8.379  2.971   7.739   1.00 31.53  ? 182 PHE A CD1 1 
ATOM   1211 C CD2 . PHE A 1 182 ? -10.114 2.988   6.117   1.00 30.58  ? 182 PHE A CD2 1 
ATOM   1212 C CE1 . PHE A 1 182 ? -7.858  1.827   7.168   1.00 30.64  ? 182 PHE A CE1 1 
ATOM   1213 C CE2 . PHE A 1 182 ? -9.605  1.856   5.532   1.00 30.39  ? 182 PHE A CE2 1 
ATOM   1214 C CZ  . PHE A 1 182 ? -8.473  1.276   6.056   1.00 31.79  ? 182 PHE A CZ  1 
ATOM   1215 N N   . GLU A 1 183 ? -10.650 6.100   10.812  1.00 36.74  ? 183 GLU A N   1 
ATOM   1216 C CA  . GLU A 1 183 ? -10.897 7.346   11.464  1.00 36.85  ? 183 GLU A CA  1 
ATOM   1217 C C   . GLU A 1 183 ? -9.838  8.307   11.036  1.00 34.40  ? 183 GLU A C   1 
ATOM   1218 O O   . GLU A 1 183 ? -8.680  8.008   11.144  1.00 36.15  ? 183 GLU A O   1 
ATOM   1219 C CB  . GLU A 1 183 ? -10.799 7.185   12.941  1.00 40.75  ? 183 GLU A CB  1 
ATOM   1220 C CG  . GLU A 1 183 ? -11.856 6.279   13.496  1.00 48.75  ? 183 GLU A CG  1 
ATOM   1221 C CD  . GLU A 1 183 ? -11.715 6.126   15.005  1.00 54.01  ? 183 GLU A CD  1 
ATOM   1222 O OE1 . GLU A 1 183 ? -12.077 5.003   15.468  1.00 51.32  ? 183 GLU A OE1 1 
ATOM   1223 O OE2 . GLU A 1 183 ? -11.236 7.109   15.692  1.00 45.17  ? 183 GLU A OE2 1 
ATOM   1224 N N   . TYR A 1 184 ? -10.263 9.463   10.563  1.00 33.55  ? 184 TYR A N   1 
ATOM   1225 C CA  . TYR A 1 184 ? -9.399  10.531  10.138  1.00 34.17  ? 184 TYR A CA  1 
ATOM   1226 C C   . TYR A 1 184 ? -8.401  10.937  11.196  1.00 37.43  ? 184 TYR A C   1 
ATOM   1227 O O   . TYR A 1 184 ? -7.230  11.188  10.886  1.00 40.87  ? 184 TYR A O   1 
ATOM   1228 C CB  . TYR A 1 184 ? -10.243 11.750  9.792   1.00 31.50  ? 184 TYR A CB  1 
ATOM   1229 C CG  . TYR A 1 184 ? -9.412  12.928  9.489   1.00 32.18  ? 184 TYR A CG  1 
ATOM   1230 C CD1 . TYR A 1 184 ? -9.025  13.792  10.507  1.00 32.19  ? 184 TYR A CD1 1 
ATOM   1231 C CD2 . TYR A 1 184 ? -8.971  13.181  8.179   1.00 31.46  ? 184 TYR A CD2 1 
ATOM   1232 C CE1 . TYR A 1 184 ? -8.254  14.878  10.236  1.00 32.11  ? 184 TYR A CE1 1 
ATOM   1233 C CE2 . TYR A 1 184 ? -8.184  14.257  7.896   1.00 30.19  ? 184 TYR A CE2 1 
ATOM   1234 C CZ  . TYR A 1 184 ? -7.825  15.101  8.925   1.00 32.86  ? 184 TYR A CZ  1 
ATOM   1235 O OH  . TYR A 1 184 ? -7.045  16.204  8.672   1.00 36.93  ? 184 TYR A OH  1 
ATOM   1236 N N   . GLU A 1 185 ? -8.864  11.045  12.433  1.00 41.57  ? 185 GLU A N   1 
ATOM   1237 C CA  . GLU A 1 185 ? -8.031  11.564  13.507  1.00 42.57  ? 185 GLU A CA  1 
ATOM   1238 C C   . GLU A 1 185 ? -6.913  10.610  13.866  1.00 38.98  ? 185 GLU A C   1 
ATOM   1239 O O   . GLU A 1 185 ? -5.837  11.047  14.264  1.00 39.65  ? 185 GLU A O   1 
ATOM   1240 C CB  . GLU A 1 185 ? -8.868  11.893  14.755  1.00 48.88  ? 185 GLU A CB  1 
ATOM   1241 C CG  . GLU A 1 185 ? -8.343  13.108  15.510  1.00 61.35  ? 185 GLU A CG  1 
ATOM   1242 C CD  . GLU A 1 185 ? -8.315  14.360  14.628  1.00 69.50  ? 185 GLU A CD  1 
ATOM   1243 O OE1 . GLU A 1 185 ? -7.245  15.023  14.545  1.00 70.48  ? 185 GLU A OE1 1 
ATOM   1244 O OE2 . GLU A 1 185 ? -9.352  14.648  13.977  1.00 67.35  ? 185 GLU A OE2 1 
ATOM   1245 N N   . ILE A 1 186 ? -7.152  9.313   13.712  1.00 33.80  ? 186 ILE A N   1 
ATOM   1246 C CA  . ILE A 1 186 ? -6.090  8.333   13.977  1.00 33.53  ? 186 ILE A CA  1 
ATOM   1247 C C   . ILE A 1 186 ? -5.007  8.411   12.868  1.00 34.05  ? 186 ILE A C   1 
ATOM   1248 O O   . ILE A 1 186 ? -3.814  8.367   13.147  1.00 31.80  ? 186 ILE A O   1 
ATOM   1249 C CB  . ILE A 1 186 ? -6.644  6.901   14.131  1.00 30.77  ? 186 ILE A CB  1 
ATOM   1250 C CG1 . ILE A 1 186 ? -7.618  6.830   15.335  1.00 30.85  ? 186 ILE A CG1 1 
ATOM   1251 C CG2 . ILE A 1 186 ? -5.499  5.909   14.263  1.00 29.69  ? 186 ILE A CG2 1 
ATOM   1252 C CD1 . ILE A 1 186 ? -8.406  5.528   15.480  1.00 30.96  ? 186 ILE A CD1 1 
ATOM   1253 N N   . LEU A 1 187 ? -5.432  8.535   11.615  1.00 31.71  ? 187 LEU A N   1 
ATOM   1254 C CA  . LEU A 1 187 ? -4.478  8.687   10.537  1.00 30.89  ? 187 LEU A CA  1 
ATOM   1255 C C   . LEU A 1 187 ? -3.746  9.998   10.665  1.00 31.19  ? 187 LEU A C   1 
ATOM   1256 O O   . LEU A 1 187 ? -2.525  10.020  10.528  1.00 32.13  ? 187 LEU A O   1 
ATOM   1257 C CB  . LEU A 1 187 ? -5.162  8.556   9.176   1.00 30.34  ? 187 LEU A CB  1 
ATOM   1258 C CG  . LEU A 1 187 ? -5.752  7.167   8.844   1.00 29.14  ? 187 LEU A CG  1 
ATOM   1259 C CD1 . LEU A 1 187 ? -6.210  7.134   7.404   1.00 29.99  ? 187 LEU A CD1 1 
ATOM   1260 C CD2 . LEU A 1 187 ? -4.762  6.030   9.043   1.00 29.72  ? 187 LEU A CD2 1 
ATOM   1261 N N   . ALA A 1 188 ? -4.482  11.072  10.979  1.00 31.34  ? 188 ALA A N   1 
ATOM   1262 C CA  . ALA A 1 188 ? -3.886  12.420  11.097  1.00 32.06  ? 188 ALA A CA  1 
ATOM   1263 C C   . ALA A 1 188 ? -2.784  12.474  12.142  1.00 31.21  ? 188 ALA A C   1 
ATOM   1264 O O   . ALA A 1 188 ? -1.702  12.956  11.883  1.00 29.93  ? 188 ALA A O   1 
ATOM   1265 C CB  . ALA A 1 188 ? -4.962  13.469  11.401  1.00 31.58  ? 188 ALA A CB  1 
ATOM   1266 N N   . LYS A 1 189 ? -3.053  11.910  13.306  1.00 30.48  ? 189 LYS A N   1 
ATOM   1267 C CA  . LYS A 1 189 ? -2.102  11.932  14.408  1.00 30.29  ? 189 LYS A CA  1 
ATOM   1268 C C   . LYS A 1 189 ? -0.863  11.149  14.042  1.00 30.40  ? 189 LYS A C   1 
ATOM   1269 O O   . LYS A 1 189 ? 0.249   11.661  14.155  1.00 35.95  ? 189 LYS A O   1 
ATOM   1270 C CB  . LYS A 1 189 ? -2.747  11.345  15.662  1.00 32.77  ? 189 LYS A CB  1 
ATOM   1271 C CG  . LYS A 1 189 ? -1.917  11.325  16.938  1.00 36.06  ? 189 LYS A CG  1 
ATOM   1272 C CD  . LYS A 1 189 ? -2.722  10.681  18.077  1.00 38.57  ? 189 LYS A CD  1 
ATOM   1273 C CE  . LYS A 1 189 ? -2.221  11.110  19.459  1.00 40.85  ? 189 LYS A CE  1 
ATOM   1274 N NZ  . LYS A 1 189 ? -0.834  10.664  19.699  1.00 41.49  ? 189 LYS A NZ  1 
ATOM   1275 N N   . ARG A 1 190 ? -1.050  9.917   13.602  1.00 29.72  ? 190 ARG A N   1 
ATOM   1276 C CA  . ARG A 1 190 ? 0.062   9.071   13.273  1.00 29.10  ? 190 ARG A CA  1 
ATOM   1277 C C   . ARG A 1 190 ? 0.851   9.573   12.067  1.00 29.21  ? 190 ARG A C   1 
ATOM   1278 O O   . ARG A 1 190 ? 2.053   9.440   12.048  1.00 29.30  ? 190 ARG A O   1 
ATOM   1279 C CB  . ARG A 1 190 ? -0.377  7.634   13.020  1.00 29.20  ? 190 ARG A CB  1 
ATOM   1280 C CG  . ARG A 1 190 ? 0.800   6.684   12.820  1.00 31.60  ? 190 ARG A CG  1 
ATOM   1281 C CD  . ARG A 1 190 ? 1.724   6.745   14.021  1.00 29.79  ? 190 ARG A CD  1 
ATOM   1282 N NE  . ARG A 1 190 ? 2.845   5.846   13.928  1.00 32.18  ? 190 ARG A NE  1 
ATOM   1283 C CZ  . ARG A 1 190 ? 3.901   5.876   14.748  1.00 33.69  ? 190 ARG A CZ  1 
ATOM   1284 N NH1 . ARG A 1 190 ? 3.999   6.790   15.740  1.00 35.28  ? 190 ARG A NH1 1 
ATOM   1285 N NH2 . ARG A 1 190 ? 4.890   5.005   14.559  1.00 30.77  ? 190 ARG A NH2 1 
ATOM   1286 N N   . LEU A 1 191 ? 0.184   10.122  11.055  1.00 28.73  ? 191 LEU A N   1 
ATOM   1287 C CA  . LEU A 1 191 ? 0.917   10.667  9.922   1.00 27.91  ? 191 LEU A CA  1 
ATOM   1288 C C   . LEU A 1 191 ? 1.769   11.877  10.294  1.00 28.67  ? 191 LEU A C   1 
ATOM   1289 O O   . LEU A 1 191 ? 2.806   12.054  9.700   1.00 31.97  ? 191 LEU A O   1 
ATOM   1290 C CB  . LEU A 1 191 ? -0.028  11.021  8.753   1.00 27.88  ? 191 LEU A CB  1 
ATOM   1291 C CG  . LEU A 1 191 ? -0.736  9.816   8.098   1.00 27.85  ? 191 LEU A CG  1 
ATOM   1292 C CD1 . LEU A 1 191 ? -1.680  10.289  6.991   1.00 27.61  ? 191 LEU A CD1 1 
ATOM   1293 C CD2 . LEU A 1 191 ? 0.227   8.752   7.579   1.00 26.84  ? 191 LEU A CD2 1 
ATOM   1294 N N   . ARG A 1 192 ? 1.327   12.733  11.218  1.00 28.92  ? 192 ARG A N   1 
ATOM   1295 C CA  . ARG A 1 192 ? 2.136   13.894  11.673  1.00 30.08  ? 192 ARG A CA  1 
ATOM   1296 C C   . ARG A 1 192 ? 3.417   13.306  12.287  1.00 29.02  ? 192 ARG A C   1 
ATOM   1297 O O   . ARG A 1 192 ? 4.530   13.682  11.915  1.00 28.28  ? 192 ARG A O   1 
ATOM   1298 C CB  . ARG A 1 192 ? 1.361   14.741  12.724  1.00 32.41  ? 192 ARG A CB  1 
ATOM   1299 C CG  . ARG A 1 192 ? 1.682   16.220  12.805  1.00 35.63  ? 192 ARG A CG  1 
ATOM   1300 C CD  . ARG A 1 192 ? 1.110   16.958  14.025  1.00 37.39  ? 192 ARG A CD  1 
ATOM   1301 N NE  . ARG A 1 192 ? -0.099  16.337  14.563  1.00 45.71  ? 192 ARG A NE  1 
ATOM   1302 C CZ  . ARG A 1 192 ? -1.364  16.546  14.158  1.00 50.17  ? 192 ARG A CZ  1 
ATOM   1303 N NH1 . ARG A 1 192 ? -1.679  17.411  13.189  1.00 47.38  ? 192 ARG A NH1 1 
ATOM   1304 N NH2 . ARG A 1 192 ? -2.347  15.868  14.745  1.00 52.77  ? 192 ARG A NH2 1 
ATOM   1305 N N   . GLU A 1 193 ? 3.225   12.339  13.181  1.00 26.65  ? 193 GLU A N   1 
ATOM   1306 C CA  . GLU A 1 193 ? 4.315   11.658  13.867  1.00 28.01  ? 193 GLU A CA  1 
ATOM   1307 C C   . GLU A 1 193 ? 5.332   11.077  12.891  1.00 26.64  ? 193 GLU A C   1 
ATOM   1308 O O   . GLU A 1 193 ? 6.541   11.234  13.069  1.00 28.23  ? 193 GLU A O   1 
ATOM   1309 C CB  . GLU A 1 193 ? 3.772   10.567  14.799  1.00 27.38  ? 193 GLU A CB  1 
ATOM   1310 C CG  . GLU A 1 193 ? 3.019   11.132  16.001  1.00 27.88  ? 193 GLU A CG  1 
ATOM   1311 C CD  . GLU A 1 193 ? 2.367   10.053  16.875  1.00 28.86  ? 193 GLU A CD  1 
ATOM   1312 O OE1 . GLU A 1 193 ? 1.903   10.370  17.985  1.00 29.98  ? 193 GLU A OE1 1 
ATOM   1313 O OE2 . GLU A 1 193 ? 2.333   8.876   16.482  1.00 30.24  ? 193 GLU A OE2 1 
ATOM   1314 N N   . LEU A 1 194 ? 4.831   10.465  11.834  1.00 26.02  ? 194 LEU A N   1 
ATOM   1315 C CA  . LEU A 1 194 ? 5.694   9.885   10.825  1.00 27.32  ? 194 LEU A CA  1 
ATOM   1316 C C   . LEU A 1 194 ? 6.456   10.909  9.968   1.00 27.84  ? 194 LEU A C   1 
ATOM   1317 O O   . LEU A 1 194 ? 7.509   10.596  9.423   1.00 31.14  ? 194 LEU A O   1 
ATOM   1318 C CB  . LEU A 1 194 ? 4.880   8.952   9.951   1.00 27.39  ? 194 LEU A CB  1 
ATOM   1319 C CG  . LEU A 1 194 ? 4.433   7.610   10.519  1.00 26.99  ? 194 LEU A CG  1 
ATOM   1320 C CD1 . LEU A 1 194 ? 3.630   6.877   9.453   1.00 28.28  ? 194 LEU A CD1 1 
ATOM   1321 C CD2 . LEU A 1 194 ? 5.644   6.780   10.892  1.00 27.42  ? 194 LEU A CD2 1 
ATOM   1322 N N   . SER A 1 195 ? 5.912   12.102  9.830   1.00 29.12  ? 195 SER A N   1 
ATOM   1323 C CA  . SER A 1 195 ? 6.567   13.173  9.119   1.00 31.40  ? 195 SER A CA  1 
ATOM   1324 C C   . SER A 1 195 ? 7.679   13.692  9.972   1.00 32.09  ? 195 SER A C   1 
ATOM   1325 O O   . SER A 1 195 ? 8.721   14.080  9.453   1.00 33.22  ? 195 SER A O   1 
ATOM   1326 C CB  . SER A 1 195 ? 5.601   14.313  8.819   1.00 31.98  ? 195 SER A CB  1 
ATOM   1327 O OG  . SER A 1 195 ? 4.770   13.928  7.741   1.00 36.05  ? 195 SER A OG  1 
ATOM   1328 N N   . PHE A 1 196 ? 7.430   13.723  11.284  1.00 33.64  ? 196 PHE A N   1 
ATOM   1329 C CA  . PHE A 1 196 ? 8.421   14.173  12.270  1.00 33.46  ? 196 PHE A CA  1 
ATOM   1330 C C   . PHE A 1 196 ? 9.548   13.144  12.360  1.00 31.36  ? 196 PHE A C   1 
ATOM   1331 O O   . PHE A 1 196 ? 10.694  13.507  12.362  1.00 31.28  ? 196 PHE A O   1 
ATOM   1332 C CB  . PHE A 1 196 ? 7.785   14.428  13.643  1.00 33.94  ? 196 PHE A CB  1 
ATOM   1333 C CG  . PHE A 1 196 ? 8.779   14.527  14.749  1.00 34.19  ? 196 PHE A CG  1 
ATOM   1334 C CD1 . PHE A 1 196 ? 9.182   13.387  15.441  1.00 36.05  ? 196 PHE A CD1 1 
ATOM   1335 C CD2 . PHE A 1 196 ? 9.346   15.744  15.068  1.00 33.77  ? 196 PHE A CD2 1 
ATOM   1336 C CE1 . PHE A 1 196 ? 10.118  13.470  16.457  1.00 38.68  ? 196 PHE A CE1 1 
ATOM   1337 C CE2 . PHE A 1 196 ? 10.287  15.834  16.074  1.00 35.64  ? 196 PHE A CE2 1 
ATOM   1338 C CZ  . PHE A 1 196 ? 10.673  14.704  16.778  1.00 36.66  ? 196 PHE A CZ  1 
ATOM   1339 N N   . LEU A 1 197 ? 9.211   11.863  12.392  1.00 30.82  ? 197 LEU A N   1 
ATOM   1340 C CA  . LEU A 1 197 ? 10.231  10.799  12.461  1.00 29.57  ? 197 LEU A CA  1 
ATOM   1341 C C   . LEU A 1 197 ? 11.145  10.685  11.232  1.00 29.91  ? 197 LEU A C   1 
ATOM   1342 O O   . LEU A 1 197 ? 12.237  10.142  11.330  1.00 30.83  ? 197 LEU A O   1 
ATOM   1343 C CB  . LEU A 1 197 ? 9.551   9.464   12.760  1.00 27.82  ? 197 LEU A CB  1 
ATOM   1344 C CG  . LEU A 1 197 ? 8.969   9.353   14.174  1.00 28.14  ? 197 LEU A CG  1 
ATOM   1345 C CD1 . LEU A 1 197 ? 8.165   8.075   14.367  1.00 29.66  ? 197 LEU A CD1 1 
ATOM   1346 C CD2 . LEU A 1 197 ? 10.071  9.359   15.189  1.00 28.55  ? 197 LEU A CD2 1 
ATOM   1347 N N   . ASN A 1 198 ? 10.696  11.195  10.090  1.00 30.80  ? 198 ASN A N   1 
ATOM   1348 C CA  . ASN A 1 198 ? 11.452  11.152  8.828   1.00 30.72  ? 198 ASN A CA  1 
ATOM   1349 C C   . ASN A 1 198 ? 11.551  12.563  8.299   1.00 34.05  ? 198 ASN A C   1 
ATOM   1350 O O   . ASN A 1 198 ? 10.893  12.951  7.334   1.00 35.82  ? 198 ASN A O   1 
ATOM   1351 C CB  . ASN A 1 198 ? 10.759  10.229  7.819   1.00 29.60  ? 198 ASN A CB  1 
ATOM   1352 C CG  . ASN A 1 198 ? 10.555  8.834   8.373   1.00 29.02  ? 198 ASN A CG  1 
ATOM   1353 O OD1 . ASN A 1 198 ? 9.479   8.506   8.893   1.00 30.04  ? 198 ASN A OD1 1 
ATOM   1354 N ND2 . ASN A 1 198 ? 11.594  8.025   8.318   1.00 27.32  ? 198 ASN A ND2 1 
ATOM   1355 N N   . SER A 1 199 ? 12.373  13.350  8.972   1.00 37.05  ? 199 SER A N   1 
ATOM   1356 C CA  . SER A 1 199 ? 12.551  14.755  8.620   1.00 40.51  ? 199 SER A CA  1 
ATOM   1357 C C   . SER A 1 199 ? 12.756  14.971  7.125   1.00 38.62  ? 199 SER A C   1 
ATOM   1358 O O   . SER A 1 199 ? 13.618  14.345  6.547   1.00 41.06  ? 199 SER A O   1 
ATOM   1359 C CB  . SER A 1 199 ? 13.717  15.347  9.426   1.00 43.13  ? 199 SER A CB  1 
ATOM   1360 O OG  . SER A 1 199 ? 13.329  15.500  10.789  1.00 41.27  ? 199 SER A OG  1 
ATOM   1361 N N   . GLY A 1 200 ? 11.929  15.836  6.518   1.00 38.76  ? 200 GLY A N   1 
ATOM   1362 C CA  . GLY A 1 200 ? 12.037  16.211  5.109   1.00 35.35  ? 200 GLY A CA  1 
ATOM   1363 C C   . GLY A 1 200 ? 10.852  15.783  4.263   1.00 37.62  ? 200 GLY A C   1 
ATOM   1364 O O   . GLY A 1 200 ? 10.541  16.441  3.272   1.00 38.75  ? 200 GLY A O   1 
ATOM   1365 N N   . VAL A 1 201 ? 10.185  14.682  4.636   1.00 37.15  ? 201 VAL A N   1 
ATOM   1366 C CA  . VAL A 1 201 ? 9.012   14.211  3.887   1.00 36.88  ? 201 VAL A CA  1 
ATOM   1367 C C   . VAL A 1 201 ? 7.803   15.107  4.083   1.00 36.94  ? 201 VAL A C   1 
ATOM   1368 O O   . VAL A 1 201 ? 7.555   15.606  5.180   1.00 39.79  ? 201 VAL A O   1 
ATOM   1369 C CB  . VAL A 1 201 ? 8.496   12.789  4.217   1.00 39.41  ? 201 VAL A CB  1 
ATOM   1370 C CG1 . VAL A 1 201 ? 8.869   11.832  3.122   1.00 43.06  ? 201 VAL A CG1 1 
ATOM   1371 C CG2 . VAL A 1 201 ? 8.909   12.275  5.565   1.00 40.49  ? 201 VAL A CG2 1 
ATOM   1372 N N   . SER A 1 202 ? 7.040   15.255  3.008   1.00 34.38  ? 202 SER A N   1 
ATOM   1373 C CA  . SER A 1 202 ? 5.769   15.939  3.040   1.00 35.76  ? 202 SER A CA  1 
ATOM   1374 C C   . SER A 1 202 ? 4.697   14.871  2.912   1.00 32.28  ? 202 SER A C   1 
ATOM   1375 O O   . SER A 1 202 ? 4.760   14.044  1.996   1.00 31.24  ? 202 SER A O   1 
ATOM   1376 C CB  . SER A 1 202 ? 5.649   16.938  1.891   1.00 34.47  ? 202 SER A CB  1 
ATOM   1377 O OG  . SER A 1 202 ? 4.354   17.534  1.897   1.00 35.11  ? 202 SER A OG  1 
ATOM   1378 N N   . ILE A 1 203 ? 3.721   14.898  3.812   1.00 28.84  ? 203 ILE A N   1 
ATOM   1379 C CA  . ILE A 1 203 ? 2.623   13.932  3.761   1.00 30.70  ? 203 ILE A CA  1 
ATOM   1380 C C   . ILE A 1 203 ? 1.344   14.731  3.836   1.00 30.97  ? 203 ILE A C   1 
ATOM   1381 O O   . ILE A 1 203 ? 1.222   15.573  4.704   1.00 32.53  ? 203 ILE A O   1 
ATOM   1382 C CB  . ILE A 1 203 ? 2.659   12.887  4.906   1.00 28.22  ? 203 ILE A CB  1 
ATOM   1383 C CG1 . ILE A 1 203 ? 4.005   12.183  4.980   1.00 29.38  ? 203 ILE A CG1 1 
ATOM   1384 C CG2 . ILE A 1 203 ? 1.603   11.798  4.741   1.00 26.78  ? 203 ILE A CG2 1 
ATOM   1385 C CD1 . ILE A 1 203 ? 4.099   11.153  6.099   1.00 28.44  ? 203 ILE A CD1 1 
ATOM   1386 N N   . ARG A 1 204 ? 0.404   14.430  2.950   1.00 30.88  ? 204 ARG A N   1 
ATOM   1387 C CA  . ARG A 1 204 ? -0.902  15.082  2.923   1.00 35.49  ? 204 ARG A CA  1 
ATOM   1388 C C   . ARG A 1 204 ? -2.020  14.103  3.189   1.00 33.67  ? 204 ARG A C   1 
ATOM   1389 O O   . ARG A 1 204 ? -2.004  13.017  2.643   1.00 34.36  ? 204 ARG A O   1 
ATOM   1390 C CB  . ARG A 1 204 ? -1.150  15.627  1.549   1.00 39.55  ? 204 ARG A CB  1 
ATOM   1391 C CG  . ARG A 1 204 ? -0.454  16.926  1.310   1.00 45.16  ? 204 ARG A CG  1 
ATOM   1392 C CD  . ARG A 1 204 ? -0.840  17.368  -0.063  1.00 49.41  ? 204 ARG A CD  1 
ATOM   1393 N NE  . ARG A 1 204 ? -0.511  18.759  -0.289  1.00 55.96  ? 204 ARG A NE  1 
ATOM   1394 C CZ  . ARG A 1 204 ? -1.190  19.793  0.213   1.00 57.77  ? 204 ARG A CZ  1 
ATOM   1395 N NH1 . ARG A 1 204 ? -0.795  21.002  -0.105  1.00 57.63  ? 204 ARG A NH1 1 
ATOM   1396 N NH2 . ARG A 1 204 ? -2.251  19.644  1.020   1.00 56.89  ? 204 ARG A NH2 1 
ATOM   1397 N N   . LEU A 1 205 ? -3.016  14.504  3.972   1.00 32.36  ? 205 LEU A N   1 
ATOM   1398 C CA  . LEU A 1 205 ? -4.134  13.609  4.307   1.00 31.85  ? 205 LEU A CA  1 
ATOM   1399 C C   . LEU A 1 205 ? -5.441  14.237  3.861   1.00 31.24  ? 205 LEU A C   1 
ATOM   1400 O O   . LEU A 1 205 ? -5.783  15.306  4.329   1.00 34.15  ? 205 LEU A O   1 
ATOM   1401 C CB  . LEU A 1 205 ? -4.168  13.344  5.825   1.00 31.88  ? 205 LEU A CB  1 
ATOM   1402 C CG  . LEU A 1 205 ? -5.339  12.502  6.370   1.00 31.47  ? 205 LEU A CG  1 
ATOM   1403 C CD1 . LEU A 1 205 ? -5.252  11.074  5.833   1.00 30.86  ? 205 LEU A CD1 1 
ATOM   1404 C CD2 . LEU A 1 205 ? -5.321  12.507  7.904   1.00 29.39  ? 205 LEU A CD2 1 
ATOM   1405 N N   . ARG A 1 206 ? -6.181  13.564  2.995   1.00 31.26  ? 206 ARG A N   1 
ATOM   1406 C CA  . ARG A 1 206 ? -7.470  14.065  2.512   1.00 31.98  ? 206 ARG A CA  1 
ATOM   1407 C C   . ARG A 1 206 ? -8.569  13.071  2.868   1.00 32.17  ? 206 ARG A C   1 
ATOM   1408 O O   . ARG A 1 206 ? -8.380  11.859  2.704   1.00 33.47  ? 206 ARG A O   1 
ATOM   1409 C CB  . ARG A 1 206 ? -7.374  14.313  1.007   1.00 37.26  ? 206 ARG A CB  1 
ATOM   1410 C CG  . ARG A 1 206 ? -6.275  15.324  0.702   1.00 44.31  ? 206 ARG A CG  1 
ATOM   1411 C CD  . ARG A 1 206 ? -5.914  15.505  -0.760  1.00 52.92  ? 206 ARG A CD  1 
ATOM   1412 N NE  . ARG A 1 206 ? -4.926  16.602  -0.889  1.00 60.10  ? 206 ARG A NE  1 
ATOM   1413 C CZ  . ARG A 1 206 ? -4.181  16.862  -1.972  1.00 63.21  ? 206 ARG A CZ  1 
ATOM   1414 N NH1 . ARG A 1 206 ? -3.330  17.883  -1.952  1.00 59.46  ? 206 ARG A NH1 1 
ATOM   1415 N NH2 . ARG A 1 206 ? -4.278  16.116  -3.083  1.00 67.45  ? 206 ARG A NH2 1 
ATOM   1416 N N   . ASP A 1 207 ? -9.676  13.572  3.415   1.00 29.99  ? 207 ASP A N   1 
ATOM   1417 C CA  . ASP A 1 207 ? -10.850 12.780  3.707   1.00 31.48  ? 207 ASP A CA  1 
ATOM   1418 C C   . ASP A 1 207 ? -11.927 13.240  2.729   1.00 34.67  ? 207 ASP A C   1 
ATOM   1419 O O   . ASP A 1 207 ? -12.476 14.319  2.855   1.00 37.14  ? 207 ASP A O   1 
ATOM   1420 C CB  . ASP A 1 207 ? -11.266 13.000  5.152   1.00 32.24  ? 207 ASP A CB  1 
ATOM   1421 C CG  . ASP A 1 207 ? -12.315 12.059  5.611   1.00 34.54  ? 207 ASP A CG  1 
ATOM   1422 O OD1 . ASP A 1 207 ? -13.237 11.762  4.796   1.00 39.56  ? 207 ASP A OD1 1 
ATOM   1423 O OD2 . ASP A 1 207 ? -12.223 11.603  6.791   1.00 33.08  ? 207 ASP A OD2 1 
ATOM   1424 N N   . LYS A 1 208 ? -12.219 12.409  1.750   1.00 36.68  ? 208 LYS A N   1 
ATOM   1425 C CA  . LYS A 1 208 ? -13.207 12.717  0.744   1.00 40.59  ? 208 LYS A CA  1 
ATOM   1426 C C   . LYS A 1 208 ? -14.647 12.551  1.253   1.00 41.16  ? 208 LYS A C   1 
ATOM   1427 O O   . LYS A 1 208 ? -15.583 12.967  0.570   1.00 41.88  ? 208 LYS A O   1 
ATOM   1428 C CB  . LYS A 1 208 ? -12.977 11.823  -0.473  1.00 43.77  ? 208 LYS A CB  1 
ATOM   1429 C CG  . LYS A 1 208 ? -11.623 11.998  -1.152  1.00 46.51  ? 208 LYS A CG  1 
ATOM   1430 C CD  . LYS A 1 208 ? -11.617 13.136  -2.165  1.00 53.56  ? 208 LYS A CD  1 
ATOM   1431 C CE  . LYS A 1 208 ? -10.917 12.725  -3.460  1.00 59.17  ? 208 LYS A CE  1 
ATOM   1432 N NZ  . LYS A 1 208 ? -11.676 11.684  -4.235  1.00 59.87  ? 208 LYS A NZ  1 
ATOM   1433 N N   . ARG A 1 209 ? -14.824 11.962  2.442   1.00 43.70  ? 209 ARG A N   1 
ATOM   1434 C CA  . ARG A 1 209 ? -16.161 11.779  3.049   1.00 43.17  ? 209 ARG A CA  1 
ATOM   1435 C C   . ARG A 1 209 ? -16.765 13.116  3.523   1.00 45.46  ? 209 ARG A C   1 
ATOM   1436 O O   . ARG A 1 209 ? -17.954 13.347  3.336   1.00 46.67  ? 209 ARG A O   1 
ATOM   1437 C CB  . ARG A 1 209 ? -16.118 10.770  4.206   1.00 39.77  ? 209 ARG A CB  1 
ATOM   1438 C CG  . ARG A 1 209 ? -15.609 9.385   3.801   1.00 40.27  ? 209 ARG A CG  1 
ATOM   1439 C CD  . ARG A 1 209 ? -15.293 8.476   4.993   1.00 39.31  ? 209 ARG A CD  1 
ATOM   1440 N NE  . ARG A 1 209 ? -14.127 8.940   5.771   1.00 38.29  ? 209 ARG A NE  1 
ATOM   1441 C CZ  . ARG A 1 209 ? -13.666 8.346   6.875   1.00 36.13  ? 209 ARG A CZ  1 
ATOM   1442 N NH1 . ARG A 1 209 ? -12.627 8.837   7.510   1.00 37.69  ? 209 ARG A NH1 1 
ATOM   1443 N NH2 . ARG A 1 209 ? -14.242 7.271   7.362   1.00 35.55  ? 209 ARG A NH2 1 
ATOM   1444 N N   . ASP A 1 210 ? -15.946 13.984  4.120   1.00 45.32  ? 210 ASP A N   1 
ATOM   1445 C CA  . ASP A 1 210 ? -16.410 15.282  4.618   1.00 43.79  ? 210 ASP A CA  1 
ATOM   1446 C C   . ASP A 1 210 ? -15.546 16.515  4.260   1.00 43.11  ? 210 ASP A C   1 
ATOM   1447 O O   . ASP A 1 210 ? -15.786 17.581  4.803   1.00 49.17  ? 210 ASP A O   1 
ATOM   1448 C CB  . ASP A 1 210 ? -16.587 15.175  6.140   1.00 42.87  ? 210 ASP A CB  1 
ATOM   1449 C CG  . ASP A 1 210 ? -15.264 15.011  6.890   1.00 45.09  ? 210 ASP A CG  1 
ATOM   1450 O OD1 . ASP A 1 210 ? -14.166 15.118  6.268   1.00 45.23  ? 210 ASP A OD1 1 
ATOM   1451 O OD2 . ASP A 1 210 ? -15.341 14.781  8.116   1.00 38.33  ? 210 ASP A OD2 1 
ATOM   1452 N N   . GLY A 1 211 ? -14.550 16.391  3.382   1.00 42.12  ? 211 GLY A N   1 
ATOM   1453 C CA  . GLY A 1 211 ? -13.651 17.512  3.046   1.00 40.34  ? 211 GLY A CA  1 
ATOM   1454 C C   . GLY A 1 211 ? -12.471 17.797  3.984   1.00 41.25  ? 211 GLY A C   1 
ATOM   1455 O O   . GLY A 1 211 ? -11.591 18.595  3.639   1.00 40.07  ? 211 GLY A O   1 
ATOM   1456 N N   . LYS A 1 212 ? -12.407 17.159  5.160   1.00 45.57  ? 212 LYS A N   1 
ATOM   1457 C CA  . LYS A 1 212 ? -11.202 17.226  6.023   1.00 46.11  ? 212 LYS A CA  1 
ATOM   1458 C C   . LYS A 1 212 ? -9.882  17.086  5.240   1.00 44.99  ? 212 LYS A C   1 
ATOM   1459 O O   . LYS A 1 212 ? -9.735  16.283  4.296   1.00 43.69  ? 212 LYS A O   1 
ATOM   1460 C CB  . LYS A 1 212 ? -11.228 16.140  7.099   1.00 51.50  ? 212 LYS A CB  1 
ATOM   1461 C CG  . LYS A 1 212 ? -12.157 16.426  8.268   1.00 56.59  ? 212 LYS A CG  1 
ATOM   1462 C CD  . LYS A 1 212 ? -11.382 16.815  9.514   1.00 62.04  ? 212 LYS A CD  1 
ATOM   1463 C CE  . LYS A 1 212 ? -10.638 18.135  9.313   1.00 63.07  ? 212 LYS A CE  1 
ATOM   1464 N NZ  . LYS A 1 212 ? -9.972  18.593  10.566  1.00 62.84  ? 212 LYS A NZ  1 
ATOM   1465 N N   . GLU A 1 213 ? -8.910  17.866  5.664   1.00 45.52  ? 213 GLU A N   1 
ATOM   1466 C CA  . GLU A 1 213 ? -7.598  17.884  5.031   1.00 43.80  ? 213 GLU A CA  1 
ATOM   1467 C C   . GLU A 1 213 ? -6.545  18.316  6.023   1.00 39.75  ? 213 GLU A C   1 
ATOM   1468 O O   . GLU A 1 213 ? -6.847  19.057  6.953   1.00 41.18  ? 213 GLU A O   1 
ATOM   1469 C CB  . GLU A 1 213 ? -7.629  18.852  3.870   1.00 48.65  ? 213 GLU A CB  1 
ATOM   1470 C CG  . GLU A 1 213 ? -6.468  18.715  2.922   1.00 55.14  ? 213 GLU A CG  1 
ATOM   1471 C CD  . GLU A 1 213 ? -6.778  19.310  1.572   1.00 62.44  ? 213 GLU A CD  1 
ATOM   1472 O OE1 . GLU A 1 213 ? -7.794  18.887  0.960   1.00 62.72  ? 213 GLU A OE1 1 
ATOM   1473 O OE2 . GLU A 1 213 ? -6.002  20.189  1.131   1.00 64.77  ? 213 GLU A OE2 1 
ATOM   1474 N N   . ASP A 1 214 ? -5.317  17.852  5.836   1.00 39.29  ? 214 ASP A N   1 
ATOM   1475 C CA  . ASP A 1 214 ? -4.171  18.304  6.638   1.00 36.27  ? 214 ASP A CA  1 
ATOM   1476 C C   . ASP A 1 214 ? -2.855  18.063  5.906   1.00 33.72  ? 214 ASP A C   1 
ATOM   1477 O O   . ASP A 1 214 ? -2.836  17.374  4.901   1.00 35.43  ? 214 ASP A O   1 
ATOM   1478 C CB  . ASP A 1 214 ? -4.166  17.575  7.967   1.00 37.57  ? 214 ASP A CB  1 
ATOM   1479 C CG  . ASP A 1 214 ? -3.770  18.448  9.118   1.00 40.74  ? 214 ASP A CG  1 
ATOM   1480 O OD1 . ASP A 1 214 ? -2.920  19.373  8.966   1.00 37.71  ? 214 ASP A OD1 1 
ATOM   1481 O OD2 . ASP A 1 214 ? -4.340  18.176  10.191  1.00 45.43  ? 214 ASP A OD2 1 
ATOM   1482 N N   . HIS A 1 215 ? -1.764  18.625  6.419   1.00 34.27  ? 215 HIS A N   1 
ATOM   1483 C CA  . HIS A 1 215 ? -0.471  18.592  5.737   1.00 33.98  ? 215 HIS A CA  1 
ATOM   1484 C C   . HIS A 1 215 ? 0.642   18.596  6.766   1.00 33.08  ? 215 HIS A C   1 
ATOM   1485 O O   . HIS A 1 215 ? 0.668   19.450  7.637   1.00 34.05  ? 215 HIS A O   1 
ATOM   1486 C CB  . HIS A 1 215 ? -0.376  19.788  4.785   1.00 34.38  ? 215 HIS A CB  1 
ATOM   1487 C CG  . HIS A 1 215 ? 0.836   19.800  3.895   1.00 34.44  ? 215 HIS A CG  1 
ATOM   1488 N ND1 . HIS A 1 215 ? 1.139   20.877  3.084   1.00 34.88  ? 215 HIS A ND1 1 
ATOM   1489 C CD2 . HIS A 1 215 ? 1.817   18.888  3.690   1.00 34.42  ? 215 HIS A CD2 1 
ATOM   1490 C CE1 . HIS A 1 215 ? 2.263   20.628  2.427   1.00 35.10  ? 215 HIS A CE1 1 
ATOM   1491 N NE2 . HIS A 1 215 ? 2.694   19.428  2.777   1.00 33.79  ? 215 HIS A NE2 1 
ATOM   1492 N N   . PHE A 1 216 ? 1.546   17.617  6.680   1.00 33.90  ? 216 PHE A N   1 
ATOM   1493 C CA  . PHE A 1 216 ? 2.599   17.463  7.676   1.00 32.50  ? 216 PHE A CA  1 
ATOM   1494 C C   . PHE A 1 216 ? 3.933   17.515  6.985   1.00 32.55  ? 216 PHE A C   1 
ATOM   1495 O O   . PHE A 1 216 ? 4.089   16.966  5.922   1.00 33.04  ? 216 PHE A O   1 
ATOM   1496 C CB  . PHE A 1 216 ? 2.452   16.171  8.447   1.00 31.62  ? 216 PHE A CB  1 
ATOM   1497 C CG  . PHE A 1 216 ? 1.042   15.852  8.817   1.00 34.05  ? 216 PHE A CG  1 
ATOM   1498 C CD1 . PHE A 1 216 ? 0.361   16.616  9.742   1.00 34.51  ? 216 PHE A CD1 1 
ATOM   1499 C CD2 . PHE A 1 216 ? 0.379   14.790  8.214   1.00 34.54  ? 216 PHE A CD2 1 
ATOM   1500 C CE1 . PHE A 1 216 ? -0.947  16.300  10.086  1.00 37.76  ? 216 PHE A CE1 1 
ATOM   1501 C CE2 . PHE A 1 216 ? -0.930  14.470  8.543   1.00 36.16  ? 216 PHE A CE2 1 
ATOM   1502 C CZ  . PHE A 1 216 ? -1.612  15.228  9.477   1.00 35.52  ? 216 PHE A CZ  1 
ATOM   1503 N N   . HIS A 1 217 ? 4.891   18.186  7.611   1.00 33.55  ? 217 HIS A N   1 
ATOM   1504 C CA  . HIS A 1 217 ? 6.217   18.375  7.043   1.00 36.72  ? 217 HIS A CA  1 
ATOM   1505 C C   . HIS A 1 217 ? 7.086   19.056  8.074   1.00 36.48  ? 217 HIS A C   1 
ATOM   1506 O O   . HIS A 1 217 ? 6.813   20.164  8.491   1.00 37.43  ? 217 HIS A O   1 
ATOM   1507 C CB  . HIS A 1 217 ? 6.183   19.245  5.768   1.00 37.87  ? 217 HIS A CB  1 
ATOM   1508 C CG  . HIS A 1 217 ? 7.533   19.508  5.190   1.00 38.09  ? 217 HIS A CG  1 
ATOM   1509 N ND1 . HIS A 1 217 ? 8.056   18.766  4.165   1.00 40.11  ? 217 HIS A ND1 1 
ATOM   1510 C CD2 . HIS A 1 217 ? 8.480   20.421  5.508   1.00 43.11  ? 217 HIS A CD2 1 
ATOM   1511 C CE1 . HIS A 1 217 ? 9.263   19.203  3.868   1.00 38.00  ? 217 HIS A CE1 1 
ATOM   1512 N NE2 . HIS A 1 217 ? 9.547   20.207  4.671   1.00 41.95  ? 217 HIS A NE2 1 
ATOM   1513 N N   . TYR A 1 218 ? 8.157   18.396  8.457   1.00 42.35  ? 218 TYR A N   1 
ATOM   1514 C CA  . TYR A 1 218 ? 9.143   18.960  9.368   1.00 43.38  ? 218 TYR A CA  1 
ATOM   1515 C C   . TYR A 1 218 ? 10.401  19.069  8.575   1.00 48.19  ? 218 TYR A C   1 
ATOM   1516 O O   . TYR A 1 218 ? 10.931  18.043  8.136   1.00 48.54  ? 218 TYR A O   1 
ATOM   1517 C CB  . TYR A 1 218 ? 9.342   18.027  10.540  1.00 40.18  ? 218 TYR A CB  1 
ATOM   1518 C CG  . TYR A 1 218 ? 8.154   18.012  11.443  1.00 38.62  ? 218 TYR A CG  1 
ATOM   1519 C CD1 . TYR A 1 218 ? 7.062   17.211  11.171  1.00 36.82  ? 218 TYR A CD1 1 
ATOM   1520 C CD2 . TYR A 1 218 ? 8.114   18.818  12.585  1.00 39.00  ? 218 TYR A CD2 1 
ATOM   1521 C CE1 . TYR A 1 218 ? 5.963   17.196  12.007  1.00 36.64  ? 218 TYR A CE1 1 
ATOM   1522 C CE2 . TYR A 1 218 ? 7.021   18.805  13.421  1.00 37.75  ? 218 TYR A CE2 1 
ATOM   1523 C CZ  . TYR A 1 218 ? 5.947   17.996  13.126  1.00 36.47  ? 218 TYR A CZ  1 
ATOM   1524 O OH  . TYR A 1 218 ? 4.859   17.991  13.955  1.00 38.08  ? 218 TYR A OH  1 
ATOM   1525 N N   . GLU A 1 219 ? 10.874  20.291  8.346   1.00 60.49  ? 219 GLU A N   1 
ATOM   1526 C CA  . GLU A 1 219 ? 12.102  20.439  7.596   1.00 67.89  ? 219 GLU A CA  1 
ATOM   1527 C C   . GLU A 1 219 ? 13.278  20.379  8.555   1.00 66.10  ? 219 GLU A C   1 
ATOM   1528 O O   . GLU A 1 219 ? 13.699  21.402  9.091   1.00 64.88  ? 219 GLU A O   1 
ATOM   1529 C CB  . GLU A 1 219 ? 12.135  21.704  6.718   1.00 74.90  ? 219 GLU A CB  1 
ATOM   1530 C CG  . GLU A 1 219 ? 13.306  21.703  5.730   1.00 75.25  ? 219 GLU A CG  1 
ATOM   1531 C CD  . GLU A 1 219 ? 13.524  20.346  5.043   1.00 74.93  ? 219 GLU A CD  1 
ATOM   1532 O OE1 . GLU A 1 219 ? 13.950  19.355  5.702   1.00 73.35  ? 219 GLU A OE1 1 
ATOM   1533 O OE2 . GLU A 1 219 ? 13.259  20.261  3.827   1.00 73.01  ? 219 GLU A OE2 1 
ATOM   1534 N N   . GLY A 1 220 ? 13.777  19.164  8.769   1.00 66.52  ? 220 GLY A N   1 
ATOM   1535 C CA  . GLY A 1 220 ? 14.888  18.912  9.693   1.00 73.53  ? 220 GLY A CA  1 
ATOM   1536 C C   . GLY A 1 220 ? 14.572  19.237  11.145  1.00 76.07  ? 220 GLY A C   1 
ATOM   1537 O O   . GLY A 1 220 ? 13.411  19.213  11.558  1.00 78.07  ? 220 GLY A O   1 
HETATM 1538 C C12 . E0F B 2 .   ? 9.591   0.565   -4.196  1.00 41.32  ? 301 E0F A C12 1 
HETATM 1539 C C7  . E0F B 2 .   ? 7.378   0.127   -3.149  1.00 44.80  ? 301 E0F A C7  1 
HETATM 1540 C C6  . E0F B 2 .   ? 5.238   -0.258  -2.199  1.00 42.73  ? 301 E0F A C6  1 
HETATM 1541 C C9  . E0F B 2 .   ? 7.966   2.512   -3.573  1.00 41.57  ? 301 E0F A C9  1 
HETATM 1542 C C8  . E0F B 2 .   ? 8.292   1.044   -3.643  1.00 44.04  ? 301 E0F A C8  1 
HETATM 1543 C C5  . E0F B 2 .   ? 4.046   0.259   -1.703  1.00 45.04  ? 301 E0F A C5  1 
HETATM 1544 C C4  . E0F B 2 .   ? 3.785   1.642   -1.686  1.00 44.76  ? 301 E0F A C4  1 
HETATM 1545 C C3  . E0F B 2 .   ? 4.712   2.563   -2.157  1.00 45.62  ? 301 E0F A C3  1 
HETATM 1546 C C1  . E0F B 2 .   ? 6.193   0.617   -2.665  1.00 44.44  ? 301 E0F A C1  1 
HETATM 1547 C C2  . E0F B 2 .   ? 5.923   2.093   -2.654  1.00 45.46  ? 301 E0F A C2  1 
HETATM 1548 O O14 . E0F B 2 .   ? 9.800   -0.597  -4.213  1.00 43.50  ? 301 E0F A O14 1 
HETATM 1549 O O11 . E0F B 2 .   ? 8.747   3.357   -3.998  1.00 37.82  ? 301 E0F A O11 1 
HETATM 1550 N N10 . E0F B 2 .   ? 6.819   2.960   -3.111  1.00 42.04  ? 301 E0F A N10 1 
HETATM 1551 N N13 . E0F B 2 .   ? 10.405  1.472   -4.685  1.00 41.88  ? 301 E0F A N13 1 
HETATM 1552 C C15 . E0F B 2 .   ? 11.564  1.239   -5.302  1.00 42.39  ? 301 E0F A C15 1 
HETATM 1553 C C20 . E0F B 2 .   ? 12.565  0.345   -4.937  1.00 41.08  ? 301 E0F A C20 1 
HETATM 1554 C C19 . E0F B 2 .   ? 13.610  0.115   -5.813  1.00 43.15  ? 301 E0F A C19 1 
HETATM 1555 C C18 . E0F B 2 .   ? 13.669  0.767   -7.050  1.00 44.98  ? 301 E0F A C18 1 
HETATM 1556 C C17 . E0F B 2 .   ? 12.659  1.649   -7.421  1.00 45.58  ? 301 E0F A C17 1 
HETATM 1557 C C16 . E0F B 2 .   ? 11.602  1.866   -6.547  1.00 44.32  ? 301 E0F A C16 1 
HETATM 1558 C C21 . E0F B 2 .   ? 12.599  -0.378  -3.638  1.00 42.35  ? 301 E0F A C21 1 
HETATM 1559 N N22 . E0F B 2 .   ? 11.801  -1.616  -3.741  1.00 46.73  ? 301 E0F A N22 1 
HETATM 1560 C C24 . E0F B 2 .   ? 12.318  -2.649  -4.694  1.00 43.60  ? 301 E0F A C24 1 
HETATM 1561 C C23 . E0F B 2 .   ? 11.560  -2.105  -2.370  1.00 49.32  ? 301 E0F A C23 1 
HETATM 1562 C C29 . E0F B 2 .   ? 10.450  -3.157  -2.322  1.00 52.63  ? 301 E0F A C29 1 
HETATM 1563 C C28 . E0F B 2 .   ? 10.079  -3.481  -0.883  1.00 53.16  ? 301 E0F A C28 1 
HETATM 1564 C C27 . E0F B 2 .   ? 11.310  -3.840  -0.031  1.00 55.71  ? 301 E0F A C27 1 
HETATM 1565 C C26 . E0F B 2 .   ? 12.479  -2.866  -0.232  1.00 55.17  ? 301 E0F A C26 1 
HETATM 1566 C C25 . E0F B 2 .   ? 12.795  -2.714  -1.712  1.00 52.14  ? 301 E0F A C25 1 
HETATM 1567 O O   . HOH C 3 .   ? 7.880   4.756   -5.671  1.00 31.55  ? 401 HOH A O   1 
HETATM 1568 O O   . HOH C 3 .   ? -3.822  9.469   -1.763  1.00 34.84  ? 402 HOH A O   1 
HETATM 1569 O O   . HOH C 3 .   ? 3.008   12.160  -4.110  1.00 37.13  ? 403 HOH A O   1 
HETATM 1570 O O   . HOH C 3 .   ? -11.167 -3.645  13.630  1.00 27.36  ? 404 HOH A O   1 
HETATM 1571 O O   . HOH C 3 .   ? 8.917   15.794  7.502   1.00 29.32  ? 405 HOH A O   1 
HETATM 1572 O O   . HOH C 3 .   ? 14.366  2.155   -10.482 1.00 37.19  ? 406 HOH A O   1 
HETATM 1573 O O   . HOH C 3 .   ? -13.292 13.229  8.733   1.00 43.75  ? 407 HOH A O   1 
HETATM 1574 O O   . HOH C 3 .   ? 2.535   -15.176 -0.191  1.00 41.37  ? 408 HOH A O   1 
HETATM 1575 O O   . HOH C 3 .   ? -8.235  -10.815 2.650   1.00 31.60  ? 409 HOH A O   1 
HETATM 1576 O O   . HOH C 3 .   ? -6.001  -7.706  -2.514  1.00 18.51  ? 410 HOH A O   1 
HETATM 1577 O O   . HOH C 3 .   ? -9.197  -12.082 4.585   1.00 38.05  ? 411 HOH A O   1 
HETATM 1578 O O   . HOH C 3 .   ? 1.144   6.276   -9.443  1.00 29.74  ? 412 HOH A O   1 
HETATM 1579 O O   . HOH C 3 .   ? -8.542  -3.612  13.474  1.00 24.75  ? 413 HOH A O   1 
HETATM 1580 O O   . HOH C 3 .   ? 7.038   -7.196  0.577   1.00 42.38  ? 414 HOH A O   1 
HETATM 1581 O O   . HOH C 3 .   ? 9.596   17.104  0.476   1.00 38.42  ? 415 HOH A O   1 
HETATM 1582 O O   . HOH C 3 .   ? 3.533   3.664   11.949  1.00 39.90  ? 416 HOH A O   1 
HETATM 1583 O O   . HOH C 3 .   ? -0.089  -22.632 4.231   1.00 40.02  ? 417 HOH A O   1 
HETATM 1584 O O   . HOH C 3 .   ? -14.266 -9.173  1.991   1.00 35.46  ? 418 HOH A O   1 
HETATM 1585 O O   . HOH C 3 .   ? -5.708  -6.847  -13.362 1.00 39.11  ? 419 HOH A O   1 
HETATM 1586 O O   . HOH C 3 .   ? -3.861  -14.823 14.532  1.00 39.21  ? 420 HOH A O   1 
HETATM 1587 O O   . HOH C 3 .   ? -9.917  -14.331 4.708   1.00 33.15  ? 421 HOH A O   1 
# 
loop_
_pdbx_poly_seq_scheme.asym_id 
_pdbx_poly_seq_scheme.entity_id 
_pdbx_poly_seq_scheme.seq_id 
_pdbx_poly_seq_scheme.mon_id 
_pdbx_poly_seq_scheme.ndb_seq_num 
_pdbx_poly_seq_scheme.pdb_seq_num 
_pdbx_poly_seq_scheme.auth_seq_num 
_pdbx_poly_seq_scheme.pdb_mon_id 
_pdbx_poly_seq_scheme.auth_mon_id 
_pdbx_poly_seq_scheme.pdb_strand_id 
_pdbx_poly_seq_scheme.pdb_ins_code 
_pdbx_poly_seq_scheme.hetero 
A 1 1   MET 1   1   ?   ?   ?   A . n 
A 1 2   SER 2   2   ?   ?   ?   A . n 
A 1 3   ASN 3   3   ?   ?   ?   A . n 
A 1 4   SER 4   4   ?   ?   ?   A . n 
A 1 5   TYR 5   5   ?   ?   ?   A . n 
A 1 6   ASP 6   6   6   ASP ASP A . n 
A 1 7   SER 7   7   7   SER SER A . n 
A 1 8   SER 8   8   8   SER SER A . n 
A 1 9   SER 9   9   9   SER SER A . n 
A 1 10  ILE 10  10  10  ILE ILE A . n 
A 1 11  LYS 11  11  11  LYS LYS A . n 
A 1 12  VAL 12  12  12  VAL VAL A . n 
A 1 13  LEU 13  13  13  LEU LEU A . n 
A 1 14  LYS 14  14  14  LYS LYS A . n 
A 1 15  GLY 15  15  15  GLY GLY A . n 
A 1 16  LEU 16  16  16  LEU LEU A . n 
A 1 17  ASP 17  17  17  ASP ASP A . n 
A 1 18  ALA 18  18  18  ALA ALA A . n 
A 1 19  VAL 19  19  19  VAL VAL A . n 
A 1 20  ARG 20  20  20  ARG ARG A . n 
A 1 21  LYS 21  21  21  LYS LYS A . n 
A 1 22  ARG 22  22  22  ARG ARG A . n 
A 1 23  PRO 23  23  23  PRO PRO A . n 
A 1 24  GLY 24  24  24  GLY GLY A . n 
A 1 25  MET 25  25  25  MET MET A . n 
A 1 26  TYR 26  26  26  TYR TYR A . n 
A 1 27  ILE 27  27  27  ILE ILE A . n 
A 1 28  GLY 28  28  28  GLY GLY A . n 
A 1 29  ASP 29  29  29  ASP ASP A . n 
A 1 30  THR 30  30  30  THR THR A . n 
A 1 31  ASP 31  31  31  ASP ASP A . n 
A 1 32  ASP 32  32  32  ASP ASP A . n 
A 1 33  GLY 33  33  33  GLY GLY A . n 
A 1 34  THR 34  34  34  THR THR A . n 
A 1 35  GLY 35  35  35  GLY GLY A . n 
A 1 36  LEU 36  36  36  LEU LEU A . n 
A 1 37  HIS 37  37  37  HIS HIS A . n 
A 1 38  HIS 38  38  38  HIS HIS A . n 
A 1 39  MET 39  39  39  MET MET A . n 
A 1 40  VAL 40  40  40  VAL VAL A . n 
A 1 41  PHE 41  41  41  PHE PHE A . n 
A 1 42  GLU 42  42  42  GLU GLU A . n 
A 1 43  VAL 43  43  43  VAL VAL A . n 
A 1 44  VAL 44  44  44  VAL VAL A . n 
A 1 45  ASP 45  45  45  ASP ASP A . n 
A 1 46  ASN 46  46  46  ASN ASN A . n 
A 1 47  ALA 47  47  47  ALA ALA A . n 
A 1 48  ILE 48  48  48  ILE ILE A . n 
A 1 49  ASP 49  49  49  ASP ASP A . n 
A 1 50  GLU 50  50  50  GLU GLU A . n 
A 1 51  ALA 51  51  51  ALA ALA A . n 
A 1 52  LEU 52  52  52  LEU LEU A . n 
A 1 53  ALA 53  53  53  ALA ALA A . n 
A 1 54  GLY 54  54  54  GLY GLY A . n 
A 1 55  HIS 55  55  55  HIS HIS A . n 
A 1 56  CYS 56  56  56  CYS CYS A . n 
A 1 57  LYS 57  57  57  LYS LYS A . n 
A 1 58  GLU 58  58  58  GLU GLU A . n 
A 1 59  ILE 59  59  59  ILE ILE A . n 
A 1 60  ILE 60  60  60  ILE ILE A . n 
A 1 61  VAL 61  61  61  VAL VAL A . n 
A 1 62  THR 62  62  62  THR THR A . n 
A 1 63  ILE 63  63  63  ILE ILE A . n 
A 1 64  HIS 64  64  64  HIS HIS A . n 
A 1 65  ALA 65  65  65  ALA ALA A . n 
A 1 66  ASP 66  66  66  ASP ASP A . n 
A 1 67  ASN 67  67  67  ASN ASN A . n 
A 1 68  SER 68  68  68  SER SER A . n 
A 1 69  VAL 69  69  69  VAL VAL A . n 
A 1 70  SER 70  70  70  SER SER A . n 
A 1 71  VAL 71  71  71  VAL VAL A . n 
A 1 72  GLN 72  72  72  GLN GLN A . n 
A 1 73  ASP 73  73  73  ASP ASP A . n 
A 1 74  ASP 74  74  74  ASP ASP A . n 
A 1 75  GLY 75  75  75  GLY GLY A . n 
A 1 76  ARG 76  76  76  ARG ARG A . n 
A 1 77  GLY 77  77  77  GLY GLY A . n 
A 1 78  ILE 78  78  78  ILE ILE A . n 
A 1 79  PRO 79  79  79  PRO PRO A . n 
A 1 80  THR 80  80  80  THR THR A . n 
A 1 81  GLY 81  81  81  GLY GLY A . n 
A 1 82  ILE 82  82  82  ILE ILE A . n 
A 1 83  HIS 83  83  83  HIS HIS A . n 
A 1 84  PRO 84  84  84  PRO PRO A . n 
A 1 85  GLU 85  85  85  GLU GLU A . n 
A 1 86  GLU 86  86  86  GLU GLU A . n 
A 1 87  GLY 87  87  87  GLY GLY A . n 
A 1 88  VAL 88  88  88  VAL VAL A . n 
A 1 89  SER 89  89  89  SER SER A . n 
A 1 90  ALA 90  90  90  ALA ALA A . n 
A 1 91  ALA 91  91  91  ALA ALA A . n 
A 1 92  GLU 92  92  92  GLU GLU A . n 
A 1 93  VAL 93  93  93  VAL VAL A . n 
A 1 94  ILE 94  94  94  ILE ILE A . n 
A 1 95  MET 95  95  95  MET MET A . n 
A 1 96  THR 96  96  96  THR THR A . n 
A 1 97  VAL 97  97  97  VAL VAL A . n 
A 1 98  LEU 98  98  98  LEU LEU A . n 
A 1 99  HIS 99  99  99  HIS HIS A . n 
A 1 100 ALA 100 100 100 ALA ALA A . n 
A 1 101 GLY 101 101 ?   ?   ?   A . n 
A 1 102 GLY 102 102 ?   ?   ?   A . n 
A 1 103 LYS 103 103 ?   ?   ?   A . n 
A 1 104 PHE 104 104 ?   ?   ?   A . n 
A 1 105 ASP 105 105 ?   ?   ?   A . n 
A 1 106 ASP 106 106 ?   ?   ?   A . n 
A 1 107 ASN 107 107 ?   ?   ?   A . n 
A 1 108 SER 108 108 ?   ?   ?   A . n 
A 1 109 TYR 109 109 ?   ?   ?   A . n 
A 1 110 LYS 110 110 ?   ?   ?   A . n 
A 1 111 VAL 111 111 ?   ?   ?   A . n 
A 1 112 SER 112 112 ?   ?   ?   A . n 
A 1 113 GLY 113 113 ?   ?   ?   A . n 
A 1 114 GLY 114 114 ?   ?   ?   A . n 
A 1 115 LEU 115 115 ?   ?   ?   A . n 
A 1 116 HIS 116 116 ?   ?   ?   A . n 
A 1 117 GLY 117 117 ?   ?   ?   A . n 
A 1 118 VAL 118 118 118 VAL VAL A . n 
A 1 119 GLY 119 119 119 GLY GLY A . n 
A 1 120 VAL 120 120 120 VAL VAL A . n 
A 1 121 SER 121 121 121 SER SER A . n 
A 1 122 VAL 122 122 122 VAL VAL A . n 
A 1 123 VAL 123 123 123 VAL VAL A . n 
A 1 124 ASN 124 124 124 ASN ASN A . n 
A 1 125 ALA 125 125 125 ALA ALA A . n 
A 1 126 LEU 126 126 126 LEU LEU A . n 
A 1 127 SER 127 127 127 SER SER A . n 
A 1 128 GLN 128 128 128 GLN GLN A . n 
A 1 129 LYS 129 129 129 LYS LYS A . n 
A 1 130 LEU 130 130 130 LEU LEU A . n 
A 1 131 GLU 131 131 131 GLU GLU A . n 
A 1 132 LEU 132 132 132 LEU LEU A . n 
A 1 133 VAL 133 133 133 VAL VAL A . n 
A 1 134 ILE 134 134 134 ILE ILE A . n 
A 1 135 GLN 135 135 135 GLN GLN A . n 
A 1 136 ARG 136 136 136 ARG ARG A . n 
A 1 137 GLU 137 137 137 GLU GLU A . n 
A 1 138 GLY 138 138 138 GLY GLY A . n 
A 1 139 LYS 139 139 139 LYS LYS A . n 
A 1 140 ILE 140 140 140 ILE ILE A . n 
A 1 141 HIS 141 141 141 HIS HIS A . n 
A 1 142 ARG 142 142 142 ARG ARG A . n 
A 1 143 GLN 143 143 143 GLN GLN A . n 
A 1 144 ILE 144 144 144 ILE ILE A . n 
A 1 145 TYR 145 145 145 TYR TYR A . n 
A 1 146 GLU 146 146 146 GLU GLU A . n 
A 1 147 HIS 147 147 147 HIS HIS A . n 
A 1 148 GLY 148 148 148 GLY GLY A . n 
A 1 149 VAL 149 149 149 VAL VAL A . n 
A 1 150 PRO 150 150 150 PRO PRO A . n 
A 1 151 GLN 151 151 151 GLN GLN A . n 
A 1 152 ALA 152 152 152 ALA ALA A . n 
A 1 153 PRO 153 153 153 PRO PRO A . n 
A 1 154 LEU 154 154 154 LEU LEU A . n 
A 1 155 ALA 155 155 155 ALA ALA A . n 
A 1 156 VAL 156 156 156 VAL VAL A . n 
A 1 157 THR 157 157 157 THR THR A . n 
A 1 158 GLY 158 158 158 GLY GLY A . n 
A 1 159 GLU 159 159 159 GLU GLU A . n 
A 1 160 THR 160 160 160 THR THR A . n 
A 1 161 GLU 161 161 161 GLU GLU A . n 
A 1 162 LYS 162 162 162 LYS LYS A . n 
A 1 163 THR 163 163 163 THR THR A . n 
A 1 164 GLY 164 164 164 GLY GLY A . n 
A 1 165 THR 165 165 165 THR THR A . n 
A 1 166 MET 166 166 166 MET MET A . n 
A 1 167 VAL 167 167 167 VAL VAL A . n 
A 1 168 ARG 168 168 168 ARG ARG A . n 
A 1 169 PHE 169 169 169 PHE PHE A . n 
A 1 170 TRP 170 170 170 TRP TRP A . n 
A 1 171 PRO 171 171 171 PRO PRO A . n 
A 1 172 SER 172 172 172 SER SER A . n 
A 1 173 LEU 173 173 173 LEU LEU A . n 
A 1 174 GLU 174 174 174 GLU GLU A . n 
A 1 175 THR 175 175 175 THR THR A . n 
A 1 176 PHE 176 176 176 PHE PHE A . n 
A 1 177 THR 177 177 177 THR THR A . n 
A 1 178 ASN 178 178 178 ASN ASN A . n 
A 1 179 VAL 179 179 179 VAL VAL A . n 
A 1 180 THR 180 180 180 THR THR A . n 
A 1 181 GLU 181 181 181 GLU GLU A . n 
A 1 182 PHE 182 182 182 PHE PHE A . n 
A 1 183 GLU 183 183 183 GLU GLU A . n 
A 1 184 TYR 184 184 184 TYR TYR A . n 
A 1 185 GLU 185 185 185 GLU GLU A . n 
A 1 186 ILE 186 186 186 ILE ILE A . n 
A 1 187 LEU 187 187 187 LEU LEU A . n 
A 1 188 ALA 188 188 188 ALA ALA A . n 
A 1 189 LYS 189 189 189 LYS LYS A . n 
A 1 190 ARG 190 190 190 ARG ARG A . n 
A 1 191 LEU 191 191 191 LEU LEU A . n 
A 1 192 ARG 192 192 192 ARG ARG A . n 
A 1 193 GLU 193 193 193 GLU GLU A . n 
A 1 194 LEU 194 194 194 LEU LEU A . n 
A 1 195 SER 195 195 195 SER SER A . n 
A 1 196 PHE 196 196 196 PHE PHE A . n 
A 1 197 LEU 197 197 197 LEU LEU A . n 
A 1 198 ASN 198 198 198 ASN ASN A . n 
A 1 199 SER 199 199 199 SER SER A . n 
A 1 200 GLY 200 200 200 GLY GLY A . n 
A 1 201 VAL 201 201 201 VAL VAL A . n 
A 1 202 SER 202 202 202 SER SER A . n 
A 1 203 ILE 203 203 203 ILE ILE A . n 
A 1 204 ARG 204 204 204 ARG ARG A . n 
A 1 205 LEU 205 205 205 LEU LEU A . n 
A 1 206 ARG 206 206 206 ARG ARG A . n 
A 1 207 ASP 207 207 207 ASP ASP A . n 
A 1 208 LYS 208 208 208 LYS LYS A . n 
A 1 209 ARG 209 209 209 ARG ARG A . n 
A 1 210 ASP 210 210 210 ASP ASP A . n 
A 1 211 GLY 211 211 211 GLY GLY A . n 
A 1 212 LYS 212 212 212 LYS LYS A . n 
A 1 213 GLU 213 213 213 GLU GLU A . n 
A 1 214 ASP 214 214 214 ASP ASP A . n 
A 1 215 HIS 215 215 215 HIS HIS A . n 
A 1 216 PHE 216 216 216 PHE PHE A . n 
A 1 217 HIS 217 217 217 HIS HIS A . n 
A 1 218 TYR 218 218 218 TYR TYR A . n 
A 1 219 GLU 219 219 219 GLU GLU A . n 
A 1 220 GLY 220 220 220 GLY GLY A . n 
# 
loop_
_pdbx_nonpoly_scheme.asym_id 
_pdbx_nonpoly_scheme.entity_id 
_pdbx_nonpoly_scheme.mon_id 
_pdbx_nonpoly_scheme.ndb_seq_num 
_pdbx_nonpoly_scheme.pdb_seq_num 
_pdbx_nonpoly_scheme.auth_seq_num 
_pdbx_nonpoly_scheme.pdb_mon_id 
_pdbx_nonpoly_scheme.auth_mon_id 
_pdbx_nonpoly_scheme.pdb_strand_id 
_pdbx_nonpoly_scheme.pdb_ins_code 
B 2 E0F 1  301 1220 E0F G90 A . 
C 3 HOH 1  401 1332 HOH HOH A . 
C 3 HOH 2  402 1334 HOH HOH A . 
C 3 HOH 3  403 1326 HOH HOH A . 
C 3 HOH 4  404 1331 HOH HOH A . 
C 3 HOH 5  405 1329 HOH HOH A . 
C 3 HOH 6  406 1339 HOH HOH A . 
C 3 HOH 7  407 1337 HOH HOH A . 
C 3 HOH 8  408 1340 HOH HOH A . 
C 3 HOH 9  409 1338 HOH HOH A . 
C 3 HOH 10 410 1320 HOH HOH A . 
C 3 HOH 11 411 1324 HOH HOH A . 
C 3 HOH 12 412 1322 HOH HOH A . 
C 3 HOH 13 413 1321 HOH HOH A . 
C 3 HOH 14 414 1323 HOH HOH A . 
C 3 HOH 15 415 1325 HOH HOH A . 
C 3 HOH 16 416 1328 HOH HOH A . 
C 3 HOH 17 417 1327 HOH HOH A . 
C 3 HOH 18 418 1335 HOH HOH A . 
C 3 HOH 19 419 1333 HOH HOH A . 
C 3 HOH 20 420 1336 HOH HOH A . 
C 3 HOH 21 421 1330 HOH HOH A . 
# 
_pdbx_struct_assembly.id                   1 
_pdbx_struct_assembly.details              author_defined_assembly 
_pdbx_struct_assembly.method_details       ? 
_pdbx_struct_assembly.oligomeric_details   monomeric 
_pdbx_struct_assembly.oligomeric_count     1 
# 
_pdbx_struct_assembly_gen.assembly_id       1 
_pdbx_struct_assembly_gen.oper_expression   1 
_pdbx_struct_assembly_gen.asym_id_list      A,B,C 
# 
_pdbx_struct_oper_list.id                   1 
_pdbx_struct_oper_list.type                 'identity operation' 
_pdbx_struct_oper_list.name                 1_555 
_pdbx_struct_oper_list.symmetry_operation   x,y,z 
_pdbx_struct_oper_list.matrix[1][1]         1.0000000000 
_pdbx_struct_oper_list.matrix[1][2]         0.0000000000 
_pdbx_struct_oper_list.matrix[1][3]         0.0000000000 
_pdbx_struct_oper_list.vector[1]            0.0000000000 
_pdbx_struct_oper_list.matrix[2][1]         0.0000000000 
_pdbx_struct_oper_list.matrix[2][2]         1.0000000000 
_pdbx_struct_oper_list.matrix[2][3]         0.0000000000 
_pdbx_struct_oper_list.vector[2]            0.0000000000 
_pdbx_struct_oper_list.matrix[3][1]         0.0000000000 
_pdbx_struct_oper_list.matrix[3][2]         0.0000000000 
_pdbx_struct_oper_list.matrix[3][3]         1.0000000000 
_pdbx_struct_oper_list.vector[3]            0.0000000000 
# 
loop_
_pdbx_audit_revision_history.ordinal 
_pdbx_audit_revision_history.data_content_type 
_pdbx_audit_revision_history.major_revision 
_pdbx_audit_revision_history.minor_revision 
_pdbx_audit_revision_history.revision_date 
1 'Structure model' 1 0 2020-05-06 
2 'Structure model' 1 1 2020-05-27 
3 'Structure model' 1 2 2023-11-22 
# 
_pdbx_audit_revision_details.ordinal             1 
_pdbx_audit_revision_details.revision_ordinal    1 
_pdbx_audit_revision_details.data_content_type   'Structure model' 
_pdbx_audit_revision_details.provider            repository 
_pdbx_audit_revision_details.type                'Initial release' 
_pdbx_audit_revision_details.description         ? 
_pdbx_audit_revision_details.details             ? 
# 
loop_
_pdbx_audit_revision_group.ordinal 
_pdbx_audit_revision_group.revision_ordinal 
_pdbx_audit_revision_group.data_content_type 
_pdbx_audit_revision_group.group 
1 2 'Structure model' 'Database references'    
2 3 'Structure model' 'Data collection'        
3 3 'Structure model' 'Database references'    
4 3 'Structure model' 'Refinement description' 
# 
loop_
_pdbx_audit_revision_category.ordinal 
_pdbx_audit_revision_category.revision_ordinal 
_pdbx_audit_revision_category.data_content_type 
_pdbx_audit_revision_category.category 
1 2 'Structure model' citation                      
2 2 'Structure model' citation_author               
3 3 'Structure model' chem_comp_atom                
4 3 'Structure model' chem_comp_bond                
5 3 'Structure model' database_2                    
6 3 'Structure model' pdbx_initial_refinement_model 
# 
loop_
_pdbx_audit_revision_item.ordinal 
_pdbx_audit_revision_item.revision_ordinal 
_pdbx_audit_revision_item.data_content_type 
_pdbx_audit_revision_item.item 
1 2 'Structure model' '_citation.journal_volume'            
2 2 'Structure model' '_citation.page_first'                
3 2 'Structure model' '_citation.page_last'                 
4 2 'Structure model' '_citation.pdbx_database_id_PubMed'   
5 2 'Structure model' '_citation.title'                     
6 2 'Structure model' '_citation_author.identifier_ORCID'   
7 3 'Structure model' '_database_2.pdbx_DOI'                
8 3 'Structure model' '_database_2.pdbx_database_accession' 
# 
loop_
_software.citation_id 
_software.classification 
_software.compiler_name 
_software.compiler_version 
_software.contact_author 
_software.contact_author_email 
_software.date 
_software.description 
_software.dependencies 
_software.hardware 
_software.language 
_software.location 
_software.mods 
_software.name 
_software.os 
_software.os_version 
_software.type 
_software.version 
_software.pdbx_ordinal 
? refinement       ? ? ? ? ? ? ? ? ? ? ? REFMAC       ? ? ? 5.8.0158 1 
? 'data reduction' ? ? ? ? ? ? ? ? ? ? ? CrystalClear ? ? ? .        2 
? 'data scaling'   ? ? ? ? ? ? ? ? ? ? ? CrystalClear ? ? ? .        3 
? phasing          ? ? ? ? ? ? ? ? ? ? ? MOLREP       ? ? ? .        4 
# 
_pdbx_entry_details.entry_id                 6KZV 
_pdbx_entry_details.has_ligand_of_interest   Y 
_pdbx_entry_details.compound_details         ? 
_pdbx_entry_details.source_details           ? 
_pdbx_entry_details.nonpolymer_details       ? 
_pdbx_entry_details.sequence_details         ? 
# 
loop_
_pdbx_validate_torsion.id 
_pdbx_validate_torsion.PDB_model_num 
_pdbx_validate_torsion.auth_comp_id 
_pdbx_validate_torsion.auth_asym_id 
_pdbx_validate_torsion.auth_seq_id 
_pdbx_validate_torsion.PDB_ins_code 
_pdbx_validate_torsion.label_alt_id 
_pdbx_validate_torsion.phi 
_pdbx_validate_torsion.psi 
1 1 GLU A 137 ? ? 37.89   48.17  
2 1 THR A 160 ? ? -172.91 149.77 
3 1 ASN A 178 ? ? 70.13   -66.29 
4 1 HIS A 217 ? ? -174.34 119.85 
# 
loop_
_pdbx_unobs_or_zero_occ_residues.id 
_pdbx_unobs_or_zero_occ_residues.PDB_model_num 
_pdbx_unobs_or_zero_occ_residues.polymer_flag 
_pdbx_unobs_or_zero_occ_residues.occupancy_flag 
_pdbx_unobs_or_zero_occ_residues.auth_asym_id 
_pdbx_unobs_or_zero_occ_residues.auth_comp_id 
_pdbx_unobs_or_zero_occ_residues.auth_seq_id 
_pdbx_unobs_or_zero_occ_residues.PDB_ins_code 
_pdbx_unobs_or_zero_occ_residues.label_asym_id 
_pdbx_unobs_or_zero_occ_residues.label_comp_id 
_pdbx_unobs_or_zero_occ_residues.label_seq_id 
1  1 Y 1 A MET 1   ? A MET 1   
2  1 Y 1 A SER 2   ? A SER 2   
3  1 Y 1 A ASN 3   ? A ASN 3   
4  1 Y 1 A SER 4   ? A SER 4   
5  1 Y 1 A TYR 5   ? A TYR 5   
6  1 Y 1 A GLY 101 ? A GLY 101 
7  1 Y 1 A GLY 102 ? A GLY 102 
8  1 Y 1 A LYS 103 ? A LYS 103 
9  1 Y 1 A PHE 104 ? A PHE 104 
10 1 Y 1 A ASP 105 ? A ASP 105 
11 1 Y 1 A ASP 106 ? A ASP 106 
12 1 Y 1 A ASN 107 ? A ASN 107 
13 1 Y 1 A SER 108 ? A SER 108 
14 1 Y 1 A TYR 109 ? A TYR 109 
15 1 Y 1 A LYS 110 ? A LYS 110 
16 1 Y 1 A VAL 111 ? A VAL 111 
17 1 Y 1 A SER 112 ? A SER 112 
18 1 Y 1 A GLY 113 ? A GLY 113 
19 1 Y 1 A GLY 114 ? A GLY 114 
20 1 Y 1 A LEU 115 ? A LEU 115 
21 1 Y 1 A HIS 116 ? A HIS 116 
22 1 Y 1 A GLY 117 ? A GLY 117 
# 
loop_
_chem_comp_atom.comp_id 
_chem_comp_atom.atom_id 
_chem_comp_atom.type_symbol 
_chem_comp_atom.pdbx_aromatic_flag 
_chem_comp_atom.pdbx_stereo_config 
_chem_comp_atom.pdbx_ordinal 
ALA N    N N N 1   
ALA CA   C N S 2   
ALA C    C N N 3   
ALA O    O N N 4   
ALA CB   C N N 5   
ALA OXT  O N N 6   
ALA H    H N N 7   
ALA H2   H N N 8   
ALA HA   H N N 9   
ALA HB1  H N N 10  
ALA HB2  H N N 11  
ALA HB3  H N N 12  
ALA HXT  H N N 13  
ARG N    N N N 14  
ARG CA   C N S 15  
ARG C    C N N 16  
ARG O    O N N 17  
ARG CB   C N N 18  
ARG CG   C N N 19  
ARG CD   C N N 20  
ARG NE   N N N 21  
ARG CZ   C N N 22  
ARG NH1  N N N 23  
ARG NH2  N N N 24  
ARG OXT  O N N 25  
ARG H    H N N 26  
ARG H2   H N N 27  
ARG HA   H N N 28  
ARG HB2  H N N 29  
ARG HB3  H N N 30  
ARG HG2  H N N 31  
ARG HG3  H N N 32  
ARG HD2  H N N 33  
ARG HD3  H N N 34  
ARG HE   H N N 35  
ARG HH11 H N N 36  
ARG HH12 H N N 37  
ARG HH21 H N N 38  
ARG HH22 H N N 39  
ARG HXT  H N N 40  
ASN N    N N N 41  
ASN CA   C N S 42  
ASN C    C N N 43  
ASN O    O N N 44  
ASN CB   C N N 45  
ASN CG   C N N 46  
ASN OD1  O N N 47  
ASN ND2  N N N 48  
ASN OXT  O N N 49  
ASN H    H N N 50  
ASN H2   H N N 51  
ASN HA   H N N 52  
ASN HB2  H N N 53  
ASN HB3  H N N 54  
ASN HD21 H N N 55  
ASN HD22 H N N 56  
ASN HXT  H N N 57  
ASP N    N N N 58  
ASP CA   C N S 59  
ASP C    C N N 60  
ASP O    O N N 61  
ASP CB   C N N 62  
ASP CG   C N N 63  
ASP OD1  O N N 64  
ASP OD2  O N N 65  
ASP OXT  O N N 66  
ASP H    H N N 67  
ASP H2   H N N 68  
ASP HA   H N N 69  
ASP HB2  H N N 70  
ASP HB3  H N N 71  
ASP HD2  H N N 72  
ASP HXT  H N N 73  
CYS N    N N N 74  
CYS CA   C N R 75  
CYS C    C N N 76  
CYS O    O N N 77  
CYS CB   C N N 78  
CYS SG   S N N 79  
CYS OXT  O N N 80  
CYS H    H N N 81  
CYS H2   H N N 82  
CYS HA   H N N 83  
CYS HB2  H N N 84  
CYS HB3  H N N 85  
CYS HG   H N N 86  
CYS HXT  H N N 87  
E0F C12  C N N 88  
E0F C7   C N N 89  
E0F C6   C Y N 90  
E0F C9   C N N 91  
E0F C8   C N N 92  
E0F C5   C Y N 93  
E0F C4   C Y N 94  
E0F C3   C Y N 95  
E0F C1   C Y N 96  
E0F C2   C Y N 97  
E0F O14  O N N 98  
E0F O11  O N N 99  
E0F N10  N N N 100 
E0F N13  N N N 101 
E0F C15  C Y N 102 
E0F C20  C Y N 103 
E0F C19  C Y N 104 
E0F C18  C Y N 105 
E0F C17  C Y N 106 
E0F C16  C Y N 107 
E0F C21  C N N 108 
E0F N22  N N N 109 
E0F C24  C N N 110 
E0F C23  C N N 111 
E0F C29  C N N 112 
E0F C28  C N N 113 
E0F C27  C N N 114 
E0F C26  C N N 115 
E0F C25  C N N 116 
E0F H1   H N N 117 
E0F H2   H N N 118 
E0F H3   H N N 119 
E0F H4   H N N 120 
E0F H5   H N N 121 
E0F H6   H N N 122 
E0F H7   H N N 123 
E0F H8   H N N 124 
E0F H9   H N N 125 
E0F H10  H N N 126 
E0F H11  H N N 127 
E0F H12  H N N 128 
E0F H13  H N N 129 
E0F H15  H N N 130 
E0F H16  H N N 131 
E0F H17  H N N 132 
E0F H18  H N N 133 
E0F H19  H N N 134 
E0F H20  H N N 135 
E0F H21  H N N 136 
E0F H22  H N N 137 
E0F H23  H N N 138 
E0F H24  H N N 139 
E0F H25  H N N 140 
E0F H26  H N N 141 
E0F H27  H N N 142 
E0F H28  H N N 143 
GLN N    N N N 144 
GLN CA   C N S 145 
GLN C    C N N 146 
GLN O    O N N 147 
GLN CB   C N N 148 
GLN CG   C N N 149 
GLN CD   C N N 150 
GLN OE1  O N N 151 
GLN NE2  N N N 152 
GLN OXT  O N N 153 
GLN H    H N N 154 
GLN H2   H N N 155 
GLN HA   H N N 156 
GLN HB2  H N N 157 
GLN HB3  H N N 158 
GLN HG2  H N N 159 
GLN HG3  H N N 160 
GLN HE21 H N N 161 
GLN HE22 H N N 162 
GLN HXT  H N N 163 
GLU N    N N N 164 
GLU CA   C N S 165 
GLU C    C N N 166 
GLU O    O N N 167 
GLU CB   C N N 168 
GLU CG   C N N 169 
GLU CD   C N N 170 
GLU OE1  O N N 171 
GLU OE2  O N N 172 
GLU OXT  O N N 173 
GLU H    H N N 174 
GLU H2   H N N 175 
GLU HA   H N N 176 
GLU HB2  H N N 177 
GLU HB3  H N N 178 
GLU HG2  H N N 179 
GLU HG3  H N N 180 
GLU HE2  H N N 181 
GLU HXT  H N N 182 
GLY N    N N N 183 
GLY CA   C N N 184 
GLY C    C N N 185 
GLY O    O N N 186 
GLY OXT  O N N 187 
GLY H    H N N 188 
GLY H2   H N N 189 
GLY HA2  H N N 190 
GLY HA3  H N N 191 
GLY HXT  H N N 192 
HIS N    N N N 193 
HIS CA   C N S 194 
HIS C    C N N 195 
HIS O    O N N 196 
HIS CB   C N N 197 
HIS CG   C Y N 198 
HIS ND1  N Y N 199 
HIS CD2  C Y N 200 
HIS CE1  C Y N 201 
HIS NE2  N Y N 202 
HIS OXT  O N N 203 
HIS H    H N N 204 
HIS H2   H N N 205 
HIS HA   H N N 206 
HIS HB2  H N N 207 
HIS HB3  H N N 208 
HIS HD1  H N N 209 
HIS HD2  H N N 210 
HIS HE1  H N N 211 
HIS HE2  H N N 212 
HIS HXT  H N N 213 
HOH O    O N N 214 
HOH H1   H N N 215 
HOH H2   H N N 216 
ILE N    N N N 217 
ILE CA   C N S 218 
ILE C    C N N 219 
ILE O    O N N 220 
ILE CB   C N S 221 
ILE CG1  C N N 222 
ILE CG2  C N N 223 
ILE CD1  C N N 224 
ILE OXT  O N N 225 
ILE H    H N N 226 
ILE H2   H N N 227 
ILE HA   H N N 228 
ILE HB   H N N 229 
ILE HG12 H N N 230 
ILE HG13 H N N 231 
ILE HG21 H N N 232 
ILE HG22 H N N 233 
ILE HG23 H N N 234 
ILE HD11 H N N 235 
ILE HD12 H N N 236 
ILE HD13 H N N 237 
ILE HXT  H N N 238 
LEU N    N N N 239 
LEU CA   C N S 240 
LEU C    C N N 241 
LEU O    O N N 242 
LEU CB   C N N 243 
LEU CG   C N N 244 
LEU CD1  C N N 245 
LEU CD2  C N N 246 
LEU OXT  O N N 247 
LEU H    H N N 248 
LEU H2   H N N 249 
LEU HA   H N N 250 
LEU HB2  H N N 251 
LEU HB3  H N N 252 
LEU HG   H N N 253 
LEU HD11 H N N 254 
LEU HD12 H N N 255 
LEU HD13 H N N 256 
LEU HD21 H N N 257 
LEU HD22 H N N 258 
LEU HD23 H N N 259 
LEU HXT  H N N 260 
LYS N    N N N 261 
LYS CA   C N S 262 
LYS C    C N N 263 
LYS O    O N N 264 
LYS CB   C N N 265 
LYS CG   C N N 266 
LYS CD   C N N 267 
LYS CE   C N N 268 
LYS NZ   N N N 269 
LYS OXT  O N N 270 
LYS H    H N N 271 
LYS H2   H N N 272 
LYS HA   H N N 273 
LYS HB2  H N N 274 
LYS HB3  H N N 275 
LYS HG2  H N N 276 
LYS HG3  H N N 277 
LYS HD2  H N N 278 
LYS HD3  H N N 279 
LYS HE2  H N N 280 
LYS HE3  H N N 281 
LYS HZ1  H N N 282 
LYS HZ2  H N N 283 
LYS HZ3  H N N 284 
LYS HXT  H N N 285 
MET N    N N N 286 
MET CA   C N S 287 
MET C    C N N 288 
MET O    O N N 289 
MET CB   C N N 290 
MET CG   C N N 291 
MET SD   S N N 292 
MET CE   C N N 293 
MET OXT  O N N 294 
MET H    H N N 295 
MET H2   H N N 296 
MET HA   H N N 297 
MET HB2  H N N 298 
MET HB3  H N N 299 
MET HG2  H N N 300 
MET HG3  H N N 301 
MET HE1  H N N 302 
MET HE2  H N N 303 
MET HE3  H N N 304 
MET HXT  H N N 305 
PHE N    N N N 306 
PHE CA   C N S 307 
PHE C    C N N 308 
PHE O    O N N 309 
PHE CB   C N N 310 
PHE CG   C Y N 311 
PHE CD1  C Y N 312 
PHE CD2  C Y N 313 
PHE CE1  C Y N 314 
PHE CE2  C Y N 315 
PHE CZ   C Y N 316 
PHE OXT  O N N 317 
PHE H    H N N 318 
PHE H2   H N N 319 
PHE HA   H N N 320 
PHE HB2  H N N 321 
PHE HB3  H N N 322 
PHE HD1  H N N 323 
PHE HD2  H N N 324 
PHE HE1  H N N 325 
PHE HE2  H N N 326 
PHE HZ   H N N 327 
PHE HXT  H N N 328 
PRO N    N N N 329 
PRO CA   C N S 330 
PRO C    C N N 331 
PRO O    O N N 332 
PRO CB   C N N 333 
PRO CG   C N N 334 
PRO CD   C N N 335 
PRO OXT  O N N 336 
PRO H    H N N 337 
PRO HA   H N N 338 
PRO HB2  H N N 339 
PRO HB3  H N N 340 
PRO HG2  H N N 341 
PRO HG3  H N N 342 
PRO HD2  H N N 343 
PRO HD3  H N N 344 
PRO HXT  H N N 345 
SER N    N N N 346 
SER CA   C N S 347 
SER C    C N N 348 
SER O    O N N 349 
SER CB   C N N 350 
SER OG   O N N 351 
SER OXT  O N N 352 
SER H    H N N 353 
SER H2   H N N 354 
SER HA   H N N 355 
SER HB2  H N N 356 
SER HB3  H N N 357 
SER HG   H N N 358 
SER HXT  H N N 359 
THR N    N N N 360 
THR CA   C N S 361 
THR C    C N N 362 
THR O    O N N 363 
THR CB   C N R 364 
THR OG1  O N N 365 
THR CG2  C N N 366 
THR OXT  O N N 367 
THR H    H N N 368 
THR H2   H N N 369 
THR HA   H N N 370 
THR HB   H N N 371 
THR HG1  H N N 372 
THR HG21 H N N 373 
THR HG22 H N N 374 
THR HG23 H N N 375 
THR HXT  H N N 376 
TRP N    N N N 377 
TRP CA   C N S 378 
TRP C    C N N 379 
TRP O    O N N 380 
TRP CB   C N N 381 
TRP CG   C Y N 382 
TRP CD1  C Y N 383 
TRP CD2  C Y N 384 
TRP NE1  N Y N 385 
TRP CE2  C Y N 386 
TRP CE3  C Y N 387 
TRP CZ2  C Y N 388 
TRP CZ3  C Y N 389 
TRP CH2  C Y N 390 
TRP OXT  O N N 391 
TRP H    H N N 392 
TRP H2   H N N 393 
TRP HA   H N N 394 
TRP HB2  H N N 395 
TRP HB3  H N N 396 
TRP HD1  H N N 397 
TRP HE1  H N N 398 
TRP HE3  H N N 399 
TRP HZ2  H N N 400 
TRP HZ3  H N N 401 
TRP HH2  H N N 402 
TRP HXT  H N N 403 
TYR N    N N N 404 
TYR CA   C N S 405 
TYR C    C N N 406 
TYR O    O N N 407 
TYR CB   C N N 408 
TYR CG   C Y N 409 
TYR CD1  C Y N 410 
TYR CD2  C Y N 411 
TYR CE1  C Y N 412 
TYR CE2  C Y N 413 
TYR CZ   C Y N 414 
TYR OH   O N N 415 
TYR OXT  O N N 416 
TYR H    H N N 417 
TYR H2   H N N 418 
TYR HA   H N N 419 
TYR HB2  H N N 420 
TYR HB3  H N N 421 
TYR HD1  H N N 422 
TYR HD2  H N N 423 
TYR HE1  H N N 424 
TYR HE2  H N N 425 
TYR HH   H N N 426 
TYR HXT  H N N 427 
VAL N    N N N 428 
VAL CA   C N S 429 
VAL C    C N N 430 
VAL O    O N N 431 
VAL CB   C N N 432 
VAL CG1  C N N 433 
VAL CG2  C N N 434 
VAL OXT  O N N 435 
VAL H    H N N 436 
VAL H2   H N N 437 
VAL HA   H N N 438 
VAL HB   H N N 439 
VAL HG11 H N N 440 
VAL HG12 H N N 441 
VAL HG13 H N N 442 
VAL HG21 H N N 443 
VAL HG22 H N N 444 
VAL HG23 H N N 445 
VAL HXT  H N N 446 
# 
loop_
_chem_comp_bond.comp_id 
_chem_comp_bond.atom_id_1 
_chem_comp_bond.atom_id_2 
_chem_comp_bond.value_order 
_chem_comp_bond.pdbx_aromatic_flag 
_chem_comp_bond.pdbx_stereo_config 
_chem_comp_bond.pdbx_ordinal 
ALA N   CA   sing N N 1   
ALA N   H    sing N N 2   
ALA N   H2   sing N N 3   
ALA CA  C    sing N N 4   
ALA CA  CB   sing N N 5   
ALA CA  HA   sing N N 6   
ALA C   O    doub N N 7   
ALA C   OXT  sing N N 8   
ALA CB  HB1  sing N N 9   
ALA CB  HB2  sing N N 10  
ALA CB  HB3  sing N N 11  
ALA OXT HXT  sing N N 12  
ARG N   CA   sing N N 13  
ARG N   H    sing N N 14  
ARG N   H2   sing N N 15  
ARG CA  C    sing N N 16  
ARG CA  CB   sing N N 17  
ARG CA  HA   sing N N 18  
ARG C   O    doub N N 19  
ARG C   OXT  sing N N 20  
ARG CB  CG   sing N N 21  
ARG CB  HB2  sing N N 22  
ARG CB  HB3  sing N N 23  
ARG CG  CD   sing N N 24  
ARG CG  HG2  sing N N 25  
ARG CG  HG3  sing N N 26  
ARG CD  NE   sing N N 27  
ARG CD  HD2  sing N N 28  
ARG CD  HD3  sing N N 29  
ARG NE  CZ   sing N N 30  
ARG NE  HE   sing N N 31  
ARG CZ  NH1  sing N N 32  
ARG CZ  NH2  doub N N 33  
ARG NH1 HH11 sing N N 34  
ARG NH1 HH12 sing N N 35  
ARG NH2 HH21 sing N N 36  
ARG NH2 HH22 sing N N 37  
ARG OXT HXT  sing N N 38  
ASN N   CA   sing N N 39  
ASN N   H    sing N N 40  
ASN N   H2   sing N N 41  
ASN CA  C    sing N N 42  
ASN CA  CB   sing N N 43  
ASN CA  HA   sing N N 44  
ASN C   O    doub N N 45  
ASN C   OXT  sing N N 46  
ASN CB  CG   sing N N 47  
ASN CB  HB2  sing N N 48  
ASN CB  HB3  sing N N 49  
ASN CG  OD1  doub N N 50  
ASN CG  ND2  sing N N 51  
ASN ND2 HD21 sing N N 52  
ASN ND2 HD22 sing N N 53  
ASN OXT HXT  sing N N 54  
ASP N   CA   sing N N 55  
ASP N   H    sing N N 56  
ASP N   H2   sing N N 57  
ASP CA  C    sing N N 58  
ASP CA  CB   sing N N 59  
ASP CA  HA   sing N N 60  
ASP C   O    doub N N 61  
ASP C   OXT  sing N N 62  
ASP CB  CG   sing N N 63  
ASP CB  HB2  sing N N 64  
ASP CB  HB3  sing N N 65  
ASP CG  OD1  doub N N 66  
ASP CG  OD2  sing N N 67  
ASP OD2 HD2  sing N N 68  
ASP OXT HXT  sing N N 69  
CYS N   CA   sing N N 70  
CYS N   H    sing N N 71  
CYS N   H2   sing N N 72  
CYS CA  C    sing N N 73  
CYS CA  CB   sing N N 74  
CYS CA  HA   sing N N 75  
CYS C   O    doub N N 76  
CYS C   OXT  sing N N 77  
CYS CB  SG   sing N N 78  
CYS CB  HB2  sing N N 79  
CYS CB  HB3  sing N N 80  
CYS SG  HG   sing N N 81  
CYS OXT HXT  sing N N 82  
E0F C5  C6   doub Y N 83  
E0F C5  C4   sing Y N 84  
E0F C6  C1   sing Y N 85  
E0F C4  C3   doub Y N 86  
E0F C1  C7   sing N N 87  
E0F C1  C2   doub Y N 88  
E0F C7  C8   doub N N 89  
E0F C3  C2   sing Y N 90  
E0F O14 C12  doub N N 91  
E0F C2  N10  sing N N 92  
E0F C17 C16  doub Y N 93  
E0F C17 C18  sing Y N 94  
E0F C24 N22  sing N N 95  
E0F C8  C12  sing N N 96  
E0F C8  C9   sing N N 97  
E0F C16 C15  sing Y N 98  
E0F C12 N13  sing N N 99  
E0F N10 C9   sing N N 100 
E0F C18 C19  doub Y N 101 
E0F C9  O11  doub N N 102 
E0F C29 C28  sing N N 103 
E0F C29 C23  sing N N 104 
E0F N13 C15  sing N N 105 
E0F C15 C20  doub Y N 106 
E0F N22 C23  sing N N 107 
E0F N22 C21  sing N N 108 
E0F C19 C20  sing Y N 109 
E0F C20 C21  sing N N 110 
E0F C28 C27  sing N N 111 
E0F C23 C25  sing N N 112 
E0F C27 C26  sing N N 113 
E0F C25 C26  sing N N 114 
E0F C7  H1   sing N N 115 
E0F C6  H2   sing N N 116 
E0F C5  H3   sing N N 117 
E0F C4  H4   sing N N 118 
E0F C3  H5   sing N N 119 
E0F N10 H6   sing N N 120 
E0F N13 H7   sing N N 121 
E0F C19 H8   sing N N 122 
E0F C18 H9   sing N N 123 
E0F C17 H10  sing N N 124 
E0F C16 H11  sing N N 125 
E0F C21 H12  sing N N 126 
E0F C21 H13  sing N N 127 
E0F C24 H15  sing N N 128 
E0F C24 H16  sing N N 129 
E0F C24 H17  sing N N 130 
E0F C23 H18  sing N N 131 
E0F C29 H19  sing N N 132 
E0F C29 H20  sing N N 133 
E0F C28 H21  sing N N 134 
E0F C28 H22  sing N N 135 
E0F C27 H23  sing N N 136 
E0F C27 H24  sing N N 137 
E0F C26 H25  sing N N 138 
E0F C26 H26  sing N N 139 
E0F C25 H27  sing N N 140 
E0F C25 H28  sing N N 141 
GLN N   CA   sing N N 142 
GLN N   H    sing N N 143 
GLN N   H2   sing N N 144 
GLN CA  C    sing N N 145 
GLN CA  CB   sing N N 146 
GLN CA  HA   sing N N 147 
GLN C   O    doub N N 148 
GLN C   OXT  sing N N 149 
GLN CB  CG   sing N N 150 
GLN CB  HB2  sing N N 151 
GLN CB  HB3  sing N N 152 
GLN CG  CD   sing N N 153 
GLN CG  HG2  sing N N 154 
GLN CG  HG3  sing N N 155 
GLN CD  OE1  doub N N 156 
GLN CD  NE2  sing N N 157 
GLN NE2 HE21 sing N N 158 
GLN NE2 HE22 sing N N 159 
GLN OXT HXT  sing N N 160 
GLU N   CA   sing N N 161 
GLU N   H    sing N N 162 
GLU N   H2   sing N N 163 
GLU CA  C    sing N N 164 
GLU CA  CB   sing N N 165 
GLU CA  HA   sing N N 166 
GLU C   O    doub N N 167 
GLU C   OXT  sing N N 168 
GLU CB  CG   sing N N 169 
GLU CB  HB2  sing N N 170 
GLU CB  HB3  sing N N 171 
GLU CG  CD   sing N N 172 
GLU CG  HG2  sing N N 173 
GLU CG  HG3  sing N N 174 
GLU CD  OE1  doub N N 175 
GLU CD  OE2  sing N N 176 
GLU OE2 HE2  sing N N 177 
GLU OXT HXT  sing N N 178 
GLY N   CA   sing N N 179 
GLY N   H    sing N N 180 
GLY N   H2   sing N N 181 
GLY CA  C    sing N N 182 
GLY CA  HA2  sing N N 183 
GLY CA  HA3  sing N N 184 
GLY C   O    doub N N 185 
GLY C   OXT  sing N N 186 
GLY OXT HXT  sing N N 187 
HIS N   CA   sing N N 188 
HIS N   H    sing N N 189 
HIS N   H2   sing N N 190 
HIS CA  C    sing N N 191 
HIS CA  CB   sing N N 192 
HIS CA  HA   sing N N 193 
HIS C   O    doub N N 194 
HIS C   OXT  sing N N 195 
HIS CB  CG   sing N N 196 
HIS CB  HB2  sing N N 197 
HIS CB  HB3  sing N N 198 
HIS CG  ND1  sing Y N 199 
HIS CG  CD2  doub Y N 200 
HIS ND1 CE1  doub Y N 201 
HIS ND1 HD1  sing N N 202 
HIS CD2 NE2  sing Y N 203 
HIS CD2 HD2  sing N N 204 
HIS CE1 NE2  sing Y N 205 
HIS CE1 HE1  sing N N 206 
HIS NE2 HE2  sing N N 207 
HIS OXT HXT  sing N N 208 
HOH O   H1   sing N N 209 
HOH O   H2   sing N N 210 
ILE N   CA   sing N N 211 
ILE N   H    sing N N 212 
ILE N   H2   sing N N 213 
ILE CA  C    sing N N 214 
ILE CA  CB   sing N N 215 
ILE CA  HA   sing N N 216 
ILE C   O    doub N N 217 
ILE C   OXT  sing N N 218 
ILE CB  CG1  sing N N 219 
ILE CB  CG2  sing N N 220 
ILE CB  HB   sing N N 221 
ILE CG1 CD1  sing N N 222 
ILE CG1 HG12 sing N N 223 
ILE CG1 HG13 sing N N 224 
ILE CG2 HG21 sing N N 225 
ILE CG2 HG22 sing N N 226 
ILE CG2 HG23 sing N N 227 
ILE CD1 HD11 sing N N 228 
ILE CD1 HD12 sing N N 229 
ILE CD1 HD13 sing N N 230 
ILE OXT HXT  sing N N 231 
LEU N   CA   sing N N 232 
LEU N   H    sing N N 233 
LEU N   H2   sing N N 234 
LEU CA  C    sing N N 235 
LEU CA  CB   sing N N 236 
LEU CA  HA   sing N N 237 
LEU C   O    doub N N 238 
LEU C   OXT  sing N N 239 
LEU CB  CG   sing N N 240 
LEU CB  HB2  sing N N 241 
LEU CB  HB3  sing N N 242 
LEU CG  CD1  sing N N 243 
LEU CG  CD2  sing N N 244 
LEU CG  HG   sing N N 245 
LEU CD1 HD11 sing N N 246 
LEU CD1 HD12 sing N N 247 
LEU CD1 HD13 sing N N 248 
LEU CD2 HD21 sing N N 249 
LEU CD2 HD22 sing N N 250 
LEU CD2 HD23 sing N N 251 
LEU OXT HXT  sing N N 252 
LYS N   CA   sing N N 253 
LYS N   H    sing N N 254 
LYS N   H2   sing N N 255 
LYS CA  C    sing N N 256 
LYS CA  CB   sing N N 257 
LYS CA  HA   sing N N 258 
LYS C   O    doub N N 259 
LYS C   OXT  sing N N 260 
LYS CB  CG   sing N N 261 
LYS CB  HB2  sing N N 262 
LYS CB  HB3  sing N N 263 
LYS CG  CD   sing N N 264 
LYS CG  HG2  sing N N 265 
LYS CG  HG3  sing N N 266 
LYS CD  CE   sing N N 267 
LYS CD  HD2  sing N N 268 
LYS CD  HD3  sing N N 269 
LYS CE  NZ   sing N N 270 
LYS CE  HE2  sing N N 271 
LYS CE  HE3  sing N N 272 
LYS NZ  HZ1  sing N N 273 
LYS NZ  HZ2  sing N N 274 
LYS NZ  HZ3  sing N N 275 
LYS OXT HXT  sing N N 276 
MET N   CA   sing N N 277 
MET N   H    sing N N 278 
MET N   H2   sing N N 279 
MET CA  C    sing N N 280 
MET CA  CB   sing N N 281 
MET CA  HA   sing N N 282 
MET C   O    doub N N 283 
MET C   OXT  sing N N 284 
MET CB  CG   sing N N 285 
MET CB  HB2  sing N N 286 
MET CB  HB3  sing N N 287 
MET CG  SD   sing N N 288 
MET CG  HG2  sing N N 289 
MET CG  HG3  sing N N 290 
MET SD  CE   sing N N 291 
MET CE  HE1  sing N N 292 
MET CE  HE2  sing N N 293 
MET CE  HE3  sing N N 294 
MET OXT HXT  sing N N 295 
PHE N   CA   sing N N 296 
PHE N   H    sing N N 297 
PHE N   H2   sing N N 298 
PHE CA  C    sing N N 299 
PHE CA  CB   sing N N 300 
PHE CA  HA   sing N N 301 
PHE C   O    doub N N 302 
PHE C   OXT  sing N N 303 
PHE CB  CG   sing N N 304 
PHE CB  HB2  sing N N 305 
PHE CB  HB3  sing N N 306 
PHE CG  CD1  doub Y N 307 
PHE CG  CD2  sing Y N 308 
PHE CD1 CE1  sing Y N 309 
PHE CD1 HD1  sing N N 310 
PHE CD2 CE2  doub Y N 311 
PHE CD2 HD2  sing N N 312 
PHE CE1 CZ   doub Y N 313 
PHE CE1 HE1  sing N N 314 
PHE CE2 CZ   sing Y N 315 
PHE CE2 HE2  sing N N 316 
PHE CZ  HZ   sing N N 317 
PHE OXT HXT  sing N N 318 
PRO N   CA   sing N N 319 
PRO N   CD   sing N N 320 
PRO N   H    sing N N 321 
PRO CA  C    sing N N 322 
PRO CA  CB   sing N N 323 
PRO CA  HA   sing N N 324 
PRO C   O    doub N N 325 
PRO C   OXT  sing N N 326 
PRO CB  CG   sing N N 327 
PRO CB  HB2  sing N N 328 
PRO CB  HB3  sing N N 329 
PRO CG  CD   sing N N 330 
PRO CG  HG2  sing N N 331 
PRO CG  HG3  sing N N 332 
PRO CD  HD2  sing N N 333 
PRO CD  HD3  sing N N 334 
PRO OXT HXT  sing N N 335 
SER N   CA   sing N N 336 
SER N   H    sing N N 337 
SER N   H2   sing N N 338 
SER CA  C    sing N N 339 
SER CA  CB   sing N N 340 
SER CA  HA   sing N N 341 
SER C   O    doub N N 342 
SER C   OXT  sing N N 343 
SER CB  OG   sing N N 344 
SER CB  HB2  sing N N 345 
SER CB  HB3  sing N N 346 
SER OG  HG   sing N N 347 
SER OXT HXT  sing N N 348 
THR N   CA   sing N N 349 
THR N   H    sing N N 350 
THR N   H2   sing N N 351 
THR CA  C    sing N N 352 
THR CA  CB   sing N N 353 
THR CA  HA   sing N N 354 
THR C   O    doub N N 355 
THR C   OXT  sing N N 356 
THR CB  OG1  sing N N 357 
THR CB  CG2  sing N N 358 
THR CB  HB   sing N N 359 
THR OG1 HG1  sing N N 360 
THR CG2 HG21 sing N N 361 
THR CG2 HG22 sing N N 362 
THR CG2 HG23 sing N N 363 
THR OXT HXT  sing N N 364 
TRP N   CA   sing N N 365 
TRP N   H    sing N N 366 
TRP N   H2   sing N N 367 
TRP CA  C    sing N N 368 
TRP CA  CB   sing N N 369 
TRP CA  HA   sing N N 370 
TRP C   O    doub N N 371 
TRP C   OXT  sing N N 372 
TRP CB  CG   sing N N 373 
TRP CB  HB2  sing N N 374 
TRP CB  HB3  sing N N 375 
TRP CG  CD1  doub Y N 376 
TRP CG  CD2  sing Y N 377 
TRP CD1 NE1  sing Y N 378 
TRP CD1 HD1  sing N N 379 
TRP CD2 CE2  doub Y N 380 
TRP CD2 CE3  sing Y N 381 
TRP NE1 CE2  sing Y N 382 
TRP NE1 HE1  sing N N 383 
TRP CE2 CZ2  sing Y N 384 
TRP CE3 CZ3  doub Y N 385 
TRP CE3 HE3  sing N N 386 
TRP CZ2 CH2  doub Y N 387 
TRP CZ2 HZ2  sing N N 388 
TRP CZ3 CH2  sing Y N 389 
TRP CZ3 HZ3  sing N N 390 
TRP CH2 HH2  sing N N 391 
TRP OXT HXT  sing N N 392 
TYR N   CA   sing N N 393 
TYR N   H    sing N N 394 
TYR N   H2   sing N N 395 
TYR CA  C    sing N N 396 
TYR CA  CB   sing N N 397 
TYR CA  HA   sing N N 398 
TYR C   O    doub N N 399 
TYR C   OXT  sing N N 400 
TYR CB  CG   sing N N 401 
TYR CB  HB2  sing N N 402 
TYR CB  HB3  sing N N 403 
TYR CG  CD1  doub Y N 404 
TYR CG  CD2  sing Y N 405 
TYR CD1 CE1  sing Y N 406 
TYR CD1 HD1  sing N N 407 
TYR CD2 CE2  doub Y N 408 
TYR CD2 HD2  sing N N 409 
TYR CE1 CZ   doub Y N 410 
TYR CE1 HE1  sing N N 411 
TYR CE2 CZ   sing Y N 412 
TYR CE2 HE2  sing N N 413 
TYR CZ  OH   sing N N 414 
TYR OH  HH   sing N N 415 
TYR OXT HXT  sing N N 416 
VAL N   CA   sing N N 417 
VAL N   H    sing N N 418 
VAL N   H2   sing N N 419 
VAL CA  C    sing N N 420 
VAL CA  CB   sing N N 421 
VAL CA  HA   sing N N 422 
VAL C   O    doub N N 423 
VAL C   OXT  sing N N 424 
VAL CB  CG1  sing N N 425 
VAL CB  CG2  sing N N 426 
VAL CB  HB   sing N N 427 
VAL CG1 HG11 sing N N 428 
VAL CG1 HG12 sing N N 429 
VAL CG1 HG13 sing N N 430 
VAL CG2 HG21 sing N N 431 
VAL CG2 HG22 sing N N 432 
VAL CG2 HG23 sing N N 433 
VAL OXT HXT  sing N N 434 
# 
_pdbx_entity_instance_feature.ordinal        1 
_pdbx_entity_instance_feature.comp_id        E0F 
_pdbx_entity_instance_feature.asym_id        ? 
_pdbx_entity_instance_feature.seq_num        ? 
_pdbx_entity_instance_feature.auth_comp_id   E0F 
_pdbx_entity_instance_feature.auth_asym_id   ? 
_pdbx_entity_instance_feature.auth_seq_num   ? 
_pdbx_entity_instance_feature.feature_type   'SUBJECT OF INVESTIGATION' 
_pdbx_entity_instance_feature.details        ? 
# 
loop_
_pdbx_entity_nonpoly.entity_id 
_pdbx_entity_nonpoly.name 
_pdbx_entity_nonpoly.comp_id 
2 '~{N}-[2-[[cyclohexyl(methyl)amino]methyl]phenyl]-2-oxidanylidene-1~{H}-quinoline-3-carboxamide' E0F 
3 water                                                                                            HOH 
# 
_pdbx_initial_refinement_model.id               1 
_pdbx_initial_refinement_model.entity_id_list   ? 
_pdbx_initial_refinement_model.type             'experimental model' 
_pdbx_initial_refinement_model.source_name      PDB 
_pdbx_initial_refinement_model.accession_code   1AJ6 
_pdbx_initial_refinement_model.details          ? 
# 
_pdbx_struct_assembly_auth_evidence.id                     1 
_pdbx_struct_assembly_auth_evidence.assembly_id            1 
_pdbx_struct_assembly_auth_evidence.experimental_support   none 
_pdbx_struct_assembly_auth_evidence.details                ? 
# 
